data_6HYP
#
_entry.id   6HYP
#
_cell.length_a   1.00
_cell.length_b   1.00
_cell.length_c   1.00
_cell.angle_alpha   90.00
_cell.angle_beta   90.00
_cell.angle_gamma   90.00
#
_symmetry.space_group_name_H-M   'P 1'
#
loop_
_entity.id
_entity.type
_entity.pdbx_description
1 polymer Midasin,Midasin
2 non-polymer "ADENOSINE-5'-DIPHOSPHATE"
#
_entity_poly.entity_id   1
_entity_poly.type   'polypeptide(L)'
_entity_poly.pdbx_seq_one_letter_code
;(UNK)(UNK)(UNK)(UNK)(UNK)(UNK)(UNK)(UNK)(UNK)(UNK)(UNK)(UNK)(UNK)(UNK)(UNK)(UNK)
(UNK)(UNK)(UNK)(UNK)(UNK)(UNK)(UNK)(UNK)(UNK)(UNK)(UNK)(UNK)(UNK)(UNK)(UNK)(UNK)
(UNK)(UNK)(UNK)(UNK)(UNK)(UNK)(UNK)(UNK)(UNK)(UNK)(UNK)(UNK)(UNK)(UNK)(UNK)(UNK)
(UNK)(UNK)(UNK)(UNK)(UNK)(UNK)(UNK)(UNK)(UNK)(UNK)(UNK)(UNK)(UNK)(UNK)(UNK)(UNK)
(UNK)(UNK)(UNK)(UNK)(UNK)(UNK)(UNK)(UNK)(UNK)(UNK)(UNK)(UNK)(UNK)(UNK)(UNK)(UNK)
(UNK)(UNK)(UNK)(UNK)(UNK)(UNK)(UNK)(UNK)(UNK)(UNK)(UNK)(UNK)(UNK)(UNK)(UNK)(UNK)
(UNK)(UNK)(UNK)(UNK)(UNK)(UNK)(UNK)(UNK)(UNK)(UNK)(UNK)(UNK)(UNK)(UNK)(UNK)(UNK)
(UNK)(UNK)(UNK)(UNK)(UNK)(UNK)(UNK)(UNK)(UNK)(UNK)(UNK)(UNK)(UNK)(UNK)(UNK)(UNK)
(UNK)(UNK)(UNK)(UNK)(UNK)(UNK)(UNK)(UNK)(UNK)(UNK)(UNK)(UNK)(UNK)(UNK)(UNK)(UNK)
(UNK)(UNK)(UNK)(UNK)(UNK)(UNK)(UNK)(UNK)(UNK)(UNK)(UNK)(UNK)(UNK)(UNK)(UNK)(UNK)
(UNK)(UNK)(UNK)(UNK)(UNK)(UNK)(UNK)(UNK)(UNK)(UNK)(UNK)(UNK)(UNK)(UNK)(UNK)(UNK)
(UNK)(UNK)(UNK)(UNK)(UNK)(UNK)(UNK)(UNK)(UNK)(UNK)(UNK)(UNK)(UNK)(UNK)PSVPECFTIE
KKSSYFIIEPQDLSTKVASICGVIVPKVHTIHDKVFYPLTFVPTHKTVSSLRQLGRKIQNSTPIMLIGKAGSGKTFLINE
LSKYMGCHDSIVKIHLGEQTDAKLLIGTYTSGDKPGTFEWRAGVLATAVKEGRWVLIEDIDKAPTDVLSILLSLLEKREL
TIPSRGETVKAANGFQLISTVRINEDHQKDSSNKIYNLNMIGMRIWNVIELEEPSEEDLTHILAQKFPILTNLIPKLIDS
YKNVKSIYMNTKFISLNKGAHTRVVSVRDLIKLCERLDILFKNNGINKPDQLIQSSVYDSIFSEAADCFAGAIGEFKALE
PIIQAIGESLDIASSRISLFLTQHVPTLENLDDSIKIGRAVLLKEKLNIQKKSMNSTLFAFTNHSLRLMEQISVCIQMTE
PVLLVGETGTGKTTVVQQLAKMLAKKLTVINVSQQTETGDLLGGYKPVNSKTVAVPIQENFETLFNATFSLKKNEKFHKM
LHRCFNKNQWKNVVKLWNEAYKMAQSILKITNTENENENAKKKKRRLNTHEKKLLLDKWADFNDSVKKFEAQSSSIENSF
VFNFVEGSLVKTIRAGEWLLLDEVNLATADTLESISDLLTEPDSRSILLSEKGDAEPIKAHPDFRIFACMNPATDVGKRD
LPMGIRSRFTEIYVHSPERDITDLLSIIDKYIGKYSVSDEWVGNDIAELYLEAKKLSDNNTIVDGSNQKPHFSIRTLTRT
LLYVTDIIHIYGLRRSLYDGFCMSFLTLLDQKSEAILKPVIEKFTLGRLKNVKSIMSQTPPSPGPDYVQFKHYWMKKGPN
TIQEQAHYIITPFVEKNMMNLVRATSGKRFPVLIQGPTSSGKTSMIKYLADITGHKFVRINNHEHTDLQEYLGTYVTDDT
GKLSFKEGVLVEALRKGYWIVLDELNLAPTDVLEALNRLLDDNRELFIPETQEVVHPHPDFLLFATQNPPGIYGGRKILS
RAFRNRFLELHFDDIPQDELEIILRERCQIAPSYAKKIVEVYRQLSIERSASRLFEQKNSFATLRDLFRWALRDAVGYEQ
LAASGYMLLAERCRTPQEKVTVKKTLEKVMKVKLDMDQYYASLEDKSLEAIGSVTWTKGMRRLSVLVSSCLKNKEPVLLV
GETGCGKTTICQLLAQFMGRELITLNAHQNTETGDILGAQRPVRNRSEIQYKLIKSLKTALNIANDQDVDLKELLQLYSK
SDNKNIAEDVQLEIQKLRDSLNVLFEWSDGPLIQAMRTGNFFLLDEISLADDSVLERLNSVLEPERSLLLAEQGSSDSLV
TASENFQFFATMNPGGDYGKKELSPALRNRFTEIWVPSMEDFNDVNMIVSSRLLEDLKDLANPIVKFSEWFGKKLGGGNA
TSGVISLRDILAWVEFINKVFPKIQNKSTALIQGASMVFIDALGTNNTAYLAENENDLKSLRTECIIQLLKLCGDDLELQ
QIETNEIIVTQDELQVGMFKIPRFPDAQSSSFNLTAPTTASNLVRVVRAMQVHKPILLEGSPGVGKTSLITALANITGNK
LTRINLSEQTDLVDLFGADAPGERSGEFLWHDAPFLRAMKKGEWVLLDEMNLASQSVLEGLNACLDHRGEAYIPELDISF
SCHPNFLVFAAQNPQYQGGGRKGLPKSFVNRFSVVFIDMLTSDDLLLIAKHLYPSIEPDIIAKMIKLMSTLEDQVCKRKL
WGNSGSPWEFNLRDTLRWLKLLNQYSICEDVDVFDFVDIIVKQRFRTISDKNKAQLLIEDIFGKFSTKENFFKLTEDYVQ
INNEVALRNPHYRYPITQNLFPLECNVAVYESVLKAINNNWPLVLVGPSNSGKTETIRFLASILGPRVDVFSMNSDIDSM
DILGGYEQVDLTRQISYITEELTNIVREIISMNMKLSPNATAIMEGLNLLKYLLNNIVTPEKFQDFRNRFNRFFSHLEGH
PLLKTMSMNIEKMTEIITKEASVKFEWFDGMLVKAVEKGHWLILDNANLCSPSVLDRLNSLLEIDGSLLINECSQEDGQP
RVLKPHPNFRLFLTMDPKYGELSRAMRNRGVEIYIDELHSRSTAFDRLTLGFELGENIDFVSIDDGIKKIKLNEPDMSIP
LKHYVPSYLSRPCIFAQVHDILLLSDEEPIEESLAAVIPISHLGEVGKWANNVLNCTEYSEKKIAERLYVFITFLTDMGV
LEKINNLYKPANLKFQKALGLHDKQLTEETVSLTLNEYVLPTVSKYSDKIKSPESLYLLSSLRLLLNSLNALKLINEKST
HGKIDELTYIELSAAAFNGRHLKNIPRIPIFCILYNILTVMSENLKTESLFCGSNQYQYYWDLLVIVIAALETAVTKDEA
RLRVYKELIDSWIASVKSKSDIEITPFLNINLEFTDVLQLSRGHSITLLWDIFRKNYPTTSNSWLAFEKLINLSEKFDKV
RLLQFSESYNSIKDLMDVFRLLNDDVLNNKLSEFNLLLSKLEDGINELELISNKFLNKRKHYFADEFDNLIRYTFSVDTA
ELIKELAPASSLATQKLTKLITNKYNYPPIFDVLWTEKNAKLTSFTSTIFSSQFLEDVVRKSNNLKSFSGNQIKQSISDA
ELLLSSTIKCSPNLLKSQMEYYKNMLLSWLRKVIDIHVGGDCLKLTLKELCSLIEEKTASETRVTFAEYIFPALDLAESS
KSLEELGEAWITFGTGLLLLFVPDSPYDPAIHDYVLYDLFLKTKTFSQNLMKSWRNVRKVISGDEEIFTEKLINTISDDD
APQSPRVYRTGMSIDSLFDEWMAFLSSTMSSRQIKELVSSYKCNSDQSDRRLEMLQQNSAHFLNRLESGYSKFADLNDIL
AGYIYSINFGFDLLKLQKSKDRASFQISPLWSMDPINISCAENVLSAYHELSRFFKKGDMEDTSIEKVLMYFLTLFKFHK
RDTNLLEIFEAALYTLYSRWSVRRFRQEQEENEKSNMFKFNDNSDDYEADFRKLFPDYEDTALVTNEKDISSPENLDDIY
FKLADTYISVFDKDHDANFSSELKSGAIITTILSEDLKNTRIEELKSGSLSAVINTLDAETQSFKNTEVFGNIDFYHDFS
IPEFQKAGDIIETVLKSVLKLLKQWPEHATLKELYRVSQEFLNYPIKTPLARQLQKIEQIYTYLAEWEKYASSEVSLNNT
VKLITDLIVSWRKLELRTWKGLFNSEDAKTRKSIGKWWFYLYESIVISNFVSEKKETAPNATLLVSSLNLFFSKSTLGEF
NARLDLVKAFYKHIQLIGLRSSKIAGLLHNTIKFYYQFKPLIDERITNGKKSLEKEIDDIILLASWKDVNVDALKQSSRK
SHNNLYKIVRKYRDLLNGDAKTIIEAGLLYSNENKLKLPTLKQHFYEDPNLEASKNLVKEISTWSMRAAPLRNIDTVASN
MDSYLEKISSQEFPNFADLASDFYAEAERLRKETPNVYTKENKKRLAYLKTQKSKLLGDALKELRRIGLKVNFREDIQKV
QSSTTTILANIAPFNNEYLNSSDAFFFKILDLLPKLRSAASNPSDDIPVAAIERGMALAQSLMFSLITVRHPLSEFTNDY
CKINGMMLDLEHFTCLKGDIVHSSLKANVDNVRLFEKWLPSLLDYAAQTLSVISKYSATSEQQKILLDAKSTLSSFFVHF
NSSRIFDSSFIESYSRFELFINELLKKLENAKETGNAFVFDIIIEWIKANKGGPIKKEQKRGPSVEDVEQAFRRTFTSII
LSFQKVIGDGIESISETDDNWLSASFKKVMVNVKLLRSSVVSKNIETALSLLKDFDFTTTESIYVKSVISFTLPVITRYY
NAMTVVLERSRIYYTNTSRGMYILSTILHSLAKNGFCSPQPPSEEVDDKNLQEGTGLGDGEGAQNNNKDVEQDEDLTEDA
QNENKEQQDKDERDDENEDDAVEMEGDMAGELEDLSNGEENDDEDTDSEEEELDEEIDDLNEDDPNAIDDKMWDDKASDN
SKEKDTDQNLDGKNQEEDVQAAENDEQQRDNKEGGDEDPNAPEDGDEEIENDENAEEENDVGEQEDEVKDEEGEDLEANV
PEIETLDLPEDMNLDSEHEESDEDVDMSDGMPDDLNKEEVGNEDEEVKQESGIESDNENDEPGPEEDAGETETALDEEEG
AEEDVDMTNDEGKEDEENGPEEQAMSDEEELKQDAAMEENKEKGGEQNTEGLDGVEEKADTEDIDQEAAVQQDSGSKGAG
ADATDTQEQDDVGGSGTTQNTYEEDQEDVTKNNEESREEATAALKQLGDSMKEYHRRRQDIKEAQTNGEEDENLEKNNER
PDEFEHVEGANTETDTQALGSATQDQLQTIDEDMAIDDDREEQEVDQKELVEDADDEKMDIDEEEMLSDIDAHDANNDVD
SKKSGFIGKRKSEEDFENELSNEHFSADQEDDSEIQSLIENIEDNPPDASASLTPERSLEESRELWHKSEISTADLVSRL
GEQLRLILEPTLATKLKGDYKTGKRLNMKRIIPYIASQFRKDKIWLRRTKPSKRQYQIMIALDDSKSMSESKCVKLAFDS
LCLVSKTLTQLEAGGLSIVKFGENIKEVHSFDQQFSNESGARAFQWFGFQETKTDVKKLVAESTKIFERARAMVHNDQWQ
LEIVISDGICEDHETIQKLVRRARENKIMLVFVIIDGITSNESILDMSQVNYIPDQYGNPQLKITKYLDTFPFEFYVVVH
DISELPEMLSLILRQYFTDLASS
;
_entity_poly.pdbx_strand_id   A
#
# COMPACT_ATOMS: atom_id res chain seq x y z
N UNK A 1 -15.47 37.12 29.47
CA UNK A 1 -15.33 35.67 29.37
C UNK A 1 -16.12 35.12 28.18
N UNK A 2 -16.58 36.03 27.32
CA UNK A 2 -17.36 35.65 26.14
C UNK A 2 -17.08 36.69 25.06
N UNK A 3 -16.85 36.20 23.83
CA UNK A 3 -16.55 37.06 22.70
C UNK A 3 -17.34 36.61 21.48
N UNK A 4 -17.61 37.55 20.59
CA UNK A 4 -18.35 37.29 19.36
C UNK A 4 -17.54 37.74 18.16
N UNK A 5 -17.79 37.10 17.02
CA UNK A 5 -17.10 37.41 15.79
C UNK A 5 -17.95 38.35 14.94
N UNK A 6 -17.44 39.54 14.67
CA UNK A 6 -18.14 40.53 13.86
C UNK A 6 -17.76 40.34 12.40
N UNK A 7 -18.76 40.34 11.53
CA UNK A 7 -18.52 40.11 10.11
C UNK A 7 -19.65 40.74 9.31
N UNK A 8 -19.42 40.83 8.00
CA UNK A 8 -20.40 41.31 7.04
C UNK A 8 -20.71 40.25 5.98
N UNK A 9 -20.32 39.01 6.24
CA UNK A 9 -20.58 37.92 5.30
C UNK A 9 -21.98 37.34 5.45
N UNK A 10 -22.65 37.59 6.57
CA UNK A 10 -24.02 37.11 6.74
C UNK A 10 -24.99 37.88 5.85
N UNK A 11 -24.66 39.12 5.52
CA UNK A 11 -25.45 39.89 4.57
C UNK A 11 -25.32 39.34 3.16
N UNK A 12 -24.21 38.64 2.86
CA UNK A 12 -24.04 38.05 1.55
C UNK A 12 -24.89 36.79 1.35
N UNK A 13 -25.38 36.19 2.43
CA UNK A 13 -26.22 35.02 2.30
C UNK A 13 -27.63 35.35 1.85
N UNK A 14 -28.08 36.59 2.04
CA UNK A 14 -29.41 37.02 1.64
C UNK A 14 -29.64 37.15 0.13
N UNK A 15 -28.67 37.61 -0.71
CA UNK A 15 -28.93 37.52 -2.16
C UNK A 15 -28.95 36.10 -2.69
N UNK A 16 -28.37 35.12 -1.98
CA UNK A 16 -28.46 33.73 -2.41
C UNK A 16 -29.89 33.22 -2.34
N UNK A 17 -30.63 33.62 -1.32
CA UNK A 17 -32.05 33.27 -1.24
C UNK A 17 -32.86 34.02 -2.29
N UNK A 18 -32.41 35.22 -2.66
CA UNK A 18 -33.10 36.05 -3.62
C UNK A 18 -32.65 35.80 -5.06
N UNK A 19 -31.74 34.86 -5.30
CA UNK A 19 -31.36 34.51 -6.66
C UNK A 19 -31.48 33.02 -6.95
N UNK A 20 -31.51 32.13 -5.95
CA UNK A 20 -31.72 30.72 -6.23
C UNK A 20 -33.19 30.43 -6.51
N UNK A 21 -34.09 31.05 -5.75
CA UNK A 21 -35.53 30.87 -5.93
C UNK A 21 -36.05 31.52 -7.21
N UNK A 22 -35.55 32.71 -7.67
CA UNK A 22 -35.97 33.03 -9.03
C UNK A 22 -35.23 32.21 -10.09
N UNK A 23 -47.88 28.15 -19.14
CA UNK A 23 -46.91 28.70 -18.18
C UNK A 23 -46.66 27.73 -17.04
N UNK A 24 -47.59 26.78 -16.86
CA UNK A 24 -47.44 25.76 -15.82
C UNK A 24 -46.82 24.47 -16.34
N UNK A 25 -47.09 24.11 -17.59
CA UNK A 25 -46.47 22.95 -18.20
C UNK A 25 -45.18 23.29 -18.93
N UNK A 26 -45.05 24.53 -19.41
CA UNK A 26 -43.83 24.94 -20.10
C UNK A 26 -42.70 25.23 -19.12
N UNK A 27 -43.03 25.59 -17.87
CA UNK A 27 -42.00 25.81 -16.87
C UNK A 27 -41.36 24.51 -16.41
N UNK A 28 -42.05 23.38 -16.59
CA UNK A 28 -41.49 22.07 -16.30
C UNK A 28 -40.66 21.53 -17.47
N UNK A 29 -40.59 22.25 -18.58
CA UNK A 29 -39.80 21.82 -19.71
C UNK A 29 -38.35 22.28 -19.63
N UNK A 30 -38.15 23.55 -19.24
CA UNK A 30 -36.79 24.07 -19.11
C UNK A 30 -36.11 23.50 -17.86
N UNK A 31 -36.88 23.14 -16.84
CA UNK A 31 -36.28 22.51 -15.67
C UNK A 31 -35.94 21.07 -15.96
N UNK A 32 -36.61 20.44 -16.93
CA UNK A 32 -36.30 19.08 -17.34
C UNK A 32 -35.22 19.02 -18.41
N UNK A 33 -34.75 20.16 -18.91
CA UNK A 33 -33.66 20.19 -19.87
C UNK A 33 -32.33 20.51 -19.24
N UNK A 34 -32.31 21.21 -18.10
CA UNK A 34 -31.06 21.55 -17.45
C UNK A 34 -30.55 20.40 -16.57
N UNK A 35 -31.31 20.03 -15.55
CA UNK A 35 -30.89 19.03 -14.59
C UNK A 35 -31.75 17.77 -14.63
N UNK A 36 -33.07 17.92 -14.43
CA UNK A 36 -34.06 16.84 -14.49
C UNK A 36 -33.75 15.71 -13.50
N UNK A 37 -33.80 16.06 -12.22
CA UNK A 37 -33.67 15.09 -11.13
C UNK A 37 -35.01 14.94 -10.42
N UNK A 38 -35.32 13.72 -10.00
CA UNK A 38 -36.62 13.45 -9.37
C UNK A 38 -36.62 13.72 -7.87
N UNK A 39 -35.52 14.22 -7.32
CA UNK A 39 -35.44 14.52 -5.89
C UNK A 39 -35.62 16.00 -5.61
N UNK A 40 -34.78 16.85 -6.20
CA UNK A 40 -34.83 18.28 -5.90
C UNK A 40 -35.86 19.01 -6.75
N UNK A 41 -35.95 18.67 -8.04
CA UNK A 41 -36.89 19.35 -8.93
C UNK A 41 -38.33 18.92 -8.70
N UNK A 42 -38.55 17.76 -8.08
CA UNK A 42 -39.92 17.36 -7.74
C UNK A 42 -40.43 18.18 -6.56
N UNK A 43 -39.55 18.53 -5.63
CA UNK A 43 -39.94 19.43 -4.55
C UNK A 43 -39.88 20.89 -4.97
N UNK A 44 -39.11 21.20 -6.03
CA UNK A 44 -39.07 22.56 -6.54
C UNK A 44 -40.30 22.91 -7.36
N UNK A 45 -41.01 21.91 -7.88
CA UNK A 45 -42.24 22.18 -8.63
C UNK A 45 -43.36 22.63 -7.71
N UNK A 46 -43.34 22.21 -6.44
CA UNK A 46 -44.34 22.64 -5.49
C UNK A 46 -44.13 24.09 -5.05
N UNK A 47 -42.88 24.57 -5.09
CA UNK A 47 -42.61 25.96 -4.74
C UNK A 47 -43.06 26.90 -5.84
N UNK A 48 -43.17 26.41 -7.08
CA UNK A 48 -43.71 27.21 -8.17
C UNK A 48 -45.21 27.02 -8.33
N UNK A 49 -45.74 25.86 -7.94
CA UNK A 49 -47.18 25.64 -8.02
C UNK A 49 -47.92 26.34 -6.89
N UNK A 50 -47.27 26.54 -5.74
CA UNK A 50 -47.88 27.28 -4.65
C UNK A 50 -47.70 28.80 -4.78
N UNK A 51 -46.88 29.25 -5.73
CA UNK A 51 -46.77 30.68 -5.97
C UNK A 51 -47.86 31.18 -6.91
N UNK A 52 -48.26 30.34 -7.87
CA UNK A 52 -49.40 30.64 -8.73
C UNK A 52 -50.60 29.90 -8.17
N UNK A 53 -51.49 30.63 -7.50
CA UNK A 53 -52.59 30.06 -6.73
C UNK A 53 -53.86 29.86 -7.54
N UNK A 54 -53.75 29.66 -8.85
CA UNK A 54 -54.93 29.45 -9.69
C UNK A 54 -55.34 27.98 -9.75
N UNK A 55 -54.40 27.05 -9.63
CA UNK A 55 -54.69 25.63 -9.74
C UNK A 55 -54.50 24.94 -8.39
N UNK A 56 -55.21 23.81 -8.22
CA UNK A 56 -55.13 23.04 -7.00
C UNK A 56 -54.92 21.57 -7.34
N UNK A 57 -55.01 21.23 -8.63
CA UNK A 57 -54.81 19.86 -9.07
C UNK A 57 -53.34 19.46 -9.10
N UNK A 58 -52.43 20.42 -9.30
CA UNK A 58 -51.02 20.11 -9.34
C UNK A 58 -50.43 19.94 -7.94
N UNK A 59 -51.09 20.48 -6.92
CA UNK A 59 -50.59 20.31 -5.55
C UNK A 59 -50.85 18.91 -5.03
N UNK A 60 -51.80 18.18 -5.62
CA UNK A 60 -52.04 16.80 -5.21
C UNK A 60 -50.97 15.86 -5.74
N UNK A 61 -50.26 16.24 -6.80
CA UNK A 61 -49.21 15.39 -7.35
C UNK A 61 -47.98 15.35 -6.46
N UNK A 62 -47.78 16.36 -5.61
CA UNK A 62 -46.65 16.42 -4.70
C UNK A 62 -46.95 15.77 -3.36
N UNK A 63 -48.07 15.05 -3.24
CA UNK A 63 -48.42 14.41 -1.98
C UNK A 63 -47.58 13.15 -1.74
N UNK A 64 -47.29 12.40 -2.79
CA UNK A 64 -46.49 11.19 -2.68
C UNK A 64 -44.99 11.46 -2.80
N UNK A 65 -44.60 12.71 -3.04
CA UNK A 65 -43.20 13.07 -3.21
C UNK A 65 -42.79 14.02 -2.09
N UNK A 66 -43.34 13.81 -0.90
CA UNK A 66 -43.05 14.68 0.24
C UNK A 66 -41.60 14.49 0.68
N UNK A 67 -41.22 13.25 0.97
CA UNK A 67 -39.85 12.81 1.29
C UNK A 67 -39.28 13.55 2.51
N UNK A 68 -39.94 13.33 3.64
CA UNK A 68 -39.42 13.84 4.91
C UNK A 68 -38.22 13.03 5.37
N UNK A 69 -38.11 11.78 4.94
CA UNK A 69 -36.96 10.93 5.22
C UNK A 69 -35.75 11.41 4.44
N UNK A 70 -35.95 12.00 3.25
CA UNK A 70 -34.81 12.43 2.43
C UNK A 70 -34.33 13.84 2.74
N UNK A 71 -34.73 14.38 3.89
CA UNK A 71 -34.31 15.72 4.31
C UNK A 71 -32.83 15.71 4.65
N UNK A 72 -32.27 14.58 5.09
CA UNK A 72 -30.83 14.50 5.34
C UNK A 72 -30.00 14.09 4.13
N UNK A 73 -30.57 14.13 2.92
CA UNK A 73 -29.81 13.78 1.73
C UNK A 73 -28.91 14.93 1.27
N UNK A 74 -29.35 16.17 1.46
CA UNK A 74 -28.59 17.34 1.05
C UNK A 74 -28.98 18.51 1.93
N UNK A 75 -28.07 19.46 2.16
CA UNK A 75 -28.43 20.64 2.96
C UNK A 75 -29.17 21.71 2.16
N UNK A 76 -29.28 21.57 0.84
CA UNK A 76 -30.03 22.51 0.03
C UNK A 76 -31.43 22.01 -0.29
N UNK A 77 -31.72 20.73 -0.08
CA UNK A 77 -33.05 20.20 -0.36
C UNK A 77 -34.01 20.59 0.76
N UNK A 78 -33.54 20.59 2.00
CA UNK A 78 -34.38 20.98 3.13
C UNK A 78 -34.61 22.48 3.17
N UNK A 79 -33.76 23.27 2.52
CA UNK A 79 -33.96 24.71 2.47
C UNK A 79 -35.16 25.05 1.58
N UNK A 80 -35.28 24.38 0.43
CA UNK A 80 -36.45 24.55 -0.40
C UNK A 80 -37.66 23.80 0.13
N UNK A 81 -37.45 22.75 0.92
CA UNK A 81 -38.57 22.04 1.53
C UNK A 81 -39.17 22.82 2.68
N UNK A 82 -38.37 23.66 3.33
CA UNK A 82 -38.89 24.50 4.41
C UNK A 82 -39.76 25.62 3.86
N UNK A 83 -39.39 26.16 2.70
CA UNK A 83 -40.19 27.21 2.08
C UNK A 83 -41.44 26.65 1.41
N UNK A 84 -41.52 25.35 1.21
CA UNK A 84 -42.72 24.75 0.63
C UNK A 84 -43.85 24.70 1.65
N UNK A 85 -43.55 24.26 2.87
CA UNK A 85 -44.56 24.21 3.92
C UNK A 85 -44.85 25.58 4.52
N UNK A 86 -43.90 26.51 4.45
CA UNK A 86 -44.11 27.83 5.02
C UNK A 86 -45.04 28.66 4.14
N UNK A 87 -44.86 28.59 2.82
CA UNK A 87 -45.74 29.32 1.91
C UNK A 87 -47.10 28.65 1.81
N UNK A 88 -47.17 27.34 2.04
CA UNK A 88 -48.47 26.67 2.04
C UNK A 88 -49.25 26.95 3.31
N UNK A 89 -48.55 27.19 4.44
CA UNK A 89 -49.22 27.56 5.68
C UNK A 89 -49.63 29.02 5.70
N UNK A 90 -49.08 29.84 4.80
CA UNK A 90 -49.48 31.25 4.74
C UNK A 90 -50.86 31.41 4.12
N UNK A 91 -51.29 30.46 3.29
CA UNK A 91 -52.63 30.52 2.73
C UNK A 91 -53.67 30.17 3.79
N UNK A 92 -53.31 29.30 4.73
CA UNK A 92 -54.13 28.90 5.89
C UNK A 92 -55.47 28.30 5.46
N UNK A 93 -55.44 27.50 4.40
CA UNK A 93 -56.64 26.88 3.85
C UNK A 93 -56.66 25.39 4.19
N UNK A 94 -57.77 24.75 3.86
CA UNK A 94 -57.92 23.32 4.08
C UNK A 94 -58.29 22.64 2.76
N UNK A 95 -57.59 22.96 1.67
CA UNK A 95 -57.94 22.36 0.37
C UNK A 95 -57.10 21.14 0.03
N UNK A 96 -56.08 20.86 0.85
CA UNK A 96 -55.20 19.74 0.58
C UNK A 96 -54.76 19.10 1.89
N UNK A 97 -54.24 17.88 1.79
CA UNK A 97 -53.72 17.15 2.93
C UNK A 97 -52.25 17.46 3.21
N UNK A 98 -51.66 18.42 2.49
CA UNK A 98 -50.26 18.77 2.72
C UNK A 98 -50.09 19.51 4.04
N UNK A 99 -51.09 20.29 4.46
CA UNK A 99 -51.05 20.93 5.77
C UNK A 99 -51.20 19.91 6.88
N UNK A 100 -51.97 18.84 6.64
CA UNK A 100 -52.07 17.78 7.62
C UNK A 100 -50.82 16.92 7.66
N UNK A 101 -50.13 16.79 6.52
CA UNK A 101 -48.87 16.07 6.49
C UNK A 101 -47.74 16.85 7.14
N UNK A 102 -47.86 18.18 7.20
CA UNK A 102 -46.84 18.98 7.88
C UNK A 102 -46.96 18.83 9.39
N UNK A 103 -48.18 18.79 9.92
CA UNK A 103 -48.39 18.56 11.34
C UNK A 103 -48.24 17.10 11.73
N UNK A 104 -48.23 16.18 10.76
CA UNK A 104 -48.00 14.78 11.05
C UNK A 104 -46.53 14.45 11.20
N UNK A 105 -45.64 15.22 10.59
CA UNK A 105 -44.20 14.99 10.67
C UNK A 105 -43.66 15.64 11.95
N UNK A 106 -43.92 14.98 13.08
CA UNK A 106 -43.43 15.47 14.36
C UNK A 106 -41.99 15.07 14.62
N UNK A 107 -41.44 14.14 13.85
CA UNK A 107 -40.03 13.79 13.97
C UNK A 107 -39.13 14.72 13.17
N UNK A 108 -39.71 15.53 12.28
CA UNK A 108 -38.91 16.46 11.50
C UNK A 108 -38.40 17.63 12.34
N UNK A 109 -39.14 17.98 13.41
CA UNK A 109 -38.68 19.03 14.31
C UNK A 109 -37.51 18.59 15.18
N UNK A 110 -37.31 17.28 15.32
CA UNK A 110 -36.16 16.77 16.05
C UNK A 110 -34.97 16.47 15.14
N UNK A 111 -35.21 16.21 13.86
CA UNK A 111 -34.14 15.93 12.92
C UNK A 111 -33.55 17.19 12.30
N UNK A 112 -34.37 18.22 12.08
CA UNK A 112 -33.88 19.48 11.53
C UNK A 112 -33.31 20.40 12.59
N UNK A 113 -33.27 19.98 13.86
CA UNK A 113 -32.69 20.76 14.93
C UNK A 113 -31.28 20.32 15.30
N UNK A 114 -31.06 18.99 15.40
CA UNK A 114 -29.73 18.50 15.75
C UNK A 114 -28.78 18.52 14.55
N UNK A 115 -29.32 18.32 13.35
CA UNK A 115 -28.51 18.33 12.14
C UNK A 115 -28.28 19.73 11.59
N UNK A 116 -28.73 20.76 12.29
CA UNK A 116 -28.55 22.15 11.85
C UNK A 116 -27.71 22.87 12.90
N UNK A 117 -26.39 22.85 12.71
CA UNK A 117 -25.47 23.58 13.56
C UNK A 117 -24.76 24.70 12.82
N UNK A 118 -25.04 24.89 11.54
CA UNK A 118 -24.45 25.97 10.76
C UNK A 118 -25.43 27.14 10.63
N UNK A 119 -24.87 28.30 10.31
CA UNK A 119 -25.68 29.50 10.15
C UNK A 119 -26.36 29.58 8.79
N UNK A 120 -26.00 28.71 7.85
CA UNK A 120 -26.63 28.71 6.54
C UNK A 120 -28.01 28.08 6.61
N UNK A 121 -28.18 27.04 7.41
CA UNK A 121 -29.46 26.38 7.59
C UNK A 121 -30.29 27.02 8.69
N UNK A 122 -29.77 28.04 9.37
CA UNK A 122 -30.49 28.70 10.45
C UNK A 122 -31.51 29.72 9.94
N UNK A 123 -31.52 30.01 8.64
CA UNK A 123 -32.47 30.95 8.06
C UNK A 123 -33.80 30.29 7.68
N UNK A 124 -33.96 28.99 7.96
CA UNK A 124 -35.20 28.29 7.68
C UNK A 124 -35.85 27.70 8.93
N UNK A 125 -35.12 27.63 10.05
CA UNK A 125 -35.72 27.12 11.28
C UNK A 125 -36.68 28.11 11.90
N UNK A 126 -36.54 29.40 11.62
CA UNK A 126 -37.49 30.41 12.08
C UNK A 126 -38.77 30.29 11.28
N UNK A 127 -38.69 29.93 9.99
CA UNK A 127 -39.91 29.72 9.21
C UNK A 127 -40.49 28.31 9.33
N UNK A 128 -39.78 27.39 9.98
CA UNK A 128 -40.30 26.05 10.20
C UNK A 128 -40.93 25.87 11.58
N UNK A 129 -40.42 26.55 12.61
CA UNK A 129 -41.04 26.48 13.92
C UNK A 129 -42.27 27.37 14.01
N UNK A 130 -42.40 28.36 13.14
CA UNK A 130 -43.55 29.25 13.19
C UNK A 130 -44.80 28.60 12.58
N UNK A 131 -44.62 27.70 11.62
CA UNK A 131 -45.76 27.02 11.02
C UNK A 131 -46.31 25.91 11.90
N UNK A 132 -45.56 25.48 12.92
CA UNK A 132 -46.00 24.48 13.88
C UNK A 132 -46.10 25.16 15.25
N UNK A 133 -47.27 25.71 15.56
CA UNK A 133 -47.49 26.44 16.79
C UNK A 133 -48.16 25.59 17.86
N UNK A 134 -47.85 24.29 17.90
CA UNK A 134 -48.42 23.38 18.88
C UNK A 134 -47.36 22.88 19.85
N UNK A 135 -46.15 22.63 19.36
CA UNK A 135 -45.08 22.08 20.19
C UNK A 135 -44.27 23.21 20.82
N UNK A 136 -43.99 23.09 22.12
CA UNK A 136 -43.22 24.09 22.84
C UNK A 136 -41.88 23.56 23.35
N UNK A 137 -41.65 22.24 23.28
CA UNK A 137 -40.39 21.69 23.76
C UNK A 137 -39.25 21.93 22.77
N UNK A 138 -39.53 21.78 21.47
CA UNK A 138 -38.50 21.99 20.46
C UNK A 138 -38.27 23.47 20.18
N UNK A 139 -39.31 24.31 20.33
CA UNK A 139 -39.15 25.73 20.08
C UNK A 139 -38.36 26.41 21.19
N UNK A 140 -38.54 25.95 22.43
CA UNK A 140 -37.75 26.50 23.54
C UNK A 140 -36.33 25.98 23.53
N UNK A 141 -36.07 24.84 22.87
CA UNK A 141 -34.72 24.31 22.77
C UNK A 141 -33.92 24.95 21.64
N UNK A 142 -34.59 25.62 20.70
CA UNK A 142 -33.88 26.26 19.60
C UNK A 142 -33.13 27.51 20.06
N UNK A 143 -33.64 28.18 21.10
CA UNK A 143 -32.98 29.38 21.61
C UNK A 143 -31.78 29.06 22.49
N UNK A 144 -31.64 27.81 22.93
CA UNK A 144 -30.50 27.46 23.78
C UNK A 144 -29.22 27.36 22.98
N UNK A 145 -29.31 27.00 21.70
CA UNK A 145 -28.11 26.88 20.87
C UNK A 145 -27.66 28.22 20.29
N UNK A 146 -28.49 29.25 20.38
CA UNK A 146 -28.13 30.57 19.86
C UNK A 146 -27.66 31.45 21.00
N UNK A 147 -27.46 30.86 22.18
CA UNK A 147 -27.00 31.63 23.33
C UNK A 147 -25.51 31.90 23.30
N UNK A 148 -24.75 31.15 22.48
CA UNK A 148 -23.33 31.44 22.35
C UNK A 148 -23.08 32.69 21.53
N UNK A 149 -23.94 32.96 20.55
CA UNK A 149 -23.86 34.18 19.74
C UNK A 149 -25.30 34.68 19.58
N UNK A 150 -25.71 35.61 20.45
CA UNK A 150 -27.05 36.15 20.43
C UNK A 150 -27.12 37.60 19.95
N UNK A 151 -25.98 38.23 19.66
CA UNK A 151 -25.99 39.61 19.22
C UNK A 151 -26.24 39.72 17.73
N UNK A 152 -25.36 39.15 16.91
CA UNK A 152 -25.48 39.29 15.47
C UNK A 152 -26.40 38.24 14.85
N UNK A 153 -26.51 37.06 15.48
CA UNK A 153 -27.36 36.02 14.93
C UNK A 153 -28.84 36.34 15.14
N UNK A 154 -29.17 37.17 16.13
CA UNK A 154 -30.54 37.62 16.28
C UNK A 154 -30.93 38.65 15.23
N UNK A 155 -29.95 39.35 14.65
CA UNK A 155 -30.21 40.31 13.58
C UNK A 155 -30.39 39.65 12.23
N UNK A 156 -30.08 38.36 12.10
CA UNK A 156 -30.30 37.68 10.83
C UNK A 156 -31.78 37.43 10.59
N UNK A 157 -32.53 37.11 11.63
CA UNK A 157 -33.97 36.93 11.55
C UNK A 157 -34.64 38.20 12.04
N UNK A 158 -35.33 38.90 11.13
CA UNK A 158 -35.95 40.18 11.45
C UNK A 158 -37.44 40.21 11.14
N UNK A 159 -37.90 39.46 10.14
CA UNK A 159 -39.31 39.50 9.73
C UNK A 159 -40.16 38.76 10.75
N UNK A 160 -40.81 39.54 11.63
CA UNK A 160 -41.74 39.05 12.67
C UNK A 160 -41.08 38.05 13.62
N UNK A 161 -39.79 38.26 13.90
CA UNK A 161 -39.07 37.37 14.80
C UNK A 161 -39.31 37.67 16.27
N UNK A 162 -40.01 38.77 16.57
CA UNK A 162 -40.26 39.14 17.95
C UNK A 162 -41.21 38.23 18.69
N UNK A 163 -42.02 37.46 17.96
CA UNK A 163 -42.88 36.46 18.62
C UNK A 163 -42.05 35.31 19.15
N UNK A 164 -41.08 34.82 18.36
CA UNK A 164 -40.21 33.76 18.84
C UNK A 164 -39.17 34.30 19.82
N UNK A 165 -38.65 35.50 19.55
CA UNK A 165 -37.66 36.09 20.47
C UNK A 165 -38.30 36.54 21.77
N UNK A 166 -39.58 36.90 21.74
CA UNK A 166 -40.30 37.21 22.96
C UNK A 166 -40.54 35.98 23.82
N UNK A 167 -40.66 34.82 23.19
CA UNK A 167 -40.77 33.57 23.92
C UNK A 167 -39.43 33.09 24.47
N UNK A 168 -38.31 33.60 23.95
CA UNK A 168 -37.00 33.20 24.44
C UNK A 168 -36.69 33.85 25.77
N UNK A 169 -36.87 35.17 25.87
CA UNK A 169 -36.57 35.88 27.10
C UNK A 169 -37.57 35.62 28.22
N UNK A 170 -38.80 35.25 27.87
CA UNK A 170 -39.79 34.93 28.90
C UNK A 170 -39.49 33.59 29.55
N UNK A 171 -39.06 32.61 28.74
CA UNK A 171 -38.71 31.31 29.27
C UNK A 171 -37.36 31.31 29.99
N UNK A 172 -36.42 32.15 29.53
CA UNK A 172 -35.11 32.23 30.16
C UNK A 172 -35.10 33.15 31.37
N UNK A 173 -36.21 33.79 31.70
CA UNK A 173 -36.30 34.66 32.87
C UNK A 173 -36.37 33.78 34.11
N UNK A 174 -35.19 33.38 34.60
CA UNK A 174 -35.11 32.51 35.77
C UNK A 174 -35.27 33.27 37.08
N UNK A 175 -35.12 34.59 37.06
CA UNK A 175 -35.23 35.42 38.27
C UNK A 175 -36.29 36.49 38.04
N UNK A 176 -36.42 37.38 39.03
CA UNK A 176 -37.39 38.47 38.92
C UNK A 176 -36.85 39.66 38.12
N UNK A 177 -35.54 39.86 38.15
CA UNK A 177 -34.92 40.96 37.41
C UNK A 177 -34.91 40.62 35.92
N UNK A 178 -35.66 41.38 35.13
CA UNK A 178 -35.77 41.14 33.70
C UNK A 178 -34.97 42.20 32.93
N UNK A 179 -34.65 41.87 31.69
CA UNK A 179 -33.89 42.75 30.80
C UNK A 179 -34.63 42.85 29.48
N UNK A 180 -35.12 44.04 29.16
CA UNK A 180 -35.82 44.28 27.89
C UNK A 180 -34.79 44.31 26.76
N UNK A 181 -34.74 43.24 25.98
CA UNK A 181 -33.79 43.09 24.90
C UNK A 181 -34.48 43.18 23.55
N UNK A 182 -33.65 43.35 22.51
CA UNK A 182 -34.07 43.44 21.11
C UNK A 182 -35.07 44.57 20.88
N UNK A 183 -34.79 45.73 21.47
CA UNK A 183 -35.65 46.88 21.30
C UNK A 183 -35.51 47.54 19.93
N UNK A 184 -34.40 47.30 19.24
CA UNK A 184 -34.15 47.88 17.94
C UNK A 184 -34.01 46.78 16.88
N UNK A 185 -34.63 47.02 15.73
CA UNK A 185 -34.56 46.09 14.61
C UNK A 185 -34.79 46.86 13.33
N UNK A 186 -33.98 46.58 12.31
CA UNK A 186 -34.04 47.31 11.05
C UNK A 186 -34.10 46.33 9.89
N UNK A 187 -34.76 46.75 8.81
CA UNK A 187 -34.85 45.96 7.59
C UNK A 187 -34.34 46.70 6.36
N UNK A 188 -34.16 48.02 6.43
CA UNK A 188 -33.67 48.79 5.30
C UNK A 188 -32.16 48.98 5.37
N UNK A 189 -31.67 49.59 6.45
CA UNK A 189 -30.25 49.87 6.62
C UNK A 189 -29.72 48.90 7.67
N UNK A 190 -29.31 47.70 7.22
CA UNK A 190 -28.77 46.70 8.12
C UNK A 190 -27.31 46.92 8.45
N PRO A 191 -26.63 47.81 7.74
CA PRO A 191 -25.21 48.05 7.97
C PRO A 191 -25.01 48.90 9.22
N SER A 192 -25.62 50.08 9.30
CA SER A 192 -25.36 50.98 10.42
C SER A 192 -26.12 50.61 11.69
N VAL A 193 -27.32 50.06 11.52
CA VAL A 193 -28.18 49.82 12.68
C VAL A 193 -27.74 48.59 13.48
N PRO A 194 -27.39 47.50 12.79
CA PRO A 194 -26.98 46.27 13.45
C PRO A 194 -25.61 46.43 14.08
N GLU A 195 -24.72 47.25 13.48
CA GLU A 195 -23.41 47.47 14.10
C GLU A 195 -23.48 48.33 15.34
N CYS A 196 -24.38 49.32 15.37
CA CYS A 196 -24.55 50.12 16.58
C CYS A 196 -25.30 49.35 17.65
N PHE A 197 -26.22 48.48 17.26
CA PHE A 197 -26.94 47.65 18.22
C PHE A 197 -26.09 46.51 18.77
N THR A 198 -25.04 46.10 18.04
CA THR A 198 -24.16 45.05 18.53
C THR A 198 -23.31 45.54 19.69
N ILE A 199 -22.97 46.83 19.70
CA ILE A 199 -22.24 47.38 20.84
C ILE A 199 -23.14 47.55 22.05
N GLU A 200 -24.42 47.86 21.83
CA GLU A 200 -25.36 47.98 22.93
C GLU A 200 -25.72 46.60 23.48
N LYS A 201 -25.76 45.59 22.61
CA LYS A 201 -26.04 44.23 23.07
C LYS A 201 -24.86 43.61 23.78
N LYS A 202 -23.64 44.10 23.50
CA LYS A 202 -22.47 43.59 24.21
C LYS A 202 -22.39 44.11 25.64
N SER A 203 -23.08 45.20 25.95
CA SER A 203 -23.06 45.76 27.30
C SER A 203 -23.91 44.96 28.28
N SER A 204 -24.79 44.10 27.79
CA SER A 204 -25.62 43.30 28.68
C SER A 204 -24.82 42.12 29.23
N TYR A 205 -25.38 41.48 30.26
CA TYR A 205 -24.73 40.33 30.90
C TYR A 205 -25.80 39.46 31.52
N PHE A 206 -26.00 38.27 30.97
CA PHE A 206 -26.96 37.30 31.48
C PHE A 206 -26.23 36.01 31.84
N ILE A 207 -26.45 35.53 33.05
CA ILE A 207 -25.78 34.33 33.55
C ILE A 207 -26.75 33.17 33.46
N ILE A 208 -26.41 32.19 32.61
CA ILE A 208 -27.19 30.96 32.44
C ILE A 208 -26.23 29.80 32.62
N GLU A 209 -26.37 29.06 33.73
CA GLU A 209 -25.42 28.01 34.05
C GLU A 209 -25.87 26.63 33.56
N PRO A 210 -27.01 26.15 34.05
CA PRO A 210 -27.47 24.81 33.71
C PRO A 210 -28.98 24.77 33.50
N GLN A 211 -29.59 25.88 33.11
CA GLN A 211 -31.03 25.93 32.88
C GLN A 211 -31.42 25.48 31.49
N ASP A 212 -30.47 25.36 30.56
CA ASP A 212 -30.75 24.99 29.19
C ASP A 212 -30.23 23.61 28.81
N LEU A 213 -29.55 22.92 29.72
CA LEU A 213 -28.98 21.61 29.43
C LEU A 213 -30.00 20.48 29.55
N SER A 214 -31.23 20.77 29.98
CA SER A 214 -32.23 19.72 30.13
C SER A 214 -32.77 19.25 28.79
N THR A 215 -32.64 20.05 27.74
CA THR A 215 -33.09 19.66 26.41
C THR A 215 -32.03 18.80 25.72
N LYS A 216 -32.20 18.59 24.42
CA LYS A 216 -31.24 17.77 23.68
C LYS A 216 -29.92 18.50 23.45
N VAL A 217 -29.94 19.83 23.45
CA VAL A 217 -28.72 20.61 23.24
C VAL A 217 -27.86 20.57 24.50
N ALA A 218 -26.77 19.82 24.44
CA ALA A 218 -25.90 19.68 25.60
C ALA A 218 -25.04 20.92 25.78
N SER A 219 -24.49 21.06 26.98
CA SER A 219 -23.67 22.20 27.35
C SER A 219 -22.25 21.76 27.64
N ILE A 220 -21.28 22.59 27.25
CA ILE A 220 -19.87 22.34 27.51
C ILE A 220 -19.31 23.52 28.28
N CYS A 221 -18.00 23.51 28.51
CA CYS A 221 -17.36 24.62 29.23
C CYS A 221 -17.36 25.88 28.38
N GLY A 222 -16.99 25.78 27.12
CA GLY A 222 -16.94 26.92 26.24
C GLY A 222 -18.29 27.37 25.71
N VAL A 223 -18.93 26.51 24.92
CA VAL A 223 -20.21 26.83 24.30
C VAL A 223 -21.02 25.55 24.15
N ILE A 224 -22.32 25.71 23.92
CA ILE A 224 -23.22 24.57 23.82
C ILE A 224 -23.07 23.93 22.44
N VAL A 225 -22.86 22.63 22.42
CA VAL A 225 -22.75 21.87 21.17
C VAL A 225 -23.89 20.86 21.14
N PRO A 226 -24.23 20.36 19.96
CA PRO A 226 -25.33 19.40 19.87
C PRO A 226 -24.90 18.01 20.32
N LYS A 227 -25.89 17.22 20.73
CA LYS A 227 -25.66 15.88 21.26
C LYS A 227 -26.40 14.85 20.43
N VAL A 228 -25.94 13.61 20.49
CA VAL A 228 -26.52 12.52 19.74
C VAL A 228 -27.78 12.00 20.44
N HIS A 229 -28.42 11.00 19.83
CA HIS A 229 -29.63 10.41 20.37
C HIS A 229 -29.40 9.06 21.02
N THR A 230 -28.20 8.49 20.91
CA THR A 230 -27.89 7.20 21.52
C THR A 230 -27.30 7.34 22.91
N ILE A 231 -27.11 8.56 23.40
CA ILE A 231 -26.53 8.76 24.73
C ILE A 231 -27.56 8.63 25.85
N HIS A 232 -28.84 8.53 25.53
CA HIS A 232 -29.87 8.41 26.55
C HIS A 232 -29.88 7.04 27.21
N ASP A 233 -29.36 6.02 26.55
CA ASP A 233 -29.32 4.68 27.11
C ASP A 233 -28.12 4.45 28.03
N LYS A 234 -27.27 5.45 28.22
CA LYS A 234 -26.09 5.29 29.06
C LYS A 234 -26.48 5.30 30.54
N VAL A 235 -25.66 4.63 31.35
CA VAL A 235 -25.89 4.60 32.78
C VAL A 235 -25.40 5.91 33.41
N PHE A 236 -25.82 6.15 34.64
CA PHE A 236 -25.47 7.37 35.35
C PHE A 236 -24.02 7.27 35.84
N TYR A 237 -23.11 7.89 35.12
CA TYR A 237 -21.70 7.91 35.50
C TYR A 237 -21.39 9.21 36.22
N PRO A 238 -20.17 9.37 36.73
CA PRO A 238 -19.82 10.59 37.46
C PRO A 238 -19.43 11.70 36.49
N LEU A 239 -19.14 12.87 37.06
CA LEU A 239 -18.72 14.03 36.28
C LEU A 239 -17.25 14.33 36.55
N THR A 240 -16.61 14.99 35.60
CA THR A 240 -15.22 15.37 35.71
C THR A 240 -15.09 16.67 36.48
N PHE A 241 -13.94 16.85 37.14
CA PHE A 241 -13.75 18.02 37.99
C PHE A 241 -13.29 19.23 37.18
N VAL A 242 -12.24 19.08 36.37
CA VAL A 242 -11.68 20.07 35.43
C VAL A 242 -11.38 21.39 36.15
N PRO A 243 -10.26 21.48 36.88
CA PRO A 243 -10.05 22.61 37.78
C PRO A 243 -9.74 23.89 37.04
N THR A 244 -9.53 24.96 37.82
CA THR A 244 -9.16 26.26 37.29
C THR A 244 -7.73 26.19 36.77
N HIS A 245 -7.60 26.12 35.45
CA HIS A 245 -6.32 25.88 34.81
C HIS A 245 -6.39 26.42 33.39
N LYS A 246 -5.22 26.54 32.75
CA LYS A 246 -5.15 27.01 31.37
C LYS A 246 -5.63 25.97 30.36
N THR A 247 -5.84 24.72 30.80
CA THR A 247 -6.37 23.71 29.90
C THR A 247 -7.87 23.91 29.64
N VAL A 248 -8.54 24.71 30.48
CA VAL A 248 -9.94 25.03 30.25
C VAL A 248 -10.07 25.92 29.01
N SER A 249 -9.08 26.77 28.77
CA SER A 249 -9.05 27.51 27.50
C SER A 249 -8.69 26.57 26.35
N SER A 250 -7.89 25.54 26.64
CA SER A 250 -7.58 24.55 25.61
C SER A 250 -8.76 23.64 25.33
N LEU A 251 -9.56 23.34 26.36
CA LEU A 251 -10.75 22.52 26.16
C LEU A 251 -11.85 23.32 25.46
N ARG A 252 -11.81 24.65 25.58
CA ARG A 252 -12.78 25.48 24.88
C ARG A 252 -12.50 25.51 23.38
N GLN A 253 -11.23 25.47 23.00
CA GLN A 253 -10.89 25.42 21.58
C GLN A 253 -11.19 24.06 20.98
N LEU A 254 -11.03 22.99 21.78
CA LEU A 254 -11.40 21.66 21.30
C LEU A 254 -12.92 21.50 21.26
N GLY A 255 -13.63 22.24 22.10
CA GLY A 255 -15.08 22.14 22.11
C GLY A 255 -15.72 22.80 20.89
N ARG A 256 -15.03 23.78 20.31
CA ARG A 256 -15.57 24.45 19.13
C ARG A 256 -15.42 23.58 17.89
N LYS A 257 -14.35 22.80 17.80
CA LYS A 257 -14.14 21.96 16.63
C LYS A 257 -15.00 20.70 16.70
N ILE A 258 -15.35 20.27 17.89
CA ILE A 258 -16.14 19.05 18.05
C ILE A 258 -17.65 19.35 17.90
N GLN A 259 -18.02 20.63 17.81
CA GLN A 259 -19.40 21.06 17.65
C GLN A 259 -19.98 20.57 16.34
N ASN A 260 -19.18 20.61 15.27
CA ASN A 260 -19.52 19.98 14.01
C ASN A 260 -18.77 18.66 13.92
N SER A 261 -19.39 17.68 13.26
CA SER A 261 -18.74 16.39 13.09
C SER A 261 -17.60 16.50 12.10
N THR A 262 -16.38 16.47 12.62
CA THR A 262 -15.19 16.63 11.80
C THR A 262 -14.04 15.91 12.48
N PRO A 263 -12.96 15.63 11.75
CA PRO A 263 -11.81 14.95 12.36
C PRO A 263 -10.89 15.93 13.09
N ILE A 264 -10.44 15.55 14.29
CA ILE A 264 -9.60 16.42 15.11
C ILE A 264 -8.43 15.60 15.63
N MET A 265 -7.33 16.29 15.94
CA MET A 265 -6.13 15.66 16.47
C MET A 265 -5.48 16.58 17.49
N LEU A 266 -5.30 16.07 18.71
CA LEU A 266 -4.65 16.82 19.78
C LEU A 266 -3.23 16.27 19.97
N ILE A 267 -2.24 17.06 19.56
CA ILE A 267 -0.84 16.66 19.61
C ILE A 267 -0.14 17.48 20.67
N GLY A 268 0.91 16.92 21.26
CA GLY A 268 1.65 17.60 22.30
C GLY A 268 2.79 16.74 22.80
N LYS A 269 3.46 17.26 23.82
CA LYS A 269 4.59 16.55 24.41
C LYS A 269 4.11 15.37 25.26
N ALA A 270 5.05 14.48 25.59
CA ALA A 270 4.74 13.33 26.41
C ALA A 270 4.59 13.73 27.87
N GLY A 271 3.63 13.11 28.54
CA GLY A 271 3.35 13.41 29.93
C GLY A 271 2.73 14.77 30.14
N SER A 272 1.71 15.09 29.34
CA SER A 272 1.06 16.38 29.42
C SER A 272 -0.46 16.28 29.56
N GLY A 273 -1.00 15.07 29.68
CA GLY A 273 -2.43 14.89 29.88
C GLY A 273 -3.22 14.64 28.62
N LYS A 274 -2.62 14.03 27.59
CA LYS A 274 -3.35 13.73 26.36
C LYS A 274 -4.37 12.62 26.59
N THR A 275 -4.04 11.67 27.46
CA THR A 275 -4.97 10.59 27.76
C THR A 275 -6.11 11.08 28.64
N PHE A 276 -5.81 11.96 29.60
CA PHE A 276 -6.81 12.41 30.56
C PHE A 276 -7.77 13.41 29.95
N LEU A 277 -7.33 14.15 28.93
CA LEU A 277 -8.19 15.18 28.34
C LEU A 277 -9.26 14.57 27.45
N ILE A 278 -8.91 13.54 26.68
CA ILE A 278 -9.87 12.93 25.77
C ILE A 278 -10.89 12.10 26.54
N ASN A 279 -10.48 11.53 27.68
CA ASN A 279 -11.41 10.75 28.49
C ASN A 279 -12.36 11.65 29.25
N GLU A 280 -11.90 12.84 29.64
CA GLU A 280 -12.75 13.76 30.38
C GLU A 280 -13.77 14.43 29.47
N LEU A 281 -13.46 14.54 28.17
CA LEU A 281 -14.40 15.12 27.23
C LEU A 281 -15.56 14.17 26.94
N SER A 282 -15.34 12.87 27.13
CA SER A 282 -16.37 11.89 26.83
C SER A 282 -17.48 11.90 27.87
N LYS A 283 -17.21 12.46 29.05
CA LYS A 283 -18.23 12.49 30.10
C LYS A 283 -19.30 13.53 29.82
N TYR A 284 -18.93 14.64 29.16
CA TYR A 284 -19.88 15.71 28.91
C TYR A 284 -20.84 15.36 27.78
N MET A 285 -20.31 14.86 26.67
CA MET A 285 -21.12 14.55 25.49
C MET A 285 -21.65 13.13 25.50
N GLY A 286 -21.48 12.40 26.61
CA GLY A 286 -21.97 11.04 26.68
C GLY A 286 -21.18 10.03 25.87
N CYS A 287 -19.93 10.34 25.54
CA CYS A 287 -19.14 9.43 24.72
C CYS A 287 -18.42 8.39 25.57
N HIS A 288 -18.53 8.49 26.89
CA HIS A 288 -17.85 7.54 27.76
C HIS A 288 -18.57 6.19 27.82
N ASP A 289 -19.80 6.13 27.31
CA ASP A 289 -20.54 4.87 27.31
C ASP A 289 -19.97 3.91 26.26
N SER A 290 -19.68 4.41 25.07
CA SER A 290 -19.20 3.57 23.96
C SER A 290 -18.00 4.26 23.31
N ILE A 291 -16.81 3.91 23.78
CA ILE A 291 -15.55 4.39 23.21
C ILE A 291 -14.69 3.17 22.90
N VAL A 292 -14.21 3.09 21.66
CA VAL A 292 -13.42 1.95 21.20
C VAL A 292 -12.07 2.46 20.71
N LYS A 293 -11.02 1.72 21.03
CA LYS A 293 -9.66 2.07 20.63
C LYS A 293 -9.14 1.01 19.68
N ILE A 294 -8.72 1.43 18.48
CA ILE A 294 -8.15 0.55 17.47
C ILE A 294 -6.66 0.85 17.37
N HIS A 295 -5.85 -0.19 17.56
CA HIS A 295 -4.39 -0.06 17.53
C HIS A 295 -3.89 -0.21 16.10
N LEU A 296 -3.13 0.78 15.65
CA LEU A 296 -2.57 0.79 14.30
C LEU A 296 -1.27 0.02 14.29
N GLY A 297 -1.27 -1.16 13.67
CA GLY A 297 -0.08 -1.98 13.59
C GLY A 297 0.22 -2.40 12.17
N GLU A 298 1.51 -2.44 11.81
CA GLU A 298 1.90 -2.78 10.44
C GLU A 298 1.66 -4.26 10.17
N GLN A 299 2.34 -5.14 10.92
CA GLN A 299 2.12 -6.57 10.76
C GLN A 299 0.93 -7.03 11.60
N THR A 300 0.49 -6.20 12.54
CA THR A 300 -0.56 -6.63 13.47
C THR A 300 -1.95 -6.46 12.86
N ASP A 301 -2.32 -5.22 12.52
CA ASP A 301 -3.68 -4.91 12.08
C ASP A 301 -3.72 -4.76 10.57
N ALA A 302 -4.08 -5.85 9.89
CA ALA A 302 -4.23 -5.81 8.44
C ALA A 302 -5.66 -6.09 8.01
N LYS A 303 -6.22 -7.21 8.48
CA LYS A 303 -7.56 -7.60 8.06
C LYS A 303 -8.53 -7.62 9.23
N LEU A 304 -8.01 -7.56 10.45
CA LEU A 304 -8.86 -7.60 11.63
C LEU A 304 -9.62 -6.29 11.82
N LEU A 305 -9.10 -5.20 11.26
CA LEU A 305 -9.78 -3.91 11.36
C LEU A 305 -10.94 -3.84 10.38
N ILE A 306 -10.90 -4.63 9.30
CA ILE A 306 -11.93 -4.65 8.29
C ILE A 306 -12.76 -5.93 8.33
N GLY A 307 -12.36 -6.92 9.12
CA GLY A 307 -13.12 -8.14 9.25
C GLY A 307 -12.79 -9.16 8.17
N THR A 308 -13.42 -10.33 8.31
CA THR A 308 -13.21 -11.43 7.38
C THR A 308 -14.44 -12.33 7.41
N TYR A 309 -14.44 -13.33 6.54
CA TYR A 309 -15.50 -14.32 6.47
C TYR A 309 -14.95 -15.63 7.02
N THR A 310 -15.37 -16.00 8.23
CA THR A 310 -14.89 -17.20 8.89
C THR A 310 -15.91 -18.33 8.79
N SER A 311 -15.51 -19.50 9.26
CA SER A 311 -16.37 -20.67 9.23
C SER A 311 -16.58 -21.23 10.63
N PHE A 318 -19.77 -21.01 8.48
CA PHE A 318 -19.90 -19.95 7.48
C PHE A 318 -20.66 -18.75 8.05
N GLU A 319 -19.94 -17.91 8.80
CA GLU A 319 -20.52 -16.72 9.41
C GLU A 319 -19.59 -15.54 9.19
N TRP A 320 -20.17 -14.40 8.85
CA TRP A 320 -19.40 -13.19 8.60
C TRP A 320 -19.06 -12.50 9.92
N ARG A 321 -17.77 -12.29 10.15
CA ARG A 321 -17.27 -11.63 11.34
C ARG A 321 -16.92 -10.19 11.01
N ALA A 322 -17.36 -9.26 11.85
CA ALA A 322 -17.15 -7.83 11.63
C ALA A 322 -15.94 -7.38 12.45
N GLY A 323 -15.16 -6.47 11.87
CA GLY A 323 -14.00 -5.92 12.54
C GLY A 323 -14.34 -4.97 13.67
N VAL A 324 -13.33 -4.57 14.44
CA VAL A 324 -13.56 -3.64 15.54
C VAL A 324 -13.86 -2.24 15.01
N LEU A 325 -13.26 -1.88 13.87
CA LEU A 325 -13.52 -0.57 13.29
C LEU A 325 -14.85 -0.56 12.55
N ALA A 326 -15.20 -1.66 11.89
CA ALA A 326 -16.40 -1.70 11.07
C ALA A 326 -17.67 -1.77 11.92
N THR A 327 -17.56 -2.35 13.11
CA THR A 327 -18.73 -2.44 13.98
C THR A 327 -19.06 -1.10 14.63
N ALA A 328 -18.03 -0.26 14.83
CA ALA A 328 -18.25 1.02 15.50
C ALA A 328 -18.81 2.06 14.54
N VAL A 329 -18.49 1.94 13.25
CA VAL A 329 -19.00 2.89 12.27
C VAL A 329 -20.46 2.61 11.95
N LYS A 330 -20.83 1.32 11.90
CA LYS A 330 -22.19 0.94 11.54
C LYS A 330 -23.19 1.32 12.64
N GLU A 331 -22.84 1.02 13.90
CA GLU A 331 -23.75 1.36 14.98
C GLU A 331 -23.65 2.84 15.35
N GLY A 332 -22.45 3.41 15.28
CA GLY A 332 -22.25 4.79 15.66
C GLY A 332 -21.65 4.91 17.04
N ARG A 333 -20.35 5.18 17.12
CA ARG A 333 -19.66 5.22 18.40
C ARG A 333 -18.48 6.18 18.33
N TRP A 334 -17.80 6.31 19.47
CA TRP A 334 -16.64 7.18 19.61
C TRP A 334 -15.38 6.39 19.28
N VAL A 335 -14.61 6.89 18.31
CA VAL A 335 -13.38 6.24 17.87
C VAL A 335 -12.22 7.15 18.19
N LEU A 336 -11.19 6.59 18.84
CA LEU A 336 -10.00 7.32 19.21
C LEU A 336 -8.77 6.47 18.89
N ILE A 337 -7.99 6.92 17.91
CA ILE A 337 -6.76 6.23 17.51
C ILE A 337 -5.59 6.84 18.27
N GLU A 338 -4.61 6.00 18.58
CA GLU A 338 -3.44 6.42 19.35
C GLU A 338 -2.18 6.15 18.54
N ASP A 339 -1.24 7.10 18.58
CA ASP A 339 0.06 7.04 17.90
C ASP A 339 -0.11 6.84 16.39
N ILE A 340 -0.94 7.68 15.77
CA ILE A 340 -1.19 7.56 14.34
C ILE A 340 0.00 8.10 13.55
N ASP A 341 0.79 8.99 14.15
CA ASP A 341 1.92 9.57 13.44
C ASP A 341 3.07 8.58 13.35
N LYS A 342 3.23 7.71 14.36
CA LYS A 342 4.32 6.75 14.34
C LYS A 342 3.97 5.50 13.55
N ALA A 343 2.70 5.37 13.15
CA ALA A 343 2.25 4.18 12.46
C ALA A 343 2.72 4.19 10.99
N PRO A 344 2.61 3.06 10.30
CA PRO A 344 3.04 3.02 8.90
C PRO A 344 1.99 3.61 7.97
N THR A 345 2.35 3.72 6.69
CA THR A 345 1.43 4.29 5.70
C THR A 345 0.43 3.26 5.22
N ASP A 346 0.67 1.97 5.51
CA ASP A 346 -0.26 0.94 5.08
C ASP A 346 -1.52 0.94 5.93
N VAL A 347 -1.38 1.21 7.23
CA VAL A 347 -2.55 1.25 8.11
C VAL A 347 -3.33 2.55 7.90
N LEU A 348 -2.64 3.61 7.47
CA LEU A 348 -3.31 4.88 7.26
C LEU A 348 -4.03 4.94 5.92
N SER A 349 -3.78 3.94 5.06
CA SER A 349 -4.39 3.95 3.73
C SER A 349 -5.89 3.61 3.79
N ILE A 350 -6.27 2.74 4.73
CA ILE A 350 -7.68 2.37 4.83
C ILE A 350 -8.47 3.48 5.52
N LEU A 351 -7.79 4.35 6.28
CA LEU A 351 -8.49 5.45 6.95
C LEU A 351 -8.79 6.61 6.01
N LEU A 352 -8.26 6.58 4.77
CA LEU A 352 -8.54 7.65 3.82
C LEU A 352 -9.96 7.57 3.31
N SER A 353 -10.55 6.37 3.29
CA SER A 353 -11.95 6.25 2.90
C SER A 353 -12.88 6.75 4.01
N LEU A 354 -12.43 6.66 5.26
CA LEU A 354 -13.22 7.17 6.37
C LEU A 354 -13.16 8.69 6.44
N LEU A 355 -12.08 9.28 5.91
CA LEU A 355 -11.96 10.73 5.84
C LEU A 355 -12.47 11.31 4.53
N GLU A 356 -13.03 10.48 3.66
CA GLU A 356 -13.45 10.91 2.33
C GLU A 356 -14.86 11.48 2.40
N LYS A 357 -15.51 11.60 1.23
CA LYS A 357 -16.87 12.09 1.16
C LYS A 357 -17.84 11.09 1.81
N ARG A 358 -18.68 11.62 2.70
CA ARG A 358 -19.70 10.92 3.50
C ARG A 358 -19.13 9.90 4.49
N GLU A 359 -17.80 9.85 4.65
CA GLU A 359 -17.09 9.00 5.61
C GLU A 359 -17.43 7.52 5.44
N LEU A 360 -17.47 7.08 4.18
CA LEU A 360 -17.93 5.74 3.84
C LEU A 360 -16.74 4.82 3.65
N THR A 361 -16.73 3.72 4.40
CA THR A 361 -15.74 2.66 4.25
C THR A 361 -16.40 1.49 3.53
N ILE A 362 -15.88 1.17 2.35
CA ILE A 362 -16.46 0.14 1.48
C ILE A 362 -15.71 -1.17 1.74
N PRO A 363 -16.41 -2.26 2.03
CA PRO A 363 -15.73 -3.55 2.20
C PRO A 363 -15.49 -4.22 0.86
N SER A 364 -14.96 -5.45 0.93
CA SER A 364 -14.68 -6.24 -0.27
C SER A 364 -15.82 -7.21 -0.55
N ARG A 365 -17.02 -6.91 -0.06
CA ARG A 365 -18.19 -7.76 -0.26
C ARG A 365 -19.30 -7.07 -1.04
N GLY A 366 -19.09 -5.86 -1.53
CA GLY A 366 -20.09 -5.14 -2.29
C GLY A 366 -20.94 -4.18 -1.49
N GLU A 367 -21.19 -4.48 -0.22
CA GLU A 367 -22.01 -3.59 0.61
C GLU A 367 -21.20 -2.38 1.05
N THR A 368 -21.80 -1.20 0.94
CA THR A 368 -21.16 0.05 1.32
C THR A 368 -21.75 0.54 2.65
N VAL A 369 -20.87 0.75 3.62
CA VAL A 369 -21.26 1.21 4.95
C VAL A 369 -21.08 2.72 5.03
N LYS A 370 -22.11 3.41 5.49
CA LYS A 370 -22.08 4.86 5.66
C LYS A 370 -22.01 5.19 7.14
N ALA A 371 -21.18 6.15 7.50
CA ALA A 371 -20.99 6.55 8.90
C ALA A 371 -22.17 7.42 9.31
N ALA A 372 -22.74 7.12 10.47
CA ALA A 372 -23.85 7.90 11.00
C ALA A 372 -23.35 9.22 11.59
N ASN A 373 -24.31 10.02 12.08
CA ASN A 373 -23.96 11.32 12.65
C ASN A 373 -23.26 11.15 14.00
N GLY A 374 -23.53 10.06 14.69
CA GLY A 374 -22.89 9.80 15.98
C GLY A 374 -21.54 9.15 15.85
N PHE A 375 -20.57 9.87 15.29
CA PHE A 375 -19.21 9.36 15.13
C PHE A 375 -18.25 10.53 15.05
N GLN A 376 -17.05 10.32 15.59
CA GLN A 376 -15.99 11.32 15.54
C GLN A 376 -14.65 10.60 15.71
N LEU A 377 -13.67 11.01 14.91
CA LEU A 377 -12.34 10.41 14.93
C LEU A 377 -11.37 11.34 15.64
N ILE A 378 -10.57 10.80 16.56
CA ILE A 378 -9.57 11.55 17.28
C ILE A 378 -8.26 10.79 17.21
N SER A 379 -7.17 11.48 16.88
CA SER A 379 -5.86 10.88 16.74
C SER A 379 -4.89 11.60 17.66
N THR A 380 -4.21 10.84 18.51
CA THR A 380 -3.26 11.38 19.47
C THR A 380 -1.84 11.11 18.99
N VAL A 381 -1.13 12.17 18.60
CA VAL A 381 0.24 12.07 18.12
C VAL A 381 1.16 12.63 19.19
N ARG A 382 2.18 11.85 19.56
CA ARG A 382 3.13 12.26 20.57
C ARG A 382 4.35 12.94 19.95
N ASN A 397 3.08 15.28 9.97
CA ASN A 397 4.09 15.10 8.94
C ASN A 397 4.17 13.64 8.50
N LEU A 398 3.30 12.79 9.08
CA LEU A 398 3.33 11.37 8.76
C LEU A 398 2.60 11.08 7.46
N ASN A 399 1.34 11.51 7.37
CA ASN A 399 0.54 11.29 6.16
C ASN A 399 0.08 12.63 5.63
N MET A 400 -0.04 12.72 4.30
CA MET A 400 -0.39 13.95 3.62
C MET A 400 -1.89 14.06 3.35
N ILE A 401 -2.54 12.94 2.99
CA ILE A 401 -3.98 12.96 2.73
C ILE A 401 -4.75 13.14 4.03
N GLY A 402 -4.21 12.60 5.14
CA GLY A 402 -4.84 12.83 6.43
C GLY A 402 -4.56 14.21 6.98
N MET A 403 -3.54 14.88 6.44
CA MET A 403 -3.15 16.19 6.96
C MET A 403 -4.14 17.27 6.54
N ARG A 404 -4.88 17.03 5.46
CA ARG A 404 -5.87 18.02 5.01
C ARG A 404 -7.12 17.99 5.87
N ILE A 405 -7.42 16.83 6.46
CA ILE A 405 -8.66 16.70 7.23
C ILE A 405 -8.45 16.81 8.72
N TRP A 406 -7.22 16.63 9.21
CA TRP A 406 -6.94 16.63 10.64
C TRP A 406 -6.46 18.01 11.07
N ASN A 407 -7.18 18.63 12.00
CA ASN A 407 -6.72 19.87 12.61
C ASN A 407 -5.68 19.59 13.67
N VAL A 408 -5.07 20.65 14.18
CA VAL A 408 -4.00 20.52 15.18
C VAL A 408 -4.26 21.50 16.31
N ILE A 409 -4.36 20.98 17.52
CA ILE A 409 -4.48 21.77 18.74
C ILE A 409 -3.34 21.38 19.67
N GLU A 410 -2.62 22.38 20.18
CA GLU A 410 -1.41 22.15 20.96
C GLU A 410 -1.71 22.33 22.44
N LEU A 411 -1.42 21.30 23.23
CA LEU A 411 -1.55 21.38 24.68
C LEU A 411 -0.27 21.93 25.29
N GLU A 412 -0.34 22.23 26.59
CA GLU A 412 0.79 22.81 27.31
C GLU A 412 0.75 22.35 28.76
N GLU A 413 1.89 22.47 29.44
CA GLU A 413 2.00 22.07 30.84
C GLU A 413 3.19 22.72 31.53
N PRO A 414 2.93 23.61 32.48
CA PRO A 414 4.00 24.31 33.20
C PRO A 414 4.20 23.76 34.60
N SER A 415 5.24 22.95 34.79
CA SER A 415 5.55 22.35 36.08
C SER A 415 6.41 23.25 36.95
N GLU A 416 5.77 24.09 37.75
CA GLU A 416 6.47 25.01 38.63
C GLU A 416 5.54 25.49 39.74
N GLU A 417 4.34 25.91 39.35
CA GLU A 417 3.35 26.41 40.30
C GLU A 417 2.07 25.61 40.23
N ASP A 418 1.45 25.58 39.05
CA ASP A 418 0.20 24.85 38.86
C ASP A 418 0.40 23.33 38.88
N LEU A 419 1.64 22.85 38.90
CA LEU A 419 1.87 21.41 38.99
C LEU A 419 1.53 20.89 40.38
N THR A 420 1.77 21.70 41.42
CA THR A 420 1.39 21.30 42.76
C THR A 420 -0.11 21.40 42.99
N HIS A 421 -0.79 22.29 42.26
CA HIS A 421 -2.24 22.38 42.35
C HIS A 421 -2.94 21.21 41.66
N ILE A 422 -2.27 20.59 40.67
CA ILE A 422 -2.86 19.43 40.00
C ILE A 422 -2.80 18.19 40.88
N LEU A 423 -1.84 18.14 41.82
CA LEU A 423 -1.72 17.03 42.73
C LEU A 423 -2.50 17.23 44.02
N ALA A 424 -2.85 18.47 44.36
CA ALA A 424 -3.59 18.74 45.59
C ALA A 424 -5.07 18.38 45.47
N GLN A 425 -5.62 18.36 44.26
CA GLN A 425 -7.02 18.01 44.06
C GLN A 425 -7.25 16.50 43.98
N LYS A 426 -6.19 15.71 43.83
CA LYS A 426 -6.33 14.26 43.76
C LYS A 426 -6.37 13.60 45.12
N PHE A 427 -5.71 14.19 46.11
CA PHE A 427 -5.67 13.64 47.46
C PHE A 427 -5.46 14.77 48.46
N PRO A 428 -5.94 14.61 49.69
CA PRO A 428 -5.77 15.67 50.71
C PRO A 428 -4.47 15.53 51.49
N ILE A 429 -3.35 15.66 50.78
CA ILE A 429 -2.03 15.56 51.39
C ILE A 429 -1.21 16.79 51.02
N LEU A 430 -1.90 17.92 50.82
CA LEU A 430 -1.24 19.14 50.35
C LEU A 430 -0.41 19.84 51.43
N THR A 431 -0.53 19.42 52.70
CA THR A 431 0.26 20.04 53.75
C THR A 431 1.73 19.64 53.71
N ASN A 432 2.05 18.51 53.09
CA ASN A 432 3.42 18.03 53.01
C ASN A 432 3.79 17.63 51.58
N LEU A 433 3.12 18.23 50.59
CA LEU A 433 3.37 17.93 49.19
C LEU A 433 4.14 19.03 48.47
N ILE A 434 3.82 20.29 48.73
CA ILE A 434 4.50 21.42 48.11
C ILE A 434 5.90 21.54 48.69
N PRO A 435 6.11 21.16 49.95
CA PRO A 435 7.45 21.24 50.54
C PRO A 435 8.36 20.09 50.14
N LYS A 436 7.86 19.09 49.44
CA LYS A 436 8.66 17.95 49.01
C LYS A 436 8.79 17.83 47.51
N LEU A 437 7.74 18.13 46.75
CA LEU A 437 7.81 18.01 45.29
C LEU A 437 8.61 19.16 44.68
N ILE A 438 8.62 20.32 45.32
CA ILE A 438 9.37 21.46 44.79
C ILE A 438 10.85 21.33 45.09
N ASP A 439 11.19 20.85 46.29
CA ASP A 439 12.59 20.74 46.67
C ASP A 439 13.27 19.56 45.99
N SER A 440 12.53 18.49 45.72
CA SER A 440 13.10 17.36 44.99
C SER A 440 13.26 17.67 43.50
N TYR A 441 12.43 18.57 42.97
CA TYR A 441 12.56 18.96 41.56
C TYR A 441 13.79 19.81 41.32
N LYS A 442 14.28 20.51 42.34
CA LYS A 442 15.51 21.29 42.19
C LYS A 442 16.76 20.43 42.16
N ASN A 443 16.68 19.20 42.66
CA ASN A 443 17.81 18.28 42.64
C ASN A 443 17.71 17.24 41.54
N VAL A 444 16.50 16.83 41.15
CA VAL A 444 16.34 15.83 40.10
C VAL A 444 16.61 16.44 38.73
N LYS A 445 16.21 17.70 38.53
CA LYS A 445 16.47 18.35 37.26
C LYS A 445 17.93 18.76 37.13
N SER A 446 18.58 19.11 38.24
CA SER A 446 19.99 19.49 38.19
C SER A 446 20.92 18.30 38.04
N ILE A 447 20.47 17.10 38.44
CA ILE A 447 21.29 15.89 38.30
C ILE A 447 21.33 15.37 36.87
N TYR A 448 20.43 15.85 36.00
CA TYR A 448 20.44 15.41 34.61
C TYR A 448 21.59 16.03 33.82
N MET A 449 22.12 17.18 34.27
CA MET A 449 23.24 17.82 33.61
C MET A 449 24.55 17.69 34.38
N ASN A 450 24.52 17.23 35.62
CA ASN A 450 25.72 17.06 36.43
C ASN A 450 26.22 15.62 36.46
N THR A 451 25.33 14.65 36.65
CA THR A 451 25.74 13.25 36.64
C THR A 451 26.03 12.75 35.23
N LYS A 452 25.35 13.30 34.22
CA LYS A 452 25.64 12.92 32.84
C LYS A 452 26.95 13.53 32.36
N PHE A 453 27.33 14.69 32.89
CA PHE A 453 28.61 15.30 32.56
C PHE A 453 29.77 14.62 33.27
N ILE A 454 29.51 13.93 34.38
CA ILE A 454 30.54 13.20 35.10
C ILE A 454 30.26 11.71 34.97
N SER A 455 29.59 11.32 33.89
CA SER A 455 29.24 9.93 33.64
C SER A 455 30.47 9.20 33.09
N LEU A 456 31.33 8.78 34.02
CA LEU A 456 32.53 8.04 33.62
C LEU A 456 32.22 6.60 33.26
N ASN A 457 31.14 6.04 33.82
CA ASN A 457 30.75 4.67 33.51
C ASN A 457 29.24 4.51 33.34
N LYS A 458 28.49 5.61 33.22
CA LYS A 458 27.04 5.52 33.08
C LYS A 458 26.61 5.51 31.62
N GLY A 459 26.97 6.55 30.87
CA GLY A 459 26.59 6.65 29.49
C GLY A 459 25.13 7.03 29.30
N ALA A 460 24.31 6.08 28.84
CA ALA A 460 22.89 6.31 28.62
C ALA A 460 22.13 5.99 29.89
N HIS A 461 21.42 6.97 30.43
CA HIS A 461 20.67 6.84 31.67
C HIS A 461 19.18 7.03 31.39
N THR A 462 18.38 6.94 32.44
CA THR A 462 16.93 7.08 32.32
C THR A 462 16.54 8.56 32.30
N ARG A 463 15.23 8.81 32.24
CA ARG A 463 14.69 10.15 32.17
C ARG A 463 13.57 10.30 33.19
N VAL A 464 13.72 11.25 34.11
CA VAL A 464 12.70 11.51 35.12
C VAL A 464 11.58 12.32 34.48
N VAL A 465 10.39 11.74 34.42
CA VAL A 465 9.24 12.39 33.80
C VAL A 465 8.22 12.73 34.87
N SER A 466 7.14 13.41 34.47
CA SER A 466 6.09 13.78 35.42
C SER A 466 5.24 12.60 35.84
N VAL A 467 5.25 11.52 35.06
CA VAL A 467 4.49 10.33 35.43
C VAL A 467 5.17 9.56 36.57
N ARG A 468 6.48 9.75 36.74
CA ARG A 468 7.17 9.09 37.85
C ARG A 468 6.83 9.73 39.18
N ASP A 469 6.52 11.02 39.19
CA ASP A 469 6.10 11.68 40.42
C ASP A 469 4.67 11.33 40.80
N LEU A 470 3.83 11.00 39.81
CA LEU A 470 2.46 10.59 40.10
C LEU A 470 2.39 9.18 40.66
N ILE A 471 3.40 8.35 40.40
CA ILE A 471 3.41 7.01 40.97
C ILE A 471 3.74 7.05 42.46
N LYS A 472 4.48 8.08 42.89
CA LYS A 472 4.76 8.28 44.31
C LYS A 472 3.73 9.15 45.00
N LEU A 473 3.03 10.01 44.25
CA LEU A 473 2.00 10.86 44.85
C LEU A 473 0.73 10.07 45.17
N CYS A 474 0.38 9.09 44.35
CA CYS A 474 -0.75 8.22 44.64
C CYS A 474 -0.41 7.11 45.62
N GLU A 475 0.87 6.87 45.88
CA GLU A 475 1.29 5.86 46.84
C GLU A 475 1.65 6.43 48.21
N ARG A 476 1.87 7.74 48.31
CA ARG A 476 2.17 8.35 49.60
C ARG A 476 0.94 8.44 50.50
N LEU A 477 -0.26 8.43 49.92
CA LEU A 477 -1.47 8.45 50.73
C LEU A 477 -1.74 7.12 51.41
N ASP A 478 -1.22 6.01 50.86
CA ASP A 478 -1.38 4.71 51.49
C ASP A 478 -0.46 4.54 52.70
N ILE A 479 0.62 5.30 52.77
CA ILE A 479 1.52 5.20 53.93
C ILE A 479 1.07 6.10 55.07
N LEU A 480 0.48 7.26 54.77
CA LEU A 480 -0.02 8.16 55.78
C LEU A 480 -1.45 7.85 56.21
N PHE A 481 -2.07 6.83 55.61
CA PHE A 481 -3.42 6.44 56.02
C PHE A 481 -3.43 5.74 57.37
N LYS A 482 -2.32 5.12 57.75
CA LYS A 482 -2.20 4.50 59.06
C LYS A 482 -2.00 5.53 60.17
N ASN A 483 -1.56 6.74 59.82
CA ASN A 483 -1.39 7.81 60.80
C ASN A 483 -2.69 8.62 60.89
N ASN A 484 -2.63 9.75 61.58
CA ASN A 484 -3.80 10.61 61.73
C ASN A 484 -4.02 11.45 60.50
N GLY A 485 -5.28 11.70 60.17
CA GLY A 485 -5.63 12.51 59.01
C GLY A 485 -5.97 13.93 59.38
N ILE A 486 -5.26 14.50 60.35
CA ILE A 486 -5.50 15.87 60.80
C ILE A 486 -4.90 16.84 59.82
N ASN A 487 -5.24 18.13 59.97
CA ASN A 487 -4.76 19.14 59.02
C ASN A 487 -3.27 19.44 59.20
N LYS A 488 -2.78 19.41 60.44
CA LYS A 488 -1.37 19.72 60.67
C LYS A 488 -0.73 18.74 61.66
N PRO A 489 -0.99 17.44 61.51
CA PRO A 489 -0.26 16.46 62.34
C PRO A 489 0.99 15.94 61.64
N ASP A 490 2.08 15.86 62.40
CA ASP A 490 3.34 15.38 61.87
C ASP A 490 4.17 14.82 63.01
N GLN A 491 5.08 13.92 62.65
CA GLN A 491 5.98 13.31 63.63
C GLN A 491 7.31 13.02 62.96
N LEU A 492 8.31 12.73 63.79
CA LEU A 492 9.64 12.41 63.28
C LEU A 492 9.74 11.00 62.72
N ILE A 493 8.77 10.13 63.01
CA ILE A 493 8.79 8.77 62.50
C ILE A 493 8.34 8.73 61.04
N GLN A 494 7.23 9.39 60.74
CA GLN A 494 6.72 9.42 59.37
C GLN A 494 7.54 10.32 58.47
N SER A 495 8.25 11.30 59.03
CA SER A 495 9.10 12.18 58.25
C SER A 495 10.47 11.59 57.96
N SER A 496 10.77 10.42 58.52
CA SER A 496 12.04 9.75 58.31
C SER A 496 11.89 8.40 57.61
N VAL A 497 10.84 7.65 57.92
CA VAL A 497 10.63 6.35 57.27
C VAL A 497 10.07 6.53 55.87
N TYR A 498 9.18 7.51 55.69
CA TYR A 498 8.58 7.80 54.38
C TYR A 498 9.36 8.87 53.61
N ASP A 499 10.65 9.02 53.89
CA ASP A 499 11.48 10.00 53.20
C ASP A 499 12.55 9.32 52.33
N SER A 500 13.37 8.46 52.91
CA SER A 500 14.39 7.76 52.15
C SER A 500 13.88 6.50 51.48
N ILE A 501 12.90 5.82 52.09
CA ILE A 501 12.33 4.63 51.47
C ILE A 501 11.37 4.97 50.33
N PHE A 502 10.78 6.17 50.34
CA PHE A 502 9.93 6.62 49.27
C PHE A 502 10.70 7.32 48.15
N SER A 503 12.01 7.46 48.30
CA SER A 503 12.84 8.06 47.26
C SER A 503 13.47 7.02 46.33
N GLU A 504 13.42 5.75 46.70
CA GLU A 504 13.95 4.70 45.82
C GLU A 504 13.05 4.43 44.63
N ALA A 505 11.76 4.75 44.73
CA ALA A 505 10.85 4.60 43.60
C ALA A 505 11.01 5.72 42.58
N ALA A 506 11.63 6.83 42.97
CA ALA A 506 11.92 7.92 42.05
C ALA A 506 13.35 7.89 41.55
N ASP A 507 14.07 6.79 41.75
CA ASP A 507 15.44 6.64 41.33
C ASP A 507 15.49 5.91 39.98
N CYS A 508 16.71 5.60 39.53
CA CYS A 508 16.91 4.94 38.25
C CYS A 508 18.08 3.98 38.39
N PHE A 509 18.59 3.50 37.26
CA PHE A 509 19.72 2.58 37.24
C PHE A 509 20.99 3.35 37.53
N ALA A 510 21.50 3.21 38.75
CA ALA A 510 22.72 3.86 39.19
C ALA A 510 23.71 2.81 39.69
N GLY A 511 24.96 3.23 39.86
CA GLY A 511 26.00 2.35 40.34
C GLY A 511 26.74 2.86 41.55
N ALA A 512 26.02 3.64 42.38
CA ALA A 512 26.53 4.26 43.61
C ALA A 512 27.76 5.12 43.35
N ILE A 513 27.57 6.16 42.53
CA ILE A 513 28.66 7.07 42.21
C ILE A 513 28.97 8.00 43.37
N GLY A 514 28.01 8.23 44.26
CA GLY A 514 28.21 9.09 45.41
C GLY A 514 27.84 10.54 45.21
N GLU A 515 27.76 11.00 43.95
CA GLU A 515 27.43 12.40 43.70
C GLU A 515 25.95 12.67 43.93
N PHE A 516 25.09 11.69 43.64
CA PHE A 516 23.66 11.81 43.88
C PHE A 516 23.26 11.29 45.25
N LYS A 517 24.24 11.00 46.12
CA LYS A 517 23.93 10.52 47.46
C LYS A 517 23.54 11.65 48.39
N ALA A 518 24.24 12.79 48.31
CA ALA A 518 23.96 13.93 49.18
C ALA A 518 22.76 14.75 48.73
N LEU A 519 22.45 14.77 47.43
CA LEU A 519 21.30 15.50 46.95
C LEU A 519 19.99 14.75 47.17
N GLU A 520 20.05 13.44 47.34
CA GLU A 520 18.86 12.63 47.57
C GLU A 520 18.35 12.83 48.99
N PRO A 521 19.25 12.99 49.97
CA PRO A 521 18.79 13.14 51.36
C PRO A 521 18.23 14.51 51.66
N ILE A 522 18.80 15.54 51.03
CA ILE A 522 18.34 16.91 51.23
C ILE A 522 17.24 17.31 50.26
N ILE A 523 16.69 16.36 49.50
CA ILE A 523 15.67 16.67 48.51
C ILE A 523 14.29 16.91 49.12
N GLN A 524 14.09 16.54 50.38
CA GLN A 524 12.81 16.72 51.06
C GLN A 524 12.91 17.59 52.30
N ALA A 525 13.96 17.40 53.10
CA ALA A 525 14.11 18.12 54.35
C ALA A 525 15.61 18.32 54.60
N ILE A 526 15.97 18.63 55.84
CA ILE A 526 17.38 18.86 56.18
C ILE A 526 18.12 17.52 56.22
N GLY A 527 19.45 17.60 56.22
CA GLY A 527 20.25 16.40 56.21
C GLY A 527 20.28 15.71 57.57
N GLU A 528 20.51 14.41 57.54
CA GLU A 528 20.55 13.59 58.74
C GLU A 528 21.54 12.45 58.51
N SER A 529 21.49 11.44 59.36
CA SER A 529 22.39 10.31 59.25
C SER A 529 21.87 9.33 58.20
N LEU A 530 22.70 8.31 57.91
CA LEU A 530 22.44 7.24 56.94
C LEU A 530 22.10 7.75 55.54
N THR A 542 16.90 -5.12 55.75
CA THR A 542 16.01 -6.24 55.45
C THR A 542 15.46 -6.86 56.74
N GLN A 543 16.00 -8.03 57.09
CA GLN A 543 15.67 -8.78 58.31
C GLN A 543 14.18 -9.14 58.40
N HIS A 544 13.56 -9.40 57.24
CA HIS A 544 12.16 -9.80 57.22
C HIS A 544 11.90 -10.91 56.21
N VAL A 545 12.94 -11.63 55.80
CA VAL A 545 12.84 -12.68 54.79
C VAL A 545 12.10 -13.88 55.37
N PRO A 546 12.18 -14.12 56.68
CA PRO A 546 11.49 -15.28 57.25
C PRO A 546 9.98 -15.09 57.29
N THR A 547 9.27 -16.18 57.02
CA THR A 547 7.82 -16.13 56.94
C THR A 547 7.19 -16.13 58.32
N LEU A 548 6.04 -15.46 58.44
CA LEU A 548 5.31 -15.39 59.68
C LEU A 548 4.36 -16.58 59.78
N GLU A 549 3.46 -16.55 60.76
CA GLU A 549 2.55 -17.67 60.97
C GLU A 549 1.30 -17.58 60.11
N ASN A 550 0.98 -16.38 59.58
CA ASN A 550 -0.22 -16.17 58.80
C ASN A 550 0.09 -15.93 57.33
N LEU A 551 0.93 -14.95 57.02
CA LEU A 551 1.30 -14.62 55.65
C LEU A 551 2.78 -14.26 55.60
N ASP A 552 3.25 -13.92 54.40
CA ASP A 552 4.63 -13.52 54.21
C ASP A 552 4.84 -12.10 54.73
N ASP A 553 6.09 -11.79 55.03
CA ASP A 553 6.47 -10.47 55.52
C ASP A 553 7.39 -9.76 54.54
N SER A 554 7.44 -8.44 54.64
CA SER A 554 8.30 -7.61 53.81
C SER A 554 8.71 -6.38 54.61
N ILE A 555 9.25 -5.38 53.92
CA ILE A 555 9.60 -4.13 54.59
C ILE A 555 8.35 -3.31 54.89
N LYS A 556 7.30 -3.48 54.09
CA LYS A 556 6.04 -2.79 54.33
C LYS A 556 5.19 -3.59 55.30
N ILE A 557 3.98 -3.09 55.58
CA ILE A 557 3.08 -3.76 56.53
C ILE A 557 2.43 -4.97 55.88
N GLY A 558 1.67 -4.74 54.81
CA GLY A 558 1.01 -5.83 54.11
C GLY A 558 1.80 -6.32 52.92
N ARG A 559 2.31 -7.55 53.00
CA ARG A 559 3.15 -8.09 51.94
C ARG A 559 2.34 -8.91 50.95
N ALA A 560 1.67 -9.95 51.42
CA ALA A 560 0.92 -10.84 50.54
C ALA A 560 -0.23 -11.47 51.31
N VAL A 561 -1.15 -12.07 50.57
CA VAL A 561 -2.30 -12.76 51.16
C VAL A 561 -2.08 -14.26 51.07
N LEU A 562 -1.37 -14.69 50.03
CA LEU A 562 -1.05 -16.09 49.72
C LEU A 562 -2.28 -16.99 49.63
N MET A 574 2.86 -28.64 41.72
CA MET A 574 4.25 -28.84 41.34
C MET A 574 5.18 -28.66 42.53
N ASN A 575 6.44 -29.07 42.37
CA ASN A 575 7.43 -28.97 43.42
C ASN A 575 8.76 -28.52 42.83
N SER A 576 9.36 -27.50 43.42
CA SER A 576 10.63 -26.95 42.97
C SER A 576 11.61 -26.93 44.13
N THR A 577 12.88 -27.23 43.84
CA THR A 577 13.94 -27.26 44.84
C THR A 577 15.03 -26.29 44.40
N LEU A 578 14.90 -25.04 44.83
CA LEU A 578 15.88 -23.98 44.52
C LEU A 578 16.15 -23.22 45.81
N PHE A 579 17.25 -23.57 46.47
CA PHE A 579 17.61 -22.94 47.73
C PHE A 579 18.13 -21.53 47.46
N ALA A 580 17.37 -20.53 47.90
CA ALA A 580 17.71 -19.12 47.69
C ALA A 580 17.77 -18.44 49.05
N PHE A 581 18.95 -18.49 49.68
CA PHE A 581 19.18 -17.80 50.95
C PHE A 581 19.65 -16.39 50.63
N THR A 582 18.68 -15.51 50.36
CA THR A 582 18.96 -14.16 49.89
C THR A 582 19.31 -13.27 51.09
N ASN A 583 20.57 -12.85 51.16
CA ASN A 583 21.02 -11.89 52.15
C ASN A 583 21.11 -10.48 51.55
N HIS A 584 21.88 -10.32 50.48
CA HIS A 584 21.91 -9.07 49.75
C HIS A 584 20.86 -9.03 48.64
N SER A 585 20.45 -10.20 48.16
CA SER A 585 19.39 -10.28 47.15
C SER A 585 18.00 -10.11 47.72
N LEU A 586 17.85 -10.14 49.05
CA LEU A 586 16.56 -9.90 49.66
C LEU A 586 16.16 -8.43 49.56
N ARG A 587 17.14 -7.52 49.48
CA ARG A 587 16.84 -6.12 49.27
C ARG A 587 16.28 -5.89 47.86
N LEU A 588 16.78 -6.64 46.87
CA LEU A 588 16.17 -6.63 45.56
C LEU A 588 14.81 -7.33 45.58
N MET A 589 14.64 -8.31 46.46
CA MET A 589 13.35 -8.93 46.66
C MET A 589 12.39 -8.05 47.45
N GLU A 590 12.91 -7.12 48.25
CA GLU A 590 12.05 -6.24 49.02
C GLU A 590 11.40 -5.18 48.13
N GLN A 591 12.16 -4.62 47.20
CA GLN A 591 11.60 -3.65 46.27
C GLN A 591 10.69 -4.32 45.25
N ILE A 592 10.93 -5.60 44.95
CA ILE A 592 10.03 -6.33 44.07
C ILE A 592 8.75 -6.70 44.80
N SER A 593 8.81 -6.82 46.13
CA SER A 593 7.61 -7.09 46.93
C SER A 593 6.83 -5.82 47.26
N VAL A 594 7.50 -4.66 47.26
CA VAL A 594 6.80 -3.42 47.56
C VAL A 594 5.95 -2.98 46.38
N CYS A 595 6.29 -3.40 45.17
CA CYS A 595 5.52 -3.03 44.00
C CYS A 595 4.20 -3.79 43.95
N ILE A 596 4.21 -5.07 44.35
CA ILE A 596 2.99 -5.85 44.38
C ILE A 596 2.09 -5.48 45.56
N GLN A 597 2.65 -4.83 46.59
CA GLN A 597 1.85 -4.43 47.74
C GLN A 597 1.04 -3.17 47.46
N MET A 598 1.52 -2.32 46.56
CA MET A 598 0.82 -1.08 46.21
C MET A 598 0.15 -1.16 44.85
N THR A 599 0.14 -2.34 44.22
CA THR A 599 -0.40 -2.60 42.88
C THR A 599 0.23 -1.69 41.84
N GLU A 600 1.55 -1.85 41.66
CA GLU A 600 2.29 -1.03 40.72
C GLU A 600 2.00 -1.46 39.29
N PRO A 601 2.29 -0.59 38.31
CA PRO A 601 1.94 -0.93 36.93
C PRO A 601 2.85 -1.97 36.30
N VAL A 602 4.17 -1.87 36.52
CA VAL A 602 5.12 -2.79 35.91
C VAL A 602 6.38 -2.81 36.76
N LEU A 603 7.18 -3.85 36.59
CA LEU A 603 8.48 -3.99 37.27
C LEU A 603 9.49 -4.40 36.23
N LEU A 604 10.09 -3.42 35.55
CA LEU A 604 11.09 -3.66 34.52
C LEU A 604 12.46 -3.62 35.16
N VAL A 605 12.90 -4.75 35.68
CA VAL A 605 14.16 -4.86 36.41
C VAL A 605 15.26 -5.19 35.42
N GLY A 606 16.15 -4.23 35.17
CA GLY A 606 17.30 -4.48 34.33
C GLY A 606 18.36 -5.27 35.07
N GLU A 607 18.55 -6.53 34.70
CA GLU A 607 19.47 -7.43 35.37
C GLU A 607 20.49 -7.98 34.39
N THR A 608 21.37 -8.84 34.90
CA THR A 608 22.40 -9.47 34.09
C THR A 608 21.85 -10.76 33.49
N GLY A 609 22.74 -11.57 32.92
CA GLY A 609 22.34 -12.84 32.33
C GLY A 609 21.93 -13.89 33.35
N THR A 610 20.64 -14.25 33.33
CA THR A 610 20.03 -15.26 34.20
C THR A 610 20.23 -14.94 35.69
N GLY A 611 20.22 -13.65 36.02
CA GLY A 611 20.34 -13.23 37.40
C GLY A 611 18.99 -13.01 38.05
N LYS A 612 17.98 -12.72 37.23
CA LYS A 612 16.62 -12.54 37.69
C LYS A 612 15.82 -13.84 37.70
N THR A 613 16.48 -14.98 37.52
CA THR A 613 15.78 -16.26 37.51
C THR A 613 15.32 -16.66 38.91
N THR A 614 16.05 -16.25 39.93
CA THR A 614 15.68 -16.57 41.31
C THR A 614 14.59 -15.67 41.86
N VAL A 615 14.35 -14.52 41.22
CA VAL A 615 13.33 -13.60 41.72
C VAL A 615 11.92 -14.11 41.40
N VAL A 616 11.73 -14.71 40.22
CA VAL A 616 10.43 -15.27 39.88
C VAL A 616 10.17 -16.56 40.62
N GLN A 617 11.24 -17.30 40.96
CA GLN A 617 11.07 -18.54 41.73
C GLN A 617 10.79 -18.26 43.19
N GLN A 618 11.13 -17.06 43.69
CA GLN A 618 10.83 -16.74 45.08
C GLN A 618 9.35 -16.50 45.29
N LEU A 619 8.64 -16.04 44.25
CA LEU A 619 7.21 -15.82 44.33
C LEU A 619 6.39 -17.05 43.94
N ALA A 620 7.04 -18.18 43.66
CA ALA A 620 6.33 -19.38 43.29
C ALA A 620 5.65 -20.07 44.47
N LYS A 621 6.15 -19.84 45.69
CA LYS A 621 5.58 -20.47 46.88
C LYS A 621 4.59 -19.57 47.59
N MET A 622 4.87 -18.27 47.66
CA MET A 622 4.04 -17.33 48.40
C MET A 622 2.96 -16.68 47.54
N LEU A 623 2.72 -17.17 46.34
CA LEU A 623 1.71 -16.60 45.45
C LEU A 623 1.14 -17.72 44.58
N ALA A 624 0.42 -17.32 43.54
CA ALA A 624 -0.24 -18.27 42.64
C ALA A 624 0.74 -18.75 41.57
N LYS A 625 0.23 -19.46 40.58
CA LYS A 625 1.05 -20.00 39.51
C LYS A 625 1.46 -18.90 38.53
N LYS A 626 2.66 -19.04 37.99
CA LYS A 626 3.22 -18.07 37.05
C LYS A 626 3.36 -18.70 35.67
N LEU A 627 3.23 -17.85 34.65
CA LEU A 627 3.34 -18.28 33.26
C LEU A 627 4.45 -17.46 32.61
N THR A 628 5.46 -18.15 32.07
CA THR A 628 6.60 -17.51 31.44
C THR A 628 6.54 -17.71 29.94
N VAL A 629 6.57 -16.60 29.19
CA VAL A 629 6.53 -16.62 27.74
C VAL A 629 7.69 -15.78 27.23
N ILE A 630 8.62 -16.42 26.52
CA ILE A 630 9.78 -15.72 25.98
C ILE A 630 9.35 -14.94 24.75
N ASN A 631 9.58 -13.63 24.76
CA ASN A 631 9.18 -12.74 23.69
C ASN A 631 10.36 -12.35 22.79
N VAL A 632 11.31 -13.26 22.59
CA VAL A 632 12.47 -12.96 21.75
C VAL A 632 12.10 -13.04 20.27
N SER A 633 11.14 -13.90 19.92
CA SER A 633 10.73 -14.06 18.53
C SER A 633 9.83 -12.91 18.11
N GLN A 634 10.15 -12.32 16.96
CA GLN A 634 9.37 -11.20 16.43
C GLN A 634 8.09 -11.75 15.81
N GLN A 635 6.99 -11.69 16.56
CA GLN A 635 5.71 -12.17 16.09
C GLN A 635 4.60 -11.44 16.83
N THR A 636 3.48 -11.24 16.14
CA THR A 636 2.31 -10.57 16.71
C THR A 636 1.24 -11.56 17.18
N GLU A 637 1.66 -12.76 17.59
CA GLU A 637 0.74 -13.80 18.05
C GLU A 637 0.45 -13.73 19.54
N THR A 638 0.83 -12.65 20.21
CA THR A 638 0.56 -12.53 21.64
C THR A 638 -0.92 -12.25 21.90
N GLY A 639 -1.49 -11.29 21.18
CA GLY A 639 -2.91 -10.99 21.29
C GLY A 639 -3.73 -11.87 20.37
N ASP A 640 -4.97 -11.44 20.15
CA ASP A 640 -5.87 -12.15 19.25
C ASP A 640 -5.47 -11.89 17.80
N LEU A 641 -5.45 -12.95 16.99
CA LEU A 641 -5.07 -12.85 15.59
C LEU A 641 -6.13 -13.55 14.73
N LEU A 642 -6.03 -13.33 13.42
CA LEU A 642 -6.94 -13.92 12.46
C LEU A 642 -6.12 -14.52 11.32
N GLY A 643 -6.21 -15.83 11.15
CA GLY A 643 -5.47 -16.52 10.11
C GLY A 643 -5.44 -18.02 10.32
N GLY A 644 -5.60 -18.77 9.24
CA GLY A 644 -5.67 -20.21 9.34
C GLY A 644 -5.25 -20.90 8.07
N TYR A 645 -5.71 -22.14 7.93
CA TYR A 645 -5.35 -22.98 6.79
C TYR A 645 -6.59 -23.59 6.14
N LYS A 646 -7.69 -22.83 6.08
CA LYS A 646 -8.92 -23.32 5.48
C LYS A 646 -9.01 -22.84 4.04
N PRO A 647 -9.04 -23.73 3.06
CA PRO A 647 -9.18 -23.30 1.66
C PRO A 647 -10.64 -23.23 1.25
N VAL A 648 -10.85 -22.83 -0.01
CA VAL A 648 -12.20 -22.70 -0.54
C VAL A 648 -12.65 -23.98 -1.25
N ASN A 649 -11.80 -24.53 -2.11
CA ASN A 649 -12.14 -25.73 -2.87
C ASN A 649 -11.78 -27.02 -2.15
N SER A 650 -11.31 -26.94 -0.90
CA SER A 650 -10.94 -28.15 -0.16
C SER A 650 -12.18 -28.93 0.28
N LYS A 651 -13.30 -28.25 0.47
CA LYS A 651 -14.55 -28.92 0.83
C LYS A 651 -15.40 -29.27 -0.38
N THR A 652 -15.11 -28.70 -1.55
CA THR A 652 -15.90 -28.94 -2.75
C THR A 652 -15.61 -30.28 -3.40
N VAL A 653 -14.54 -30.97 -2.99
CA VAL A 653 -14.21 -32.26 -3.58
C VAL A 653 -15.15 -33.36 -3.10
N ALA A 654 -15.76 -33.20 -1.93
CA ALA A 654 -16.69 -34.20 -1.41
C ALA A 654 -18.11 -34.02 -1.93
N VAL A 655 -18.39 -32.93 -2.63
CA VAL A 655 -19.73 -32.67 -3.16
C VAL A 655 -19.99 -33.57 -4.36
N PRO A 656 -19.11 -33.56 -5.37
CA PRO A 656 -19.33 -34.43 -6.53
C PRO A 656 -18.92 -35.87 -6.31
N ILE A 657 -18.09 -36.16 -5.30
CA ILE A 657 -17.66 -37.54 -5.07
C ILE A 657 -18.73 -38.33 -4.33
N GLN A 658 -19.55 -37.65 -3.51
CA GLN A 658 -20.60 -38.36 -2.77
C GLN A 658 -21.78 -38.72 -3.66
N GLU A 659 -22.01 -37.96 -4.74
CA GLU A 659 -23.13 -38.26 -5.64
C GLU A 659 -22.83 -39.47 -6.51
N ASN A 660 -21.58 -39.62 -6.96
CA ASN A 660 -21.23 -40.77 -7.79
C ASN A 660 -21.07 -42.04 -6.97
N PHE A 661 -20.64 -41.92 -5.71
CA PHE A 661 -20.46 -43.09 -4.86
C PHE A 661 -21.78 -43.61 -4.29
N GLU A 662 -22.84 -42.82 -4.33
CA GLU A 662 -24.12 -43.24 -3.79
C GLU A 662 -25.04 -43.86 -4.85
N THR A 663 -24.94 -43.39 -6.10
CA THR A 663 -25.78 -43.89 -7.18
C THR A 663 -24.95 -44.87 -8.01
N LEU A 664 -24.99 -46.14 -7.60
CA LEU A 664 -24.25 -47.19 -8.31
C LEU A 664 -25.02 -47.77 -9.48
N PHE A 665 -26.30 -47.41 -9.64
CA PHE A 665 -27.12 -47.92 -10.74
C PHE A 665 -27.06 -47.02 -11.98
N ASN A 666 -26.06 -46.14 -12.06
CA ASN A 666 -25.91 -45.27 -13.21
C ASN A 666 -25.18 -46.00 -14.34
N ALA A 667 -24.98 -45.30 -15.45
CA ALA A 667 -24.29 -45.89 -16.59
C ALA A 667 -22.79 -45.95 -16.37
N THR A 668 -22.21 -44.88 -15.82
CA THR A 668 -20.77 -44.74 -15.52
C THR A 668 -19.91 -44.95 -16.77
N PHE A 669 -20.37 -44.44 -17.91
CA PHE A 669 -19.64 -44.52 -19.16
C PHE A 669 -19.28 -43.16 -19.72
N SER A 670 -20.21 -42.20 -19.67
CA SER A 670 -19.94 -40.83 -20.07
C SER A 670 -19.62 -39.93 -18.89
N LEU A 671 -20.23 -40.18 -17.73
CA LEU A 671 -19.94 -39.41 -16.53
C LEU A 671 -18.66 -39.87 -15.83
N LYS A 672 -18.08 -40.99 -16.25
CA LYS A 672 -16.81 -41.43 -15.67
C LYS A 672 -15.66 -40.53 -16.10
N LYS A 673 -15.73 -39.98 -17.31
CA LYS A 673 -14.72 -39.02 -17.75
C LYS A 673 -14.92 -37.66 -17.11
N ASN A 674 -16.17 -37.31 -16.78
CA ASN A 674 -16.42 -36.06 -16.08
C ASN A 674 -15.99 -36.12 -14.62
N GLU A 675 -16.07 -37.31 -14.01
CA GLU A 675 -15.62 -37.46 -12.63
C GLU A 675 -14.10 -37.43 -12.52
N LYS A 676 -13.39 -37.85 -13.58
CA LYS A 676 -11.94 -37.77 -13.58
C LYS A 676 -11.44 -36.34 -13.75
N PHE A 677 -12.27 -35.45 -14.31
CA PHE A 677 -11.89 -34.05 -14.44
C PHE A 677 -11.93 -33.31 -13.11
N HIS A 678 -12.66 -33.85 -12.12
CA HIS A 678 -12.70 -33.21 -10.81
C HIS A 678 -11.40 -33.40 -10.04
N LYS A 679 -10.71 -34.52 -10.26
CA LYS A 679 -9.40 -34.71 -9.64
C LYS A 679 -8.33 -33.86 -10.32
N MET A 680 -8.47 -33.63 -11.63
CA MET A 680 -7.55 -32.73 -12.33
C MET A 680 -7.84 -31.27 -12.02
N LEU A 681 -9.09 -30.95 -11.67
CA LEU A 681 -9.43 -29.59 -11.27
C LEU A 681 -8.90 -29.24 -9.88
N HIS A 682 -8.61 -30.25 -9.06
CA HIS A 682 -8.02 -30.02 -7.75
C HIS A 682 -6.50 -29.83 -7.80
N ARG A 683 -5.91 -29.86 -8.98
CA ARG A 683 -4.48 -29.69 -9.14
C ARG A 683 -4.08 -28.24 -9.42
N CYS A 684 -4.92 -27.27 -9.05
CA CYS A 684 -4.55 -25.87 -9.19
C CYS A 684 -3.46 -25.50 -8.19
N PHE A 685 -3.75 -25.62 -6.90
CA PHE A 685 -2.71 -25.61 -5.89
C PHE A 685 -1.99 -26.95 -5.92
N ASN A 686 -0.67 -26.94 -5.71
CA ASN A 686 0.15 -28.13 -5.92
C ASN A 686 -0.17 -29.25 -4.94
N LYS A 687 0.18 -29.07 -3.66
CA LYS A 687 -0.02 -30.03 -2.58
C LYS A 687 0.43 -31.44 -2.97
N ASN A 688 1.76 -31.59 -3.09
CA ASN A 688 2.47 -32.46 -4.03
C ASN A 688 1.87 -33.84 -4.27
N GLN A 689 1.77 -34.66 -3.22
CA GLN A 689 1.03 -35.93 -3.18
C GLN A 689 1.49 -36.89 -4.28
N TRP A 690 2.75 -37.31 -4.16
CA TRP A 690 3.35 -38.21 -5.15
C TRP A 690 2.71 -39.59 -5.15
N LYS A 691 2.08 -40.00 -4.05
CA LYS A 691 1.35 -41.25 -4.01
C LYS A 691 -0.06 -41.14 -4.58
N ASN A 692 -0.53 -39.92 -4.89
CA ASN A 692 -1.87 -39.76 -5.43
C ASN A 692 -1.92 -40.02 -6.93
N VAL A 693 -0.87 -39.63 -7.67
CA VAL A 693 -0.84 -39.88 -9.10
C VAL A 693 -0.56 -41.34 -9.39
N VAL A 694 0.16 -42.03 -8.50
CA VAL A 694 0.40 -43.45 -8.67
C VAL A 694 -0.86 -44.24 -8.35
N LYS A 695 -1.69 -43.74 -7.44
CA LYS A 695 -2.95 -44.39 -7.11
C LYS A 695 -4.07 -44.04 -8.10
N LEU A 696 -3.83 -43.10 -9.01
CA LEU A 696 -4.81 -42.73 -10.02
C LEU A 696 -4.48 -43.25 -11.41
N TRP A 697 -3.20 -43.43 -11.73
CA TRP A 697 -2.82 -43.92 -13.04
C TRP A 697 -2.89 -45.44 -13.13
N ASN A 698 -2.53 -46.14 -12.06
CA ASN A 698 -2.56 -47.60 -12.08
C ASN A 698 -3.98 -48.14 -11.99
N GLU A 699 -4.86 -47.45 -11.25
CA GLU A 699 -6.24 -47.89 -11.15
C GLU A 699 -7.03 -47.58 -12.41
N ALA A 700 -6.62 -46.57 -13.16
CA ALA A 700 -7.29 -46.27 -14.43
C ALA A 700 -6.88 -47.26 -15.51
N TYR A 701 -5.68 -47.84 -15.41
CA TYR A 701 -5.25 -48.83 -16.38
C TYR A 701 -5.77 -50.22 -16.04
N LYS A 702 -5.74 -50.59 -14.76
CA LYS A 702 -6.23 -51.89 -14.33
C LYS A 702 -7.75 -51.89 -14.17
N LEU A 735 -13.22 -53.50 -10.70
CA LEU A 735 -13.51 -53.10 -9.33
C LEU A 735 -12.51 -52.05 -8.84
N LEU A 736 -11.58 -51.67 -9.72
CA LEU A 736 -10.56 -50.69 -9.37
C LEU A 736 -11.12 -49.26 -9.34
N ASP A 737 -12.25 -49.01 -10.00
CA ASP A 737 -12.83 -47.68 -10.00
C ASP A 737 -13.50 -47.36 -8.67
N LYS A 738 -14.13 -48.36 -8.05
CA LYS A 738 -14.79 -48.12 -6.77
C LYS A 738 -13.79 -48.01 -5.64
N TRP A 739 -12.67 -48.71 -5.72
CA TRP A 739 -11.64 -48.63 -4.69
C TRP A 739 -10.84 -47.34 -4.79
N ALA A 740 -10.66 -46.81 -6.00
CA ALA A 740 -9.95 -45.55 -6.16
C ALA A 740 -10.80 -44.35 -5.76
N ASP A 741 -12.13 -44.48 -5.85
CA ASP A 741 -13.00 -43.39 -5.44
C ASP A 741 -13.07 -43.27 -3.92
N PHE A 742 -13.06 -44.40 -3.22
CA PHE A 742 -13.09 -44.37 -1.76
C PHE A 742 -11.73 -44.03 -1.17
N ASN A 743 -10.65 -44.31 -1.88
CA ASN A 743 -9.32 -43.96 -1.40
C ASN A 743 -9.05 -42.47 -1.54
N ASP A 744 -9.54 -41.85 -2.61
CA ASP A 744 -9.36 -40.41 -2.78
C ASP A 744 -10.30 -39.63 -1.88
N SER A 745 -11.49 -40.18 -1.58
CA SER A 745 -12.41 -39.49 -0.68
C SER A 745 -11.94 -39.56 0.77
N VAL A 746 -11.30 -40.67 1.15
CA VAL A 746 -10.75 -40.79 2.50
C VAL A 746 -9.49 -39.94 2.64
N LYS A 747 -8.77 -39.72 1.55
CA LYS A 747 -7.59 -38.87 1.58
C LYS A 747 -7.95 -37.39 1.69
N LYS A 748 -9.16 -37.01 1.29
CA LYS A 748 -9.58 -35.61 1.39
C LYS A 748 -9.85 -35.22 2.84
N PHE A 749 -10.29 -36.17 3.67
CA PHE A 749 -10.56 -35.90 5.09
C PHE A 749 -9.34 -36.21 5.95
N GLU A 750 -8.21 -35.63 5.59
CA GLU A 750 -6.96 -35.82 6.35
C GLU A 750 -6.45 -34.52 6.96
N ALA A 751 -6.30 -33.48 6.13
CA ALA A 751 -5.82 -32.20 6.63
C ALA A 751 -6.21 -31.03 5.72
N GLN A 752 -6.14 -29.83 6.25
CA GLN A 752 -6.47 -28.63 5.50
C GLN A 752 -5.21 -27.80 5.25
N SER A 753 -5.21 -27.06 4.14
CA SER A 753 -4.05 -26.24 3.78
C SER A 753 -4.45 -24.90 3.17
N SER A 754 -3.45 -24.10 2.82
CA SER A 754 -3.68 -22.78 2.22
C SER A 754 -3.35 -22.80 0.73
N SER A 755 -2.06 -22.71 0.42
CA SER A 755 -1.57 -22.72 -0.96
C SER A 755 -2.31 -21.76 -1.87
N ILE A 756 -3.41 -22.23 -2.47
CA ILE A 756 -4.23 -21.43 -3.38
C ILE A 756 -4.57 -20.05 -2.81
N GLU A 757 -4.44 -19.04 -3.65
CA GLU A 757 -4.71 -17.65 -3.26
C GLU A 757 -6.13 -17.44 -2.75
N ASN A 758 -7.11 -17.49 -3.64
CA ASN A 758 -8.50 -17.30 -3.22
C ASN A 758 -8.79 -17.93 -1.86
N SER A 759 -8.13 -17.41 -0.84
CA SER A 759 -8.28 -17.93 0.52
C SER A 759 -9.32 -17.07 1.23
N PHE A 760 -10.58 -17.44 1.11
CA PHE A 760 -11.70 -16.70 1.67
C PHE A 760 -12.23 -17.33 2.95
N VAL A 761 -11.36 -17.88 3.78
CA VAL A 761 -11.74 -18.49 5.04
C VAL A 761 -10.60 -18.34 6.03
N PHE A 762 -10.96 -18.18 7.30
CA PHE A 762 -9.96 -18.05 8.37
C PHE A 762 -10.58 -18.50 9.67
N ASN A 763 -9.72 -18.78 10.65
CA ASN A 763 -10.15 -19.19 11.98
C ASN A 763 -9.45 -18.33 13.01
N PHE A 764 -10.23 -17.64 13.84
CA PHE A 764 -9.68 -16.74 14.85
C PHE A 764 -9.11 -17.55 16.00
N VAL A 765 -7.83 -17.35 16.28
CA VAL A 765 -7.13 -18.04 17.36
C VAL A 765 -6.86 -17.05 18.49
N GLU A 766 -6.77 -17.58 19.71
CA GLU A 766 -6.53 -16.76 20.89
C GLU A 766 -5.09 -16.93 21.34
N GLY A 767 -4.44 -15.81 21.68
CA GLY A 767 -3.07 -15.84 22.13
C GLY A 767 -2.93 -16.35 23.56
N SER A 768 -1.67 -16.57 23.94
CA SER A 768 -1.39 -17.07 25.29
C SER A 768 -1.57 -15.99 26.35
N LEU A 769 -1.49 -14.71 25.98
CA LEU A 769 -1.65 -13.64 26.96
C LEU A 769 -3.10 -13.35 27.30
N VAL A 770 -4.05 -13.83 26.49
CA VAL A 770 -5.46 -13.57 26.76
C VAL A 770 -5.97 -14.43 27.92
N LYS A 771 -5.38 -15.62 28.11
CA LYS A 771 -5.82 -16.48 29.20
C LYS A 771 -5.28 -16.01 30.54
N THR A 772 -4.02 -15.58 30.58
CA THR A 772 -3.41 -15.14 31.84
C THR A 772 -3.93 -13.77 32.29
N ILE A 773 -4.41 -12.95 31.36
CA ILE A 773 -4.91 -11.64 31.73
C ILE A 773 -6.30 -11.75 32.35
N ARG A 774 -7.06 -12.79 32.00
CA ARG A 774 -8.40 -12.96 32.57
C ARG A 774 -8.33 -13.51 34.00
N ALA A 775 -7.47 -14.50 34.23
CA ALA A 775 -7.31 -15.08 35.55
C ALA A 775 -6.41 -14.18 36.40
N GLY A 776 -6.24 -14.58 37.66
CA GLY A 776 -5.42 -13.85 38.60
C GLY A 776 -3.94 -14.19 38.61
N GLU A 777 -3.46 -14.90 37.59
CA GLU A 777 -2.07 -15.29 37.53
C GLU A 777 -1.19 -14.12 37.07
N TRP A 778 0.11 -14.37 37.05
CA TRP A 778 1.09 -13.37 36.64
C TRP A 778 1.70 -13.74 35.30
N LEU A 779 2.06 -12.72 34.53
CA LEU A 779 2.63 -12.88 33.20
C LEU A 779 4.07 -12.41 33.21
N LEU A 780 4.99 -13.34 32.98
CA LEU A 780 6.42 -13.04 32.95
C LEU A 780 6.90 -12.98 31.51
N LEU A 781 7.59 -11.89 31.16
CA LEU A 781 8.17 -11.71 29.83
C LEU A 781 9.67 -11.96 29.93
N ASP A 782 10.12 -13.06 29.33
CA ASP A 782 11.52 -13.45 29.38
C ASP A 782 12.28 -12.69 28.30
N GLU A 783 13.07 -11.70 28.73
CA GLU A 783 13.94 -10.87 27.86
C GLU A 783 13.12 -10.15 26.77
N VAL A 784 12.16 -9.35 27.20
CA VAL A 784 11.33 -8.58 26.28
C VAL A 784 12.15 -7.36 25.86
N ASN A 785 12.69 -7.40 24.64
CA ASN A 785 13.55 -6.34 24.12
C ASN A 785 13.05 -5.94 22.73
N LEU A 786 12.10 -5.00 22.70
CA LEU A 786 11.60 -4.34 21.48
C LEU A 786 11.01 -5.33 20.47
N ALA A 787 10.17 -6.24 20.97
CA ALA A 787 9.49 -7.18 20.09
C ALA A 787 8.24 -6.55 19.48
N THR A 788 7.28 -6.19 20.33
CA THR A 788 6.04 -5.55 19.87
C THR A 788 5.55 -4.67 21.02
N ALA A 789 5.87 -3.39 20.97
CA ALA A 789 5.54 -2.45 22.04
C ALA A 789 4.20 -1.77 21.86
N ASP A 790 3.39 -2.21 20.90
CA ASP A 790 2.10 -1.58 20.66
C ASP A 790 1.02 -2.17 21.57
N THR A 791 0.85 -3.50 21.53
CA THR A 791 -0.17 -4.14 22.35
C THR A 791 0.23 -4.21 23.82
N LEU A 792 1.51 -4.10 24.13
CA LEU A 792 1.97 -4.12 25.51
C LEU A 792 1.83 -2.77 26.20
N GLU A 793 1.48 -1.71 25.46
CA GLU A 793 1.35 -0.38 26.08
C GLU A 793 0.05 -0.26 26.85
N SER A 794 -1.07 -0.70 26.26
CA SER A 794 -2.36 -0.61 26.92
C SER A 794 -2.53 -1.66 28.00
N ILE A 795 -1.83 -2.79 27.91
CA ILE A 795 -1.93 -3.82 28.94
C ILE A 795 -1.12 -3.47 30.17
N SER A 796 -0.16 -2.55 30.06
CA SER A 796 0.66 -2.17 31.21
C SER A 796 -0.13 -1.28 32.17
N ASP A 797 -0.94 -0.38 31.63
CA ASP A 797 -1.82 0.46 32.43
C ASP A 797 -3.21 -0.14 32.60
N LEU A 798 -3.41 -1.40 32.18
CA LEU A 798 -4.70 -2.04 32.32
C LEU A 798 -4.99 -2.43 33.75
N LEU A 799 -3.96 -2.76 34.53
CA LEU A 799 -4.09 -3.10 35.94
C LEU A 799 -3.81 -1.92 36.86
N THR A 800 -4.10 -0.70 36.40
CA THR A 800 -3.88 0.50 37.19
C THR A 800 -5.06 0.71 38.14
N GLU A 801 -5.13 1.91 38.73
CA GLU A 801 -6.22 2.28 39.62
C GLU A 801 -7.52 2.41 38.84
N PRO A 802 -7.46 2.77 37.56
CA PRO A 802 -8.70 2.89 36.77
C PRO A 802 -9.25 1.53 36.39
N ASP A 803 -10.59 1.45 36.35
CA ASP A 803 -11.30 0.23 35.97
C ASP A 803 -11.80 0.31 34.54
N SER A 804 -11.01 0.92 33.65
CA SER A 804 -11.42 1.13 32.26
C SER A 804 -11.22 -0.14 31.44
N ARG A 805 -11.28 -0.01 30.11
CA ARG A 805 -11.13 -1.14 29.21
C ARG A 805 -9.69 -1.65 29.25
N SER A 806 -9.51 -2.89 29.70
CA SER A 806 -8.16 -3.44 29.87
C SER A 806 -7.55 -3.80 28.53
N ILE A 807 -8.17 -4.74 27.81
CA ILE A 807 -7.70 -5.20 26.51
C ILE A 807 -8.85 -5.11 25.52
N LEU A 808 -8.58 -4.53 24.36
CA LEU A 808 -9.57 -4.38 23.30
C LEU A 808 -9.22 -5.35 22.18
N LEU A 809 -9.97 -6.44 22.08
CA LEU A 809 -9.73 -7.46 21.05
C LEU A 809 -11.04 -8.16 20.74
N SER A 810 -11.42 -8.17 19.48
CA SER A 810 -12.66 -8.81 19.06
C SER A 810 -12.55 -9.34 17.63
N ALA A 815 -14.09 -13.50 19.17
CA ALA A 815 -14.07 -12.24 19.90
C ALA A 815 -13.89 -12.48 21.39
N GLU A 816 -12.68 -12.28 21.89
CA GLU A 816 -12.34 -12.48 23.30
C GLU A 816 -11.73 -11.19 23.82
N PRO A 817 -12.46 -10.50 24.70
CA PRO A 817 -12.00 -9.26 25.30
C PRO A 817 -11.99 -9.39 26.82
N ILE A 818 -10.97 -8.80 27.44
CA ILE A 818 -10.82 -8.83 28.90
C ILE A 818 -11.39 -7.54 29.48
N LYS A 819 -12.14 -7.68 30.57
CA LYS A 819 -12.75 -6.52 31.21
C LYS A 819 -11.75 -5.77 32.07
N ALA A 820 -11.21 -6.44 33.09
CA ALA A 820 -10.25 -5.83 34.00
C ALA A 820 -9.35 -6.92 34.57
N HIS A 821 -8.58 -6.56 35.59
CA HIS A 821 -7.68 -7.50 36.23
C HIS A 821 -7.67 -7.27 37.74
N PRO A 822 -8.12 -8.23 38.54
CA PRO A 822 -8.11 -8.04 39.99
C PRO A 822 -6.74 -8.23 40.61
N ASP A 823 -5.96 -9.17 40.07
CA ASP A 823 -4.64 -9.46 40.60
C ASP A 823 -3.59 -9.76 39.53
N PHE A 824 -3.91 -9.62 38.25
CA PHE A 824 -2.95 -9.93 37.19
C PHE A 824 -1.91 -8.82 37.10
N ARG A 825 -0.63 -9.21 37.19
CA ARG A 825 0.47 -8.27 37.16
C ARG A 825 1.51 -8.74 36.14
N ILE A 826 2.07 -7.77 35.41
CA ILE A 826 3.08 -8.07 34.39
C ILE A 826 4.46 -7.87 34.97
N PHE A 827 5.42 -8.67 34.48
CA PHE A 827 6.80 -8.61 34.94
C PHE A 827 7.72 -8.79 33.74
N ALA A 828 8.70 -7.90 33.60
CA ALA A 828 9.64 -7.94 32.51
C ALA A 828 11.06 -7.91 33.05
N CYS A 829 11.97 -8.55 32.32
CA CYS A 829 13.38 -8.61 32.68
C CYS A 829 14.20 -8.11 31.49
N MET A 830 15.06 -7.12 31.75
CA MET A 830 15.92 -6.54 30.72
C MET A 830 17.32 -7.13 30.86
N ASN A 831 17.70 -7.97 29.90
CA ASN A 831 19.05 -8.56 29.95
C ASN A 831 20.10 -7.54 29.55
N PRO A 832 20.05 -6.95 28.36
CA PRO A 832 21.08 -5.98 27.96
C PRO A 832 20.66 -4.55 28.29
N ALA A 833 21.62 -3.64 28.08
CA ALA A 833 21.39 -2.22 28.27
C ALA A 833 22.12 -1.45 27.18
N THR A 834 21.48 -0.36 26.73
CA THR A 834 21.97 0.53 25.66
C THR A 834 22.24 -0.23 24.37
N ASP A 835 21.35 -1.17 24.05
CA ASP A 835 21.46 -1.96 22.83
C ASP A 835 20.69 -1.26 21.70
N VAL A 836 20.49 -1.97 20.58
CA VAL A 836 19.77 -1.40 19.46
C VAL A 836 18.28 -1.32 19.77
N GLY A 837 17.70 -2.42 20.26
CA GLY A 837 16.31 -2.45 20.63
C GLY A 837 16.09 -2.12 22.09
N LYS A 838 16.58 -0.97 22.54
CA LYS A 838 16.48 -0.54 23.93
C LYS A 838 15.35 0.47 24.14
N ARG A 839 14.24 0.32 23.42
CA ARG A 839 13.12 1.25 23.48
C ARG A 839 12.16 0.96 24.62
N ASP A 840 12.58 0.20 25.63
CA ASP A 840 11.74 -0.08 26.78
C ASP A 840 11.76 1.04 27.81
N LEU A 841 12.78 1.89 27.79
CA LEU A 841 12.88 3.00 28.73
C LEU A 841 11.93 4.12 28.36
N PRO A 842 11.74 4.39 27.06
CA PRO A 842 10.82 5.47 26.67
C PRO A 842 9.35 5.11 26.87
N MET A 843 8.99 3.85 26.61
CA MET A 843 7.65 3.38 26.91
C MET A 843 7.45 3.09 28.39
N GLY A 844 8.55 2.95 29.14
CA GLY A 844 8.43 2.68 30.56
C GLY A 844 8.00 3.88 31.37
N ILE A 845 8.32 5.08 30.89
CA ILE A 845 7.87 6.29 31.58
C ILE A 845 6.39 6.53 31.34
N ARG A 846 5.90 6.18 30.14
CA ARG A 846 4.48 6.29 29.85
C ARG A 846 3.66 5.18 30.48
N SER A 847 4.29 4.06 30.82
CA SER A 847 3.62 2.95 31.48
C SER A 847 3.95 2.87 32.97
N ARG A 848 4.71 3.85 33.49
CA ARG A 848 5.12 3.93 34.90
C ARG A 848 5.88 2.68 35.35
N PHE A 849 6.79 2.21 34.51
CA PHE A 849 7.57 1.02 34.82
C PHE A 849 8.72 1.39 35.74
N THR A 850 8.68 0.87 36.97
CA THR A 850 9.74 1.12 37.95
C THR A 850 10.95 0.27 37.60
N GLU A 851 12.09 0.93 37.41
CA GLU A 851 13.33 0.26 37.03
C GLU A 851 14.16 -0.03 38.27
N ILE A 852 14.52 -1.29 38.47
CA ILE A 852 15.34 -1.72 39.61
C ILE A 852 16.59 -2.38 39.04
N TYR A 853 17.73 -1.72 39.22
CA TYR A 853 19.01 -2.22 38.71
C TYR A 853 19.73 -2.96 39.83
N VAL A 854 19.72 -4.29 39.76
CA VAL A 854 20.36 -5.13 40.76
C VAL A 854 21.04 -6.28 40.02
N HIS A 855 22.37 -6.24 39.96
CA HIS A 855 23.14 -7.31 39.32
C HIS A 855 23.64 -8.33 40.33
N SER A 856 24.28 -7.85 41.41
CA SER A 856 24.90 -8.59 42.50
C SER A 856 25.88 -9.64 42.00
N PRO A 857 26.71 -9.30 41.00
CA PRO A 857 27.79 -10.21 40.61
C PRO A 857 29.10 -9.83 41.29
N GLU A 858 29.83 -10.84 41.79
CA GLU A 858 31.08 -10.67 42.54
C GLU A 858 30.90 -9.72 43.73
N ARG A 859 29.86 -9.99 44.52
CA ARG A 859 29.49 -9.14 45.65
C ARG A 859 30.35 -9.49 46.86
N ASP A 860 29.94 -8.99 48.03
CA ASP A 860 30.64 -9.31 49.27
C ASP A 860 30.41 -10.76 49.67
N ILE A 861 31.25 -11.25 50.57
CA ILE A 861 31.21 -12.66 50.97
C ILE A 861 30.19 -12.76 52.08
N THR A 862 28.91 -12.81 51.68
CA THR A 862 27.81 -13.04 52.60
C THR A 862 26.78 -14.03 52.09
N ASP A 863 26.66 -14.22 50.77
CA ASP A 863 25.72 -15.18 50.21
C ASP A 863 26.37 -16.11 49.21
N LEU A 864 27.68 -15.99 48.97
CA LEU A 864 28.36 -16.91 48.06
C LEU A 864 28.48 -18.30 48.67
N LEU A 865 28.70 -18.37 49.98
CA LEU A 865 28.69 -19.67 50.66
C LEU A 865 27.27 -20.22 50.76
N SER A 866 26.27 -19.34 50.82
CA SER A 866 24.89 -19.79 50.81
C SER A 866 24.47 -20.23 49.42
N ILE A 867 25.04 -19.63 48.37
CA ILE A 867 24.78 -20.10 47.02
C ILE A 867 25.52 -21.40 46.75
N ILE A 868 26.64 -21.62 47.44
CA ILE A 868 27.40 -22.86 47.33
C ILE A 868 27.04 -23.84 48.45
N ASP A 869 25.92 -23.61 49.13
CA ASP A 869 25.50 -24.46 50.24
C ASP A 869 24.72 -25.70 49.77
N LYS A 870 24.65 -25.96 48.47
CA LYS A 870 23.96 -27.14 47.97
C LYS A 870 24.73 -28.42 48.26
N TYR A 871 26.05 -28.33 48.43
CA TYR A 871 26.87 -29.50 48.75
C TYR A 871 26.96 -29.69 50.26
N ILE A 872 27.06 -30.94 50.67
CA ILE A 872 27.17 -31.26 52.10
C ILE A 872 28.56 -30.93 52.61
N GLY A 873 29.57 -31.59 52.06
CA GLY A 873 30.96 -31.31 52.43
C GLY A 873 31.37 -31.96 53.74
N LYS A 874 30.88 -31.39 54.85
CA LYS A 874 31.17 -31.84 56.22
C LYS A 874 32.67 -31.85 56.51
N TYR A 875 33.37 -30.81 56.06
CA TYR A 875 34.80 -30.70 56.25
C TYR A 875 35.17 -29.23 56.34
N SER A 876 36.47 -28.93 56.22
CA SER A 876 36.96 -27.56 56.30
C SER A 876 37.02 -26.95 54.89
N VAL A 877 35.82 -26.74 54.34
CA VAL A 877 35.69 -26.13 53.02
C VAL A 877 35.80 -24.62 53.18
N SER A 878 36.73 -24.00 52.47
CA SER A 878 36.95 -22.58 52.59
C SER A 878 35.85 -21.80 51.87
N ASP A 879 35.81 -20.49 52.12
CA ASP A 879 34.81 -19.61 51.52
C ASP A 879 35.19 -19.15 50.12
N GLU A 880 36.33 -19.58 49.60
CA GLU A 880 36.77 -19.20 48.26
C GLU A 880 36.30 -20.17 47.18
N TRP A 881 35.20 -20.89 47.43
CA TRP A 881 34.64 -21.76 46.41
C TRP A 881 34.02 -20.94 45.29
N VAL A 882 33.09 -20.04 45.64
CA VAL A 882 32.57 -19.08 44.67
C VAL A 882 33.40 -17.80 44.63
N GLY A 883 34.29 -17.60 45.61
CA GLY A 883 35.13 -16.42 45.59
C GLY A 883 36.24 -16.48 44.57
N ASN A 884 36.78 -17.67 44.31
CA ASN A 884 37.78 -17.82 43.25
C ASN A 884 37.14 -17.69 41.88
N ASP A 885 35.85 -18.04 41.75
CA ASP A 885 35.14 -17.79 40.50
C ASP A 885 34.88 -16.30 40.30
N ILE A 886 34.73 -15.55 41.40
CA ILE A 886 34.60 -14.10 41.30
C ILE A 886 35.96 -13.42 41.20
N ALA A 887 37.03 -14.06 41.69
CA ALA A 887 38.36 -13.47 41.58
C ALA A 887 38.87 -13.53 40.14
N GLU A 888 38.57 -14.62 39.44
CA GLU A 888 38.92 -14.70 38.02
C GLU A 888 37.99 -13.84 37.17
N LEU A 889 36.76 -13.59 37.65
CA LEU A 889 35.83 -12.75 36.92
C LEU A 889 36.18 -11.28 37.00
N TYR A 890 36.97 -10.87 38.00
CA TYR A 890 37.39 -9.47 38.09
C TYR A 890 38.43 -9.14 37.03
N LEU A 891 39.35 -10.06 36.76
CA LEU A 891 40.37 -9.89 35.73
C LEU A 891 40.01 -10.61 34.44
N GLU A 892 38.74 -10.97 34.26
CA GLU A 892 38.33 -11.67 33.03
C GLU A 892 38.26 -10.72 31.85
N ALA A 893 37.98 -9.44 32.09
CA ALA A 893 37.90 -8.44 31.04
C ALA A 893 39.11 -7.51 31.00
N LYS A 894 39.99 -7.57 32.01
CA LYS A 894 41.15 -6.67 32.04
C LYS A 894 42.31 -7.23 31.22
N LYS A 895 42.85 -8.38 31.64
CA LYS A 895 44.04 -8.92 30.99
C LYS A 895 43.96 -10.43 30.78
N LEU A 896 42.76 -10.96 30.56
CA LEU A 896 42.60 -12.40 30.33
C LEU A 896 42.65 -12.73 28.84
N SER A 897 43.65 -12.18 28.15
CA SER A 897 44.09 -12.53 26.79
C SER A 897 43.11 -12.19 25.67
N ASP A 898 41.89 -11.74 26.02
CA ASP A 898 40.82 -11.38 25.08
C ASP A 898 40.53 -12.50 24.07
N ASN A 899 40.22 -13.68 24.60
CA ASN A 899 40.14 -14.90 23.78
C ASN A 899 38.75 -15.10 23.18
N ASN A 900 38.21 -14.04 22.56
CA ASN A 900 36.93 -14.08 21.87
C ASN A 900 36.84 -12.87 20.96
N THR A 901 35.77 -12.82 20.17
CA THR A 901 35.45 -11.62 19.41
C THR A 901 34.68 -10.60 20.22
N ILE A 902 34.30 -10.94 21.45
CA ILE A 902 33.55 -10.07 22.35
C ILE A 902 34.20 -10.16 23.73
N VAL A 903 33.59 -9.51 24.72
CA VAL A 903 34.06 -9.54 26.09
C VAL A 903 33.86 -10.93 26.68
N ASP A 904 34.50 -11.20 27.82
CA ASP A 904 34.51 -12.54 28.40
C ASP A 904 33.16 -12.95 28.97
N GLY A 905 32.27 -12.01 29.23
CA GLY A 905 30.94 -12.34 29.72
C GLY A 905 30.90 -12.78 31.16
N SER A 906 31.30 -11.89 32.06
CA SER A 906 31.21 -12.17 33.49
C SER A 906 29.80 -12.06 34.04
N ASN A 907 28.88 -11.44 33.29
CA ASN A 907 27.50 -11.35 33.74
C ASN A 907 26.79 -12.69 33.63
N GLN A 908 27.21 -13.54 32.70
CA GLN A 908 26.67 -14.88 32.56
C GLN A 908 27.60 -15.96 33.09
N LYS A 909 28.82 -15.61 33.49
CA LYS A 909 29.77 -16.57 34.04
C LYS A 909 29.33 -16.98 35.43
N PRO A 910 28.69 -16.10 36.20
CA PRO A 910 28.18 -16.51 37.51
C PRO A 910 26.97 -17.43 37.42
N HIS A 911 26.15 -17.29 36.37
CA HIS A 911 25.07 -18.24 36.15
C HIS A 911 25.60 -19.58 35.69
N PHE A 912 26.70 -19.59 34.93
CA PHE A 912 27.35 -20.84 34.56
C PHE A 912 28.15 -21.43 35.72
N SER A 913 28.58 -20.59 36.66
CA SER A 913 29.26 -21.11 37.85
C SER A 913 28.29 -21.82 38.78
N ILE A 914 27.05 -21.36 38.85
CA ILE A 914 26.05 -22.07 39.62
C ILE A 914 25.60 -23.33 38.88
N ARG A 915 25.61 -23.29 37.54
CA ARG A 915 25.27 -24.47 36.76
C ARG A 915 26.40 -25.49 36.76
N THR A 916 27.64 -25.07 36.99
CA THR A 916 28.75 -26.00 37.10
C THR A 916 28.73 -26.79 38.39
N LEU A 917 28.04 -26.28 39.42
CA LEU A 917 27.91 -27.01 40.68
C LEU A 917 26.97 -28.21 40.54
N THR A 918 26.06 -28.18 39.56
CA THR A 918 25.19 -29.33 39.33
C THR A 918 25.94 -30.48 38.67
N ARG A 919 27.05 -30.18 38.00
CA ARG A 919 27.87 -31.23 37.39
C ARG A 919 28.61 -32.06 38.41
N THR A 920 28.82 -31.53 39.62
CA THR A 920 29.40 -32.30 40.71
C THR A 920 28.37 -33.18 41.41
N LEU A 921 27.10 -33.07 41.03
CA LEU A 921 26.01 -33.89 41.56
C LEU A 921 25.30 -34.57 40.39
N LEU A 922 24.18 -35.22 40.70
CA LEU A 922 23.35 -35.99 39.75
C LEU A 922 24.16 -37.08 39.07
N TYR A 923 25.00 -37.76 39.83
CA TYR A 923 25.86 -38.83 39.32
C TYR A 923 26.06 -39.85 40.41
N VAL A 924 27.00 -40.77 40.19
CA VAL A 924 27.32 -41.80 41.17
C VAL A 924 28.22 -41.20 42.25
N THR A 925 28.40 -41.92 43.35
CA THR A 925 29.23 -41.46 44.46
C THR A 925 30.70 -41.60 44.07
N ASP A 926 31.19 -40.61 43.32
CA ASP A 926 32.57 -40.57 42.89
C ASP A 926 33.41 -39.81 43.92
N ILE A 927 34.65 -39.48 43.56
CA ILE A 927 35.53 -38.72 44.45
C ILE A 927 35.04 -37.27 44.47
N ILE A 928 34.53 -36.83 45.61
CA ILE A 928 33.99 -35.48 45.73
C ILE A 928 35.11 -34.44 45.76
N HIS A 929 36.28 -34.81 46.29
CA HIS A 929 37.41 -33.89 46.32
C HIS A 929 38.04 -33.73 44.94
N ILE A 930 37.92 -34.75 44.09
CA ILE A 930 38.46 -34.64 42.73
C ILE A 930 37.45 -34.02 41.78
N TYR A 931 36.15 -34.29 41.96
CA TYR A 931 35.13 -33.70 41.11
C TYR A 931 34.89 -32.22 41.43
N GLY A 932 35.31 -31.77 42.61
CA GLY A 932 35.19 -30.35 42.95
C GLY A 932 36.10 -29.46 42.16
N LEU A 933 37.20 -30.00 41.63
CA LEU A 933 38.11 -29.26 40.76
C LEU A 933 38.03 -29.74 39.31
N ARG A 934 37.22 -30.76 39.02
CA ARG A 934 37.08 -31.28 37.66
C ARG A 934 35.95 -30.60 36.90
N ARG A 935 34.78 -30.47 37.52
CA ARG A 935 33.66 -29.83 36.87
C ARG A 935 33.82 -28.31 36.77
N SER A 936 34.64 -27.72 37.65
CA SER A 936 34.90 -26.29 37.57
C SER A 936 35.81 -25.95 36.39
N LEU A 937 36.65 -26.90 35.96
CA LEU A 937 37.49 -26.68 34.80
C LEU A 937 36.70 -26.74 33.50
N TYR A 938 35.54 -27.40 33.50
CA TYR A 938 34.71 -27.48 32.30
C TYR A 938 33.97 -26.18 32.02
N ASP A 939 33.83 -25.31 33.01
CA ASP A 939 33.13 -24.05 32.80
C ASP A 939 34.02 -23.05 32.05
N GLY A 940 35.27 -22.90 32.48
CA GLY A 940 36.18 -21.98 31.84
C GLY A 940 37.04 -22.62 30.77
N PHE A 941 36.61 -23.79 30.28
CA PHE A 941 37.37 -24.47 29.24
C PHE A 941 37.21 -23.80 27.88
N CYS A 942 35.95 -23.50 27.50
CA CYS A 942 35.70 -22.85 26.22
C CYS A 942 36.08 -21.38 26.23
N MET A 943 36.22 -20.77 27.41
CA MET A 943 36.62 -19.37 27.50
C MET A 943 38.12 -19.18 27.39
N SER A 944 38.91 -20.25 27.53
CA SER A 944 40.36 -20.15 27.42
C SER A 944 40.79 -19.95 25.98
N PHE A 945 40.28 -20.80 25.08
CA PHE A 945 40.48 -20.72 23.62
C PHE A 945 41.95 -20.79 23.22
N LEU A 946 42.74 -21.55 24.00
CA LEU A 946 44.18 -21.76 23.78
C LEU A 946 44.96 -20.45 23.74
N THR A 947 44.61 -19.53 24.63
CA THR A 947 45.25 -18.23 24.69
C THR A 947 46.01 -18.01 25.99
N LEU A 948 45.36 -18.21 27.15
CA LEU A 948 46.00 -18.03 28.44
C LEU A 948 45.60 -19.16 29.38
N LEU A 949 45.60 -20.39 28.87
CA LEU A 949 45.25 -21.56 29.68
C LEU A 949 46.48 -22.19 30.33
N ASP A 950 47.27 -21.36 31.01
CA ASP A 950 48.44 -21.82 31.73
C ASP A 950 48.42 -21.31 33.16
N GLN A 951 47.81 -20.14 33.36
CA GLN A 951 47.69 -19.55 34.69
C GLN A 951 46.40 -19.96 35.39
N LYS A 952 45.35 -20.27 34.62
CA LYS A 952 44.09 -20.70 35.23
C LYS A 952 44.18 -22.13 35.75
N SER A 953 45.03 -22.96 35.15
CA SER A 953 45.20 -24.33 35.62
C SER A 953 46.00 -24.38 36.92
N GLU A 954 46.94 -23.45 37.11
CA GLU A 954 47.67 -23.38 38.36
C GLU A 954 46.82 -22.80 39.48
N ALA A 955 45.84 -21.96 39.14
CA ALA A 955 44.94 -21.41 40.16
C ALA A 955 43.95 -22.46 40.64
N ILE A 956 43.53 -23.37 39.76
CA ILE A 956 42.65 -24.46 40.18
C ILE A 956 43.39 -25.52 40.97
N LEU A 957 44.73 -25.57 40.86
CA LEU A 957 45.51 -26.52 41.64
C LEU A 957 45.58 -26.13 43.11
N LYS A 958 45.36 -24.87 43.44
CA LYS A 958 45.32 -24.42 44.82
C LYS A 958 44.06 -24.95 45.49
N PRO A 959 42.92 -24.97 44.78
CA PRO A 959 41.70 -25.59 45.32
C PRO A 959 41.57 -27.07 45.05
N VAL A 960 42.62 -27.74 44.58
CA VAL A 960 42.61 -29.17 44.32
C VAL A 960 42.83 -29.91 45.63
N ILE A 961 42.59 -31.22 45.62
CA ILE A 961 42.72 -32.06 46.80
C ILE A 961 44.18 -32.22 47.18
N GLU A 962 44.43 -32.81 48.36
CA GLU A 962 45.77 -32.91 48.93
C GLU A 962 46.55 -34.13 48.43
N LYS A 963 46.34 -34.55 47.19
CA LYS A 963 47.10 -35.62 46.58
C LYS A 963 48.41 -35.06 46.03
N PHE A 964 49.13 -35.88 45.26
CA PHE A 964 50.39 -35.44 44.68
C PHE A 964 50.15 -34.47 43.53
N THR A 965 51.23 -33.82 43.09
CA THR A 965 51.14 -32.80 42.05
C THR A 965 50.92 -33.38 40.66
N LEU A 966 51.15 -34.68 40.47
CA LEU A 966 50.90 -35.30 39.17
C LEU A 966 49.41 -35.49 38.97
N GLY A 967 48.80 -34.62 38.18
CA GLY A 967 47.35 -34.67 37.96
C GLY A 967 46.99 -35.78 37.00
N ARG A 968 45.96 -36.56 37.36
CA ARG A 968 45.50 -37.68 36.54
C ARG A 968 43.97 -37.67 36.55
N LEU A 969 43.38 -37.20 35.45
CA LEU A 969 41.94 -37.15 35.27
C LEU A 969 41.50 -38.09 34.15
N LYS A 970 42.12 -39.26 34.08
CA LYS A 970 41.81 -40.24 33.05
C LYS A 970 40.50 -40.94 33.38
N ASN A 971 39.53 -40.84 32.48
CA ASN A 971 38.22 -41.47 32.64
C ASN A 971 37.92 -42.31 31.41
N VAL A 972 37.58 -43.58 31.63
CA VAL A 972 37.28 -44.50 30.53
C VAL A 972 36.02 -45.29 30.87
N LYS A 973 35.66 -46.24 30.00
CA LYS A 973 34.51 -47.10 30.27
C LYS A 973 34.77 -48.06 31.42
N SER A 974 36.02 -48.33 31.74
CA SER A 974 36.38 -49.14 32.92
C SER A 974 36.46 -48.23 34.14
N ILE A 975 37.07 -48.72 35.21
CA ILE A 975 37.21 -47.95 36.44
C ILE A 975 38.20 -46.80 36.22
N MET A 976 37.75 -45.58 36.50
CA MET A 976 38.57 -44.39 36.29
C MET A 976 39.66 -44.29 37.35
N SER A 977 40.83 -43.85 36.93
CA SER A 977 42.00 -43.73 37.80
C SER A 977 42.29 -42.26 38.06
N GLN A 978 42.25 -41.86 39.32
CA GLN A 978 42.58 -40.51 39.73
C GLN A 978 44.09 -40.41 39.97
N THR A 979 44.54 -39.31 40.56
CA THR A 979 45.95 -39.12 40.85
C THR A 979 46.41 -40.08 41.95
N PRO A 980 45.94 -39.93 43.19
CA PRO A 980 46.26 -40.90 44.23
C PRO A 980 45.22 -42.01 44.29
N PRO A 981 44.00 -41.74 43.81
CA PRO A 981 42.92 -42.73 43.93
C PRO A 981 42.69 -43.48 42.63
N SER A 982 41.78 -44.45 42.71
CA SER A 982 41.34 -45.23 41.54
C SER A 982 39.92 -45.70 41.81
N PRO A 983 38.93 -44.86 41.53
CA PRO A 983 37.55 -45.21 41.86
C PRO A 983 36.96 -46.21 40.87
N GLY A 984 36.11 -47.09 41.38
CA GLY A 984 35.47 -48.10 40.58
C GLY A 984 34.22 -47.59 39.90
N PRO A 985 34.27 -47.46 38.57
CA PRO A 985 33.11 -47.00 37.83
C PRO A 985 32.15 -48.13 37.47
N ASP A 986 30.88 -47.77 37.36
CA ASP A 986 29.83 -48.72 37.03
C ASP A 986 29.00 -48.18 35.87
N TYR A 987 28.32 -49.09 35.19
CA TYR A 987 27.49 -48.73 34.04
C TYR A 987 26.11 -49.36 34.15
N GLN A 1005 35.53 -50.32 16.33
CA GLN A 1005 36.02 -48.95 16.40
C GLN A 1005 36.73 -48.56 15.12
N ALA A 1006 36.96 -47.26 14.94
CA ALA A 1006 37.64 -46.75 13.74
C ALA A 1006 38.47 -45.54 14.16
N HIS A 1007 39.75 -45.79 14.47
CA HIS A 1007 40.71 -44.76 14.78
C HIS A 1007 42.03 -45.10 14.10
N TYR A 1008 42.82 -44.06 13.82
CA TYR A 1008 44.09 -44.25 13.12
C TYR A 1008 45.09 -45.06 13.95
N ILE A 1009 45.60 -44.48 15.04
CA ILE A 1009 46.37 -45.25 16.01
C ILE A 1009 45.83 -45.00 17.41
N ILE A 1010 45.97 -43.76 17.87
CA ILE A 1010 45.56 -43.34 19.21
C ILE A 1010 44.74 -42.06 19.11
N THR A 1011 45.28 -41.09 18.33
CA THR A 1011 44.80 -39.71 18.15
C THR A 1011 44.77 -38.98 19.48
N PRO A 1012 45.93 -38.67 20.07
CA PRO A 1012 45.94 -37.94 21.34
C PRO A 1012 45.56 -36.48 21.20
N PHE A 1013 45.69 -35.89 19.99
CA PHE A 1013 45.27 -34.51 19.80
C PHE A 1013 43.75 -34.39 19.81
N VAL A 1014 43.03 -35.45 19.44
CA VAL A 1014 41.59 -35.48 19.54
C VAL A 1014 41.10 -36.12 20.82
N GLU A 1015 42.00 -36.75 21.60
CA GLU A 1015 41.61 -37.36 22.86
C GLU A 1015 41.33 -36.32 23.94
N LYS A 1016 41.87 -35.11 23.80
CA LYS A 1016 41.54 -34.04 24.74
C LYS A 1016 40.09 -33.58 24.58
N ASN A 1017 39.61 -33.49 23.33
CA ASN A 1017 38.21 -33.20 23.09
C ASN A 1017 37.32 -34.41 23.32
N MET A 1018 37.88 -35.62 23.23
CA MET A 1018 37.10 -36.83 23.51
C MET A 1018 36.90 -37.01 25.01
N MET A 1019 37.90 -36.67 25.82
CA MET A 1019 37.77 -36.79 27.27
C MET A 1019 36.84 -35.73 27.84
N ASN A 1020 36.80 -34.55 27.22
CA ASN A 1020 35.86 -33.52 27.66
C ASN A 1020 34.43 -33.88 27.29
N LEU A 1021 34.25 -34.51 26.13
CA LEU A 1021 32.93 -34.98 25.72
C LEU A 1021 32.50 -36.23 26.48
N VAL A 1022 33.44 -36.97 27.06
CA VAL A 1022 33.10 -38.14 27.85
C VAL A 1022 32.49 -37.73 29.18
N ARG A 1023 32.96 -36.62 29.75
CA ARG A 1023 32.34 -36.08 30.96
C ARG A 1023 30.99 -35.44 30.64
N ALA A 1024 30.83 -34.92 29.42
CA ALA A 1024 29.56 -34.35 29.01
C ALA A 1024 28.54 -35.41 28.63
N THR A 1025 28.97 -36.65 28.39
CA THR A 1025 28.06 -37.72 28.06
C THR A 1025 27.27 -38.23 29.26
N SER A 1026 27.75 -37.97 30.47
CA SER A 1026 27.09 -38.41 31.69
C SER A 1026 26.11 -37.38 32.23
N GLY A 1027 25.75 -36.37 31.45
CA GLY A 1027 24.83 -35.34 31.89
C GLY A 1027 23.39 -35.72 31.62
N LYS A 1028 22.49 -34.82 32.05
CA LYS A 1028 21.06 -35.02 31.88
C LYS A 1028 20.38 -33.66 31.82
N ARG A 1029 19.44 -33.53 30.87
CA ARG A 1029 18.68 -32.30 30.62
C ARG A 1029 19.59 -31.11 30.33
N PHE A 1030 20.66 -31.36 29.59
CA PHE A 1030 21.61 -30.31 29.22
C PHE A 1030 22.15 -30.63 27.82
N PRO A 1031 21.52 -30.07 26.78
CA PRO A 1031 21.94 -30.39 25.42
C PRO A 1031 23.24 -29.68 25.03
N VAL A 1032 24.32 -30.44 24.92
CA VAL A 1032 25.61 -29.88 24.58
C VAL A 1032 25.65 -29.59 23.08
N LEU A 1033 26.24 -28.45 22.73
CA LEU A 1033 26.36 -28.01 21.34
C LEU A 1033 27.84 -28.01 20.99
N ILE A 1034 28.32 -29.14 20.47
CA ILE A 1034 29.73 -29.27 20.09
C ILE A 1034 29.95 -28.53 18.79
N GLN A 1035 30.84 -27.54 18.81
CA GLN A 1035 31.17 -26.72 17.66
C GLN A 1035 32.63 -26.91 17.29
N GLY A 1036 33.09 -26.12 16.33
CA GLY A 1036 34.47 -26.19 15.89
C GLY A 1036 34.64 -25.73 14.46
N PRO A 1037 35.88 -25.64 14.00
CA PRO A 1037 36.14 -25.21 12.63
C PRO A 1037 35.89 -26.34 11.64
N THR A 1038 35.90 -25.97 10.37
CA THR A 1038 35.70 -26.95 9.31
C THR A 1038 36.94 -27.82 9.14
N SER A 1039 36.73 -29.00 8.52
CA SER A 1039 37.75 -30.02 8.30
C SER A 1039 38.40 -30.46 9.61
N SER A 1040 37.56 -30.71 10.62
CA SER A 1040 38.02 -31.13 11.94
C SER A 1040 37.40 -32.42 12.42
N GLY A 1041 36.38 -32.94 11.75
CA GLY A 1041 35.75 -34.17 12.17
C GLY A 1041 34.76 -34.00 13.30
N LYS A 1042 33.75 -33.15 13.09
CA LYS A 1042 32.74 -32.93 14.12
C LYS A 1042 31.81 -34.13 14.25
N THR A 1043 31.41 -34.72 13.12
CA THR A 1043 30.56 -35.89 13.13
C THR A 1043 31.33 -37.18 13.43
N SER A 1044 32.66 -37.15 13.34
CA SER A 1044 33.46 -38.34 13.60
C SER A 1044 33.53 -38.65 15.09
N MET A 1045 33.59 -37.62 15.94
CA MET A 1045 33.68 -37.85 17.38
C MET A 1045 32.36 -38.29 17.97
N ILE A 1046 31.24 -37.82 17.42
CA ILE A 1046 29.93 -38.24 17.93
C ILE A 1046 29.60 -39.65 17.47
N LYS A 1047 30.08 -40.05 16.30
CA LYS A 1047 29.83 -41.40 15.81
C LYS A 1047 30.72 -42.42 16.50
N TYR A 1048 31.96 -42.05 16.83
CA TYR A 1048 32.86 -42.97 17.52
C TYR A 1048 32.46 -43.14 18.98
N LEU A 1049 31.80 -42.13 19.57
CA LEU A 1049 31.37 -42.23 20.96
C LEU A 1049 30.08 -43.04 21.10
N ALA A 1050 29.37 -43.31 20.01
CA ALA A 1050 28.13 -44.08 20.10
C ALA A 1050 28.42 -45.55 20.33
N ASP A 1051 29.51 -46.07 19.75
CA ASP A 1051 29.88 -47.45 19.94
C ASP A 1051 30.87 -47.66 21.08
N ILE A 1052 31.53 -46.60 21.53
CA ILE A 1052 32.50 -46.73 22.61
C ILE A 1052 31.82 -46.75 23.98
N THR A 1053 30.73 -46.00 24.15
CA THR A 1053 30.01 -45.93 25.42
C THR A 1053 28.80 -46.86 25.46
N GLY A 1054 28.59 -47.67 24.43
CA GLY A 1054 27.44 -48.56 24.40
C GLY A 1054 26.13 -47.88 24.10
N HIS A 1055 26.16 -46.74 23.41
CA HIS A 1055 24.95 -46.02 23.05
C HIS A 1055 24.35 -46.61 21.78
N LYS A 1056 23.21 -46.06 21.36
CA LYS A 1056 22.52 -46.54 20.18
C LYS A 1056 23.12 -45.91 18.92
N PHE A 1057 22.49 -46.18 17.78
CA PHE A 1057 22.95 -45.66 16.50
C PHE A 1057 22.60 -44.19 16.38
N VAL A 1058 23.59 -43.37 16.02
CA VAL A 1058 23.38 -41.93 15.90
C VAL A 1058 22.63 -41.63 14.61
N ARG A 1059 21.32 -41.42 14.73
CA ARG A 1059 20.47 -41.12 13.58
C ARG A 1059 20.59 -39.63 13.27
N ILE A 1060 21.57 -39.29 12.43
CA ILE A 1060 21.81 -37.90 12.09
C ILE A 1060 20.75 -37.40 11.11
N ASN A 1061 20.68 -36.08 10.98
CA ASN A 1061 19.72 -35.45 10.08
C ASN A 1061 20.32 -34.17 9.54
N ASN A 1062 19.70 -33.64 8.49
CA ASN A 1062 20.14 -32.41 7.85
C ASN A 1062 19.18 -31.28 8.23
N HIS A 1063 19.73 -30.20 8.79
CA HIS A 1063 18.92 -29.08 9.22
C HIS A 1063 18.89 -27.95 8.21
N GLU A 1064 19.94 -27.79 7.41
CA GLU A 1064 19.98 -26.75 6.38
C GLU A 1064 19.13 -27.15 5.19
N HIS A 1065 18.48 -26.15 4.58
CA HIS A 1065 17.56 -26.30 3.45
C HIS A 1065 16.41 -27.27 3.77
N THR A 1066 15.86 -27.13 4.96
CA THR A 1066 14.76 -27.97 5.43
C THR A 1066 13.46 -27.17 5.43
N ASP A 1067 12.36 -27.88 5.71
CA ASP A 1067 11.05 -27.26 5.74
C ASP A 1067 10.23 -27.74 6.94
N LEU A 1068 10.92 -28.10 8.03
CA LEU A 1068 10.33 -28.57 9.29
C LEU A 1068 9.46 -29.82 9.10
N GLN A 1069 9.80 -30.66 8.12
CA GLN A 1069 9.09 -31.90 7.89
C GLN A 1069 9.84 -33.13 8.39
N GLU A 1070 11.16 -33.15 8.19
CA GLU A 1070 11.98 -34.25 8.68
C GLU A 1070 12.55 -33.99 10.07
N TYR A 1071 12.28 -32.82 10.65
CA TYR A 1071 12.79 -32.51 11.98
C TYR A 1071 12.01 -33.25 13.05
N LEU A 1072 10.68 -33.19 13.01
CA LEU A 1072 9.83 -33.88 13.95
C LEU A 1072 8.98 -34.98 13.33
N GLY A 1073 8.58 -34.82 12.08
CA GLY A 1073 7.75 -35.80 11.41
C GLY A 1073 6.36 -35.26 11.10
N THR A 1074 5.71 -35.89 10.14
CA THR A 1074 4.37 -35.49 9.70
C THR A 1074 3.64 -36.75 9.24
N TYR A 1075 2.54 -36.56 8.51
CA TYR A 1075 1.75 -37.66 7.98
C TYR A 1075 2.13 -37.92 6.53
N VAL A 1076 2.26 -39.20 6.19
CA VAL A 1076 2.60 -39.63 4.84
C VAL A 1076 1.57 -40.66 4.38
N THR A 1077 1.17 -40.56 3.11
CA THR A 1077 0.16 -41.44 2.55
C THR A 1077 0.85 -42.59 1.82
N ASP A 1078 0.51 -43.82 2.23
CA ASP A 1078 1.06 -45.01 1.59
C ASP A 1078 0.14 -45.44 0.44
N ASP A 1079 0.36 -46.62 -0.10
CA ASP A 1079 -0.46 -47.13 -1.20
C ASP A 1079 -1.82 -47.64 -0.73
N THR A 1080 -1.96 -47.94 0.56
CA THR A 1080 -3.21 -48.45 1.10
C THR A 1080 -4.17 -47.34 1.52
N GLY A 1081 -3.72 -46.10 1.56
CA GLY A 1081 -4.58 -44.99 1.93
C GLY A 1081 -4.48 -44.54 3.37
N LYS A 1082 -3.53 -45.07 4.13
CA LYS A 1082 -3.33 -44.68 5.53
C LYS A 1082 -2.38 -43.49 5.59
N LEU A 1083 -2.88 -42.36 6.07
CA LEU A 1083 -2.09 -41.13 6.15
C LEU A 1083 -2.31 -40.45 7.50
N SER A 1084 -2.28 -41.25 8.57
CA SER A 1084 -2.53 -40.70 9.90
C SER A 1084 -1.32 -39.94 10.43
N PHE A 1085 -0.20 -40.65 10.63
CA PHE A 1085 1.00 -40.05 11.19
C PHE A 1085 2.19 -40.93 10.84
N LYS A 1086 3.38 -40.41 11.13
CA LYS A 1086 4.63 -41.14 10.96
C LYS A 1086 5.63 -40.63 12.00
N GLU A 1087 6.89 -40.97 11.81
CA GLU A 1087 7.96 -40.58 12.71
C GLU A 1087 8.85 -39.53 12.05
N GLY A 1088 9.89 -39.14 12.76
CA GLY A 1088 10.84 -38.16 12.25
C GLY A 1088 12.17 -38.30 12.95
N VAL A 1089 12.93 -37.21 12.98
CA VAL A 1089 14.22 -37.23 13.67
C VAL A 1089 14.02 -37.18 15.17
N LEU A 1090 13.09 -36.35 15.65
CA LEU A 1090 12.82 -36.25 17.07
C LEU A 1090 11.91 -37.37 17.57
N VAL A 1091 11.11 -37.97 16.68
CA VAL A 1091 10.20 -39.03 17.11
C VAL A 1091 10.96 -40.35 17.25
N GLU A 1092 11.91 -40.62 16.35
CA GLU A 1092 12.67 -41.86 16.45
C GLU A 1092 13.70 -41.80 17.57
N ALA A 1093 14.16 -40.60 17.92
CA ALA A 1093 15.07 -40.42 19.05
C ALA A 1093 14.35 -40.42 20.38
N LEU A 1094 13.02 -40.26 20.38
CA LEU A 1094 12.24 -40.25 21.61
C LEU A 1094 12.03 -41.67 22.14
N ARG A 1095 11.47 -41.73 23.35
CA ARG A 1095 11.17 -42.98 24.08
C ARG A 1095 12.42 -43.84 24.28
N LYS A 1096 13.55 -43.17 24.57
CA LYS A 1096 14.86 -43.79 24.81
C LYS A 1096 15.33 -44.65 23.62
N GLY A 1097 14.99 -44.22 22.41
CA GLY A 1097 15.35 -44.96 21.21
C GLY A 1097 16.82 -44.82 20.84
N TYR A 1098 17.23 -43.61 20.48
CA TYR A 1098 18.60 -43.36 20.06
C TYR A 1098 18.92 -41.89 20.27
N TRP A 1099 20.21 -41.56 20.15
CA TRP A 1099 20.67 -40.18 20.27
C TRP A 1099 20.59 -39.50 18.91
N ILE A 1100 20.11 -38.26 18.91
CA ILE A 1100 19.93 -37.49 17.69
C ILE A 1100 21.07 -36.49 17.56
N VAL A 1101 21.31 -36.05 16.33
CA VAL A 1101 22.37 -35.09 16.03
C VAL A 1101 21.98 -34.32 14.76
N LEU A 1102 22.15 -33.01 14.80
CA LEU A 1102 21.88 -32.13 13.67
C LEU A 1102 23.20 -31.49 13.25
N ASP A 1103 23.74 -31.92 12.11
CA ASP A 1103 25.05 -31.49 11.67
C ASP A 1103 25.02 -30.12 10.99
N GLU A 1104 23.85 -29.55 10.73
CA GLU A 1104 23.72 -28.27 10.06
C GLU A 1104 22.97 -27.26 10.93
N LEU A 1105 23.32 -27.21 12.22
CA LEU A 1105 22.61 -26.32 13.15
C LEU A 1105 23.00 -24.87 12.94
N ASN A 1106 24.19 -24.60 12.40
CA ASN A 1106 24.61 -23.23 12.18
C ASN A 1106 23.93 -22.62 10.95
N LEU A 1107 23.81 -23.39 9.88
CA LEU A 1107 23.19 -22.90 8.65
C LEU A 1107 21.68 -23.10 8.61
N ALA A 1108 21.08 -23.55 9.71
CA ALA A 1108 19.64 -23.78 9.75
C ALA A 1108 18.91 -22.45 9.86
N PRO A 1109 17.59 -22.46 9.70
CA PRO A 1109 16.81 -21.22 9.78
C PRO A 1109 16.62 -20.79 11.23
N THR A 1110 16.05 -19.59 11.39
CA THR A 1110 15.84 -19.02 12.71
C THR A 1110 14.65 -19.65 13.43
N ASP A 1111 13.71 -20.24 12.71
CA ASP A 1111 12.53 -20.84 13.34
C ASP A 1111 12.85 -22.18 13.98
N VAL A 1112 13.85 -22.89 13.48
CA VAL A 1112 14.21 -24.19 14.04
C VAL A 1112 15.00 -24.05 15.33
N LEU A 1113 15.58 -22.89 15.61
CA LEU A 1113 16.32 -22.67 16.83
C LEU A 1113 15.46 -22.09 17.95
N GLU A 1114 14.24 -21.66 17.65
CA GLU A 1114 13.34 -21.11 18.66
C GLU A 1114 12.25 -22.09 19.06
N ALA A 1115 11.66 -22.81 18.10
CA ALA A 1115 10.62 -23.77 18.41
C ALA A 1115 11.16 -25.04 19.06
N LEU A 1116 12.41 -25.40 18.77
CA LEU A 1116 13.05 -26.57 19.35
C LEU A 1116 13.93 -26.24 20.54
N ASN A 1117 13.88 -24.99 21.03
CA ASN A 1117 14.69 -24.59 22.16
C ASN A 1117 14.10 -25.03 23.49
N ARG A 1118 12.82 -25.45 23.51
CA ARG A 1118 12.20 -25.86 24.75
C ARG A 1118 12.71 -27.22 25.22
N LEU A 1119 13.16 -28.07 24.29
CA LEU A 1119 13.68 -29.38 24.67
C LEU A 1119 15.03 -29.29 25.35
N LEU A 1120 15.76 -28.20 25.16
CA LEU A 1120 17.06 -28.00 25.81
C LEU A 1120 16.96 -27.19 27.10
N ASP A 1121 15.78 -26.66 27.42
CA ASP A 1121 15.59 -25.87 28.62
C ASP A 1121 15.16 -26.79 29.77
N ASP A 1122 14.67 -26.19 30.87
CA ASP A 1122 14.26 -26.99 32.01
C ASP A 1122 12.93 -27.68 31.79
N ASN A 1123 12.04 -27.08 31.00
CA ASN A 1123 10.71 -27.63 30.73
C ASN A 1123 10.68 -28.09 29.27
N ARG A 1124 10.80 -29.40 29.05
CA ARG A 1124 10.80 -29.98 27.71
C ARG A 1124 9.36 -30.26 27.31
N GLU A 1125 8.75 -29.32 26.60
CA GLU A 1125 7.36 -29.43 26.14
C GLU A 1125 7.35 -29.12 24.64
N LEU A 1126 7.53 -30.16 23.82
CA LEU A 1126 7.57 -30.03 22.37
C LEU A 1126 6.28 -30.61 21.80
N PHE A 1127 5.30 -29.74 21.56
CA PHE A 1127 4.02 -30.13 20.98
C PHE A 1127 3.80 -29.35 19.69
N ILE A 1128 3.50 -30.08 18.61
CA ILE A 1128 3.27 -29.47 17.31
C ILE A 1128 1.78 -29.19 17.17
N PRO A 1129 1.35 -27.93 17.19
CA PRO A 1129 -0.09 -27.65 17.06
C PRO A 1129 -0.65 -27.82 15.66
N GLU A 1130 0.21 -27.91 14.64
CA GLU A 1130 -0.27 -28.16 13.29
C GLU A 1130 -0.72 -29.60 13.10
N THR A 1131 -0.18 -30.52 13.90
CA THR A 1131 -0.57 -31.92 13.84
C THR A 1131 -1.29 -32.39 15.10
N GLN A 1132 -1.39 -31.53 16.13
CA GLN A 1132 -2.05 -31.82 17.41
C GLN A 1132 -1.44 -33.03 18.10
N GLU A 1133 -0.11 -33.13 18.09
CA GLU A 1133 0.61 -34.24 18.70
C GLU A 1133 1.39 -33.72 19.90
N VAL A 1134 1.29 -34.45 21.01
CA VAL A 1134 1.96 -34.09 22.26
C VAL A 1134 3.01 -35.15 22.54
N VAL A 1135 4.28 -34.77 22.50
CA VAL A 1135 5.40 -35.67 22.74
C VAL A 1135 6.22 -35.11 23.89
N HIS A 1136 6.43 -35.93 24.92
CA HIS A 1136 7.23 -35.55 26.07
C HIS A 1136 8.69 -35.93 25.85
N PRO A 1137 9.57 -35.63 26.79
CA PRO A 1137 10.99 -35.97 26.63
C PRO A 1137 11.26 -37.42 26.98
N HIS A 1138 12.51 -37.83 26.81
CA HIS A 1138 12.95 -39.18 27.09
C HIS A 1138 14.25 -39.15 27.89
N PRO A 1139 14.57 -40.23 28.59
CA PRO A 1139 15.81 -40.24 29.39
C PRO A 1139 17.06 -40.37 28.54
N ASP A 1140 17.06 -41.23 27.54
CA ASP A 1140 18.22 -41.48 26.71
C ASP A 1140 18.28 -40.58 25.47
N PHE A 1141 17.35 -39.65 25.32
CA PHE A 1141 17.34 -38.74 24.18
C PHE A 1141 18.17 -37.52 24.51
N LEU A 1142 19.24 -37.31 23.74
CA LEU A 1142 20.12 -36.16 23.93
C LEU A 1142 20.36 -35.52 22.57
N LEU A 1143 19.61 -34.46 22.28
CA LEU A 1143 19.70 -33.79 20.98
C LEU A 1143 20.98 -32.96 20.93
N PHE A 1144 22.06 -33.59 20.47
CA PHE A 1144 23.32 -32.89 20.31
C PHE A 1144 23.26 -31.96 19.11
N ALA A 1145 24.21 -31.02 19.07
CA ALA A 1145 24.26 -30.00 18.02
C ALA A 1145 25.66 -29.91 17.46
N THR A 1146 25.76 -29.72 16.15
CA THR A 1146 27.03 -29.57 15.44
C THR A 1146 26.92 -28.31 14.58
N GLN A 1147 27.24 -27.16 15.17
CA GLN A 1147 27.20 -25.89 14.47
C GLN A 1147 28.61 -25.52 14.02
N ASN A 1148 28.76 -25.24 12.73
CA ASN A 1148 30.09 -24.88 12.24
C ASN A 1148 30.39 -23.42 12.55
N PRO A 1149 31.60 -23.13 13.03
CA PRO A 1149 31.97 -21.75 13.33
C PRO A 1149 32.26 -20.99 12.06
N PRO A 1150 32.18 -19.66 12.09
CA PRO A 1150 32.42 -18.87 10.88
C PRO A 1150 33.91 -18.72 10.60
N GLY A 1151 34.20 -18.47 9.33
CA GLY A 1151 35.57 -18.25 8.89
C GLY A 1151 35.97 -16.79 9.00
N ILE A 1152 36.44 -16.21 7.89
CA ILE A 1152 36.80 -14.81 7.89
C ILE A 1152 35.56 -13.92 7.92
N TYR A 1153 34.45 -14.39 7.34
CA TYR A 1153 33.22 -13.62 7.35
C TYR A 1153 32.51 -13.78 8.69
N GLY A 1154 32.12 -12.66 9.29
CA GLY A 1154 31.44 -12.67 10.57
C GLY A 1154 29.94 -12.84 10.51
N GLY A 1155 29.36 -12.85 9.31
CA GLY A 1155 27.93 -13.00 9.17
C GLY A 1155 27.42 -14.44 9.20
N ARG A 1156 28.32 -15.41 9.15
CA ARG A 1156 27.92 -16.81 9.19
C ARG A 1156 27.56 -17.28 10.60
N LYS A 1157 28.08 -16.62 11.63
CA LYS A 1157 27.79 -16.99 13.02
C LYS A 1157 26.39 -16.50 13.37
N ILE A 1158 25.46 -17.43 13.55
CA ILE A 1158 24.08 -17.12 13.87
C ILE A 1158 23.68 -17.64 15.24
N LEU A 1159 24.66 -17.97 16.08
CA LEU A 1159 24.41 -18.48 17.42
C LEU A 1159 24.52 -17.34 18.42
N SER A 1160 23.39 -16.88 18.93
CA SER A 1160 23.34 -15.80 19.91
C SER A 1160 23.18 -16.36 21.31
N ARG A 1161 23.12 -15.45 22.28
CA ARG A 1161 22.97 -15.85 23.68
C ARG A 1161 21.57 -16.35 23.99
N ALA A 1162 20.58 -16.02 23.16
CA ALA A 1162 19.23 -16.52 23.37
C ALA A 1162 19.11 -17.99 23.03
N PHE A 1163 19.90 -18.46 22.05
CA PHE A 1163 19.88 -19.86 21.67
C PHE A 1163 20.96 -20.68 22.36
N ARG A 1164 22.03 -20.04 22.85
CA ARG A 1164 23.10 -20.73 23.55
C ARG A 1164 23.01 -20.56 25.07
N ASN A 1165 21.83 -20.23 25.59
CA ASN A 1165 21.68 -20.04 27.04
C ASN A 1165 21.67 -21.38 27.75
N ARG A 1166 20.71 -22.24 27.44
CA ARG A 1166 20.62 -23.56 28.05
C ARG A 1166 21.32 -24.62 27.20
N PHE A 1167 22.58 -24.35 26.84
CA PHE A 1167 23.36 -25.26 26.01
C PHE A 1167 24.84 -24.98 26.24
N LEU A 1168 25.60 -26.03 26.54
CA LEU A 1168 27.03 -25.88 26.72
C LEU A 1168 27.73 -25.70 25.38
N GLU A 1169 28.98 -25.23 25.44
CA GLU A 1169 29.77 -24.94 24.24
C GLU A 1169 31.07 -25.73 24.30
N LEU A 1170 31.33 -26.50 23.25
CA LEU A 1170 32.56 -27.27 23.11
C LEU A 1170 33.12 -27.05 21.72
N HIS A 1171 34.30 -26.46 21.64
CA HIS A 1171 34.95 -26.15 20.36
C HIS A 1171 35.94 -27.24 20.02
N PHE A 1172 35.93 -27.68 18.76
CA PHE A 1172 36.82 -28.71 18.26
C PHE A 1172 37.92 -28.04 17.43
N ASP A 1173 39.15 -28.11 17.92
CA ASP A 1173 40.27 -27.48 17.24
C ASP A 1173 40.73 -28.32 16.05
N ASP A 1174 41.27 -27.64 15.05
CA ASP A 1174 41.77 -28.30 13.86
C ASP A 1174 43.16 -28.89 14.13
N ILE A 1175 43.50 -29.92 13.37
CA ILE A 1175 44.77 -30.62 13.49
C ILE A 1175 45.54 -30.45 12.17
N PRO A 1176 46.77 -29.96 12.20
CA PRO A 1176 47.54 -29.84 10.95
C PRO A 1176 48.22 -31.14 10.52
N GLN A 1177 48.51 -32.03 11.45
CA GLN A 1177 49.14 -33.32 11.16
C GLN A 1177 48.15 -34.47 11.31
N ASP A 1178 46.89 -34.23 10.91
CA ASP A 1178 45.86 -35.25 11.07
C ASP A 1178 46.04 -36.37 10.05
N GLU A 1179 46.50 -36.04 8.85
CA GLU A 1179 46.71 -37.05 7.82
C GLU A 1179 47.95 -37.90 8.07
N LEU A 1180 48.85 -37.45 8.94
CA LEU A 1180 50.04 -38.24 9.25
C LEU A 1180 49.72 -39.43 10.13
N GLU A 1181 48.72 -39.31 11.00
CA GLU A 1181 48.33 -40.43 11.84
C GLU A 1181 47.53 -41.47 11.06
N ILE A 1182 46.70 -41.01 10.12
CA ILE A 1182 45.91 -41.95 9.32
C ILE A 1182 46.75 -42.69 8.30
N ILE A 1183 47.88 -42.11 7.88
CA ILE A 1183 48.78 -42.81 6.97
C ILE A 1183 49.56 -43.89 7.70
N LEU A 1184 49.76 -43.74 9.01
CA LEU A 1184 50.45 -44.75 9.79
C LEU A 1184 49.59 -45.98 10.05
N ARG A 1185 48.27 -45.87 9.91
CA ARG A 1185 47.40 -47.02 10.11
C ARG A 1185 47.48 -47.99 8.94
N GLU A 1186 47.38 -47.48 7.72
CA GLU A 1186 47.45 -48.31 6.53
C GLU A 1186 47.97 -47.48 5.36
N ARG A 1187 48.45 -48.17 4.33
CA ARG A 1187 48.99 -47.52 3.14
C ARG A 1187 47.97 -47.62 2.02
N CYS A 1188 47.39 -46.49 1.63
CA CYS A 1188 46.38 -46.46 0.57
C CYS A 1188 46.45 -45.11 -0.12
N GLN A 1189 46.31 -45.13 -1.45
CA GLN A 1189 46.36 -43.91 -2.24
C GLN A 1189 45.10 -43.07 -2.11
N ILE A 1190 43.97 -43.69 -1.75
CA ILE A 1190 42.73 -42.93 -1.59
C ILE A 1190 42.73 -42.14 -0.28
N ALA A 1191 43.50 -42.57 0.71
CA ALA A 1191 43.62 -41.86 1.97
C ALA A 1191 44.44 -40.59 1.77
N PRO A 1192 45.42 -40.60 0.86
CA PRO A 1192 46.20 -39.38 0.61
C PRO A 1192 45.44 -38.32 -0.16
N SER A 1193 44.41 -38.69 -0.91
CA SER A 1193 43.60 -37.75 -1.66
C SER A 1193 42.25 -37.46 -1.03
N TYR A 1194 41.95 -38.07 0.12
CA TYR A 1194 40.66 -37.84 0.77
C TYR A 1194 40.58 -36.50 1.47
N ALA A 1195 41.72 -35.90 1.82
CA ALA A 1195 41.73 -34.61 2.50
C ALA A 1195 42.04 -33.45 1.56
N LYS A 1196 42.53 -33.72 0.35
CA LYS A 1196 42.89 -32.66 -0.58
C LYS A 1196 41.65 -32.00 -1.20
N LYS A 1197 40.53 -32.73 -1.27
CA LYS A 1197 39.31 -32.17 -1.83
C LYS A 1197 38.59 -31.23 -0.88
N ILE A 1198 39.01 -31.16 0.38
CA ILE A 1198 38.37 -30.27 1.35
C ILE A 1198 38.91 -28.86 1.32
N VAL A 1199 39.88 -28.57 0.46
CA VAL A 1199 40.46 -27.24 0.39
C VAL A 1199 39.53 -26.29 -0.36
N GLU A 1200 39.28 -26.58 -1.63
CA GLU A 1200 38.40 -25.81 -2.54
C GLU A 1200 38.76 -24.33 -2.65
N ARG A 1213 43.99 -20.20 -2.37
CA ARG A 1213 44.00 -21.45 -1.62
C ARG A 1213 45.34 -22.16 -1.79
N LEU A 1214 46.42 -21.38 -1.89
CA LEU A 1214 47.75 -21.97 -2.05
C LEU A 1214 48.31 -22.47 -0.73
N PHE A 1215 47.91 -21.88 0.39
CA PHE A 1215 48.41 -22.31 1.69
C PHE A 1215 47.79 -23.62 2.13
N GLU A 1216 46.54 -23.87 1.77
CA GLU A 1216 45.89 -25.13 2.15
C GLU A 1216 46.40 -26.30 1.32
N GLN A 1217 46.72 -26.06 0.05
CA GLN A 1217 47.26 -27.12 -0.79
C GLN A 1217 48.70 -27.43 -0.44
N LYS A 1218 49.45 -26.43 0.03
CA LYS A 1218 50.83 -26.66 0.45
C LYS A 1218 50.90 -27.43 1.76
N ASN A 1219 49.92 -27.22 2.64
CA ASN A 1219 49.88 -27.99 3.88
C ASN A 1219 49.44 -29.42 3.62
N SER A 1220 48.59 -29.65 2.62
CA SER A 1220 48.21 -31.01 2.26
C SER A 1220 49.32 -31.73 1.50
N PHE A 1221 50.19 -30.99 0.82
CA PHE A 1221 51.31 -31.60 0.12
C PHE A 1221 52.47 -31.90 1.06
N ALA A 1222 52.67 -31.06 2.08
CA ALA A 1222 53.75 -31.31 3.03
C ALA A 1222 53.44 -32.49 3.95
N THR A 1223 52.16 -32.73 4.23
CA THR A 1223 51.79 -33.91 5.00
C THR A 1223 51.93 -35.19 4.17
N LEU A 1224 51.70 -35.09 2.85
CA LEU A 1224 51.91 -36.25 1.99
C LEU A 1224 53.40 -36.52 1.76
N ARG A 1225 54.23 -35.48 1.85
CA ARG A 1225 55.67 -35.68 1.72
C ARG A 1225 56.25 -36.35 2.97
N ASP A 1226 55.70 -36.02 4.14
CA ASP A 1226 56.13 -36.71 5.36
C ASP A 1226 55.57 -38.12 5.43
N LEU A 1227 54.38 -38.35 4.85
CA LEU A 1227 53.83 -39.69 4.81
C LEU A 1227 54.54 -40.56 3.76
N PHE A 1228 55.14 -39.93 2.75
CA PHE A 1228 55.90 -40.69 1.76
C PHE A 1228 57.20 -41.23 2.35
N ARG A 1229 57.76 -40.55 3.34
CA ARG A 1229 58.94 -41.07 4.02
C ARG A 1229 58.59 -42.25 4.92
N TRP A 1230 57.36 -42.30 5.43
CA TRP A 1230 56.89 -43.43 6.22
C TRP A 1230 56.27 -44.45 5.28
N ALA A 1231 57.15 -45.29 4.72
CA ALA A 1231 56.82 -46.35 3.75
C ALA A 1231 56.06 -45.83 2.53
N VAL A 1236 58.49 -43.77 -4.69
CA VAL A 1236 57.77 -44.23 -5.86
C VAL A 1236 57.14 -43.05 -6.59
N GLY A 1237 57.68 -42.71 -7.76
CA GLY A 1237 57.19 -41.62 -8.56
C GLY A 1237 56.31 -42.02 -9.73
N TYR A 1238 56.02 -43.31 -9.89
CA TYR A 1238 55.18 -43.74 -11.01
C TYR A 1238 53.71 -43.45 -10.72
N GLU A 1239 53.19 -43.96 -9.61
CA GLU A 1239 51.80 -43.71 -9.24
C GLU A 1239 51.61 -42.36 -8.56
N GLN A 1240 52.69 -41.69 -8.15
CA GLN A 1240 52.56 -40.40 -7.50
C GLN A 1240 52.23 -39.31 -8.51
N LEU A 1241 52.84 -39.35 -9.69
CA LEU A 1241 52.53 -38.37 -10.73
C LEU A 1241 51.16 -38.64 -11.36
N ALA A 1242 50.73 -39.90 -11.39
CA ALA A 1242 49.40 -40.21 -11.90
C ALA A 1242 48.31 -39.77 -10.94
N ALA A 1243 48.60 -39.78 -9.63
CA ALA A 1243 47.64 -39.29 -8.66
C ALA A 1243 47.58 -37.76 -8.66
N SER A 1244 48.71 -37.10 -8.93
CA SER A 1244 48.73 -35.64 -9.00
C SER A 1244 48.04 -35.14 -10.27
N GLY A 1245 48.17 -35.87 -11.37
CA GLY A 1245 47.45 -35.52 -12.58
C GLY A 1245 45.96 -35.80 -12.47
N TYR A 1246 45.59 -36.84 -11.71
CA TYR A 1246 44.18 -37.08 -11.46
C TYR A 1246 43.60 -36.09 -10.46
N MET A 1247 44.45 -35.56 -9.57
CA MET A 1247 43.98 -34.54 -8.64
C MET A 1247 43.76 -33.20 -9.34
N LEU A 1248 44.57 -32.90 -10.37
CA LEU A 1248 44.35 -31.69 -11.14
C LEU A 1248 43.13 -31.81 -12.05
N LEU A 1249 42.82 -33.03 -12.51
CA LEU A 1249 41.63 -33.24 -13.33
C LEU A 1249 40.35 -33.17 -12.51
N ALA A 1250 40.42 -33.41 -11.20
CA ALA A 1250 39.25 -33.29 -10.35
C ALA A 1250 38.85 -31.84 -10.11
N GLU A 1251 39.77 -30.91 -10.33
CA GLU A 1251 39.50 -29.48 -10.18
C GLU A 1251 39.88 -28.73 -11.44
N ARG A 1252 39.48 -29.27 -12.59
CA ARG A 1252 39.78 -28.68 -13.89
C ARG A 1252 38.57 -28.12 -14.60
N CYS A 1253 37.44 -28.83 -14.60
CA CYS A 1253 36.24 -28.41 -15.31
C CYS A 1253 35.31 -27.64 -14.36
N ARG A 1254 35.85 -26.57 -13.79
CA ARG A 1254 35.07 -25.67 -12.95
C ARG A 1254 35.24 -24.24 -13.43
N THR A 1255 36.38 -23.96 -14.06
CA THR A 1255 36.68 -22.65 -14.61
C THR A 1255 37.68 -22.84 -15.73
N PRO A 1256 37.82 -21.85 -16.62
CA PRO A 1256 38.80 -21.94 -17.70
C PRO A 1256 40.19 -21.43 -17.35
N GLN A 1257 40.49 -21.22 -16.07
CA GLN A 1257 41.77 -20.67 -15.66
C GLN A 1257 42.83 -21.77 -15.60
N GLU A 1258 44.04 -21.38 -15.20
CA GLU A 1258 45.18 -22.29 -15.10
C GLU A 1258 45.50 -22.64 -13.66
N LYS A 1259 44.46 -22.82 -12.83
CA LYS A 1259 44.68 -23.17 -11.42
C LYS A 1259 45.20 -24.58 -11.26
N VAL A 1260 44.92 -25.48 -12.20
CA VAL A 1260 45.50 -26.82 -12.15
C VAL A 1260 46.98 -26.76 -12.50
N THR A 1261 47.40 -25.80 -13.32
CA THR A 1261 48.82 -25.61 -13.60
C THR A 1261 49.55 -25.02 -12.40
N VAL A 1262 48.88 -24.16 -11.62
CA VAL A 1262 49.47 -23.64 -10.40
C VAL A 1262 49.51 -24.71 -9.32
N LYS A 1263 48.56 -25.65 -9.35
CA LYS A 1263 48.60 -26.77 -8.43
C LYS A 1263 49.72 -27.73 -8.79
N LYS A 1264 49.99 -27.90 -10.09
CA LYS A 1264 51.09 -28.73 -10.52
C LYS A 1264 52.45 -28.06 -10.30
N THR A 1265 52.47 -26.74 -10.14
CA THR A 1265 53.72 -26.06 -9.85
C THR A 1265 54.17 -26.31 -8.42
N LEU A 1266 53.22 -26.36 -7.48
CA LEU A 1266 53.55 -26.68 -6.09
C LEU A 1266 53.73 -28.17 -5.88
N GLU A 1267 53.12 -29.00 -6.73
CA GLU A 1267 53.25 -30.44 -6.59
C GLU A 1267 54.60 -30.95 -7.07
N LYS A 1268 55.30 -30.18 -7.90
CA LYS A 1268 56.61 -30.61 -8.38
C LYS A 1268 57.67 -30.52 -7.29
N VAL A 1269 57.50 -29.58 -6.35
CA VAL A 1269 58.44 -29.47 -5.23
C VAL A 1269 58.17 -30.54 -4.17
N MET A 1270 56.96 -31.08 -4.12
CA MET A 1270 56.64 -32.12 -3.15
C MET A 1270 57.24 -33.46 -3.53
N LYS A 1271 57.25 -33.78 -4.82
CA LYS A 1271 57.80 -35.03 -5.31
C LYS A 1271 59.03 -34.81 -6.18
N LEU A 1288 45.71 -48.02 -23.21
CA LEU A 1288 44.34 -47.88 -23.70
C LEU A 1288 43.94 -49.09 -24.55
N GLU A 1289 44.36 -49.07 -25.81
CA GLU A 1289 44.11 -50.12 -26.80
C GLU A 1289 42.61 -50.38 -26.99
N ALA A 1290 41.84 -49.30 -27.05
CA ALA A 1290 40.40 -49.38 -27.27
C ALA A 1290 39.96 -48.25 -28.19
N ILE A 1291 39.04 -48.56 -29.10
CA ILE A 1291 38.55 -47.60 -30.07
C ILE A 1291 37.03 -47.61 -30.06
N GLY A 1292 36.44 -46.66 -30.79
CA GLY A 1292 35.00 -46.55 -30.88
C GLY A 1292 34.54 -45.90 -32.17
N SER A 1293 33.35 -45.31 -32.16
CA SER A 1293 32.83 -44.64 -33.35
C SER A 1293 33.55 -43.30 -33.57
N VAL A 1294 33.43 -42.40 -32.61
CA VAL A 1294 34.11 -41.11 -32.68
C VAL A 1294 35.52 -41.27 -32.14
N THR A 1295 36.36 -40.25 -32.40
CA THR A 1295 37.73 -40.28 -31.91
C THR A 1295 37.78 -40.06 -30.40
N TRP A 1296 37.29 -38.89 -29.95
CA TRP A 1296 37.17 -38.48 -28.54
C TRP A 1296 38.54 -38.53 -27.84
N THR A 1297 39.45 -37.68 -28.35
CA THR A 1297 40.78 -37.58 -27.75
C THR A 1297 40.71 -36.97 -26.35
N LYS A 1298 39.82 -36.00 -26.16
CA LYS A 1298 39.57 -35.47 -24.82
C LYS A 1298 38.71 -36.42 -24.01
N GLY A 1299 37.87 -37.23 -24.67
CA GLY A 1299 37.05 -38.19 -23.96
C GLY A 1299 37.82 -39.43 -23.57
N MET A 1300 38.92 -39.72 -24.25
CA MET A 1300 39.73 -40.89 -23.90
C MET A 1300 40.51 -40.65 -22.60
N ARG A 1301 40.89 -39.40 -22.33
CA ARG A 1301 41.56 -39.10 -21.07
C ARG A 1301 40.61 -39.19 -19.89
N ARG A 1302 39.33 -38.84 -20.09
CA ARG A 1302 38.35 -39.02 -19.03
C ARG A 1302 37.98 -40.49 -18.86
N LEU A 1303 38.02 -41.27 -19.94
CA LEU A 1303 37.71 -42.69 -19.85
C LEU A 1303 38.88 -43.51 -19.32
N SER A 1304 40.11 -43.00 -19.44
CA SER A 1304 41.26 -43.73 -18.92
C SER A 1304 41.30 -43.69 -17.40
N VAL A 1305 40.96 -42.54 -16.80
CA VAL A 1305 40.87 -42.45 -15.35
C VAL A 1305 39.59 -43.08 -14.82
N LEU A 1306 38.57 -43.22 -15.67
CA LEU A 1306 37.33 -43.85 -15.22
C LEU A 1306 37.48 -45.36 -15.07
N VAL A 1307 38.42 -45.97 -15.80
CA VAL A 1307 38.65 -47.39 -15.68
C VAL A 1307 39.68 -47.72 -14.61
N SER A 1308 40.65 -46.84 -14.37
CA SER A 1308 41.65 -47.09 -13.34
C SER A 1308 41.07 -46.88 -11.94
N SER A 1309 40.15 -45.93 -11.79
CA SER A 1309 39.50 -45.71 -10.50
C SER A 1309 38.45 -46.77 -10.20
N CYS A 1310 37.97 -47.49 -11.22
CA CYS A 1310 36.98 -48.54 -11.02
C CYS A 1310 37.61 -49.92 -10.86
N LEU A 1311 38.85 -50.11 -11.33
CA LEU A 1311 39.53 -51.38 -11.21
C LEU A 1311 40.40 -51.47 -9.95
N LYS A 1312 41.04 -50.37 -9.57
CA LYS A 1312 41.87 -50.37 -8.36
C LYS A 1312 41.02 -50.35 -7.10
N ASN A 1313 39.80 -49.81 -7.18
CA ASN A 1313 38.90 -49.77 -6.04
C ASN A 1313 37.47 -49.72 -6.55
N LYS A 1314 36.53 -50.04 -5.66
CA LYS A 1314 35.11 -50.00 -5.98
C LYS A 1314 34.51 -48.67 -5.54
N GLU A 1315 35.08 -47.60 -6.05
CA GLU A 1315 34.65 -46.25 -5.71
C GLU A 1315 33.53 -45.78 -6.61
N PRO A 1316 32.78 -44.77 -6.20
CA PRO A 1316 31.68 -44.27 -7.04
C PRO A 1316 32.13 -43.15 -7.96
N VAL A 1317 31.56 -43.14 -9.16
CA VAL A 1317 31.86 -42.14 -10.17
C VAL A 1317 30.80 -41.05 -10.11
N LEU A 1318 31.18 -39.83 -10.53
CA LEU A 1318 30.27 -38.70 -10.53
C LEU A 1318 30.72 -37.75 -11.64
N LEU A 1319 30.06 -37.84 -12.80
CA LEU A 1319 30.36 -36.96 -13.91
C LEU A 1319 29.71 -35.60 -13.69
N VAL A 1320 30.42 -34.54 -14.04
CA VAL A 1320 29.97 -33.17 -13.87
C VAL A 1320 30.30 -32.38 -15.13
N GLY A 1321 29.90 -31.12 -15.14
CA GLY A 1321 30.13 -30.22 -16.26
C GLY A 1321 28.85 -29.96 -17.03
N GLU A 1322 29.01 -29.20 -18.12
CA GLU A 1322 27.89 -28.88 -18.98
C GLU A 1322 27.54 -30.07 -19.86
N THR A 1323 26.24 -30.33 -19.99
CA THR A 1323 25.76 -31.46 -20.77
C THR A 1323 25.88 -31.16 -22.27
N GLY A 1324 25.78 -32.22 -23.06
CA GLY A 1324 25.86 -32.11 -24.51
C GLY A 1324 27.25 -32.12 -25.07
N CYS A 1325 28.29 -32.10 -24.24
CA CYS A 1325 29.67 -32.10 -24.71
C CYS A 1325 30.21 -33.49 -24.96
N GLY A 1326 29.40 -34.53 -24.77
CA GLY A 1326 29.85 -35.89 -24.98
C GLY A 1326 29.67 -36.77 -23.75
N LYS A 1327 28.93 -36.27 -22.77
CA LYS A 1327 28.69 -37.05 -21.56
C LYS A 1327 27.57 -38.07 -21.75
N THR A 1328 26.59 -37.75 -22.60
CA THR A 1328 25.50 -38.69 -22.84
C THR A 1328 25.92 -39.85 -23.73
N THR A 1329 26.81 -39.60 -24.70
CA THR A 1329 27.28 -40.66 -25.58
C THR A 1329 28.31 -41.55 -24.92
N ILE A 1330 29.11 -41.01 -24.01
CA ILE A 1330 30.12 -41.81 -23.31
C ILE A 1330 29.47 -42.71 -22.27
N CYS A 1331 28.30 -42.32 -21.76
CA CYS A 1331 27.59 -43.17 -20.82
C CYS A 1331 26.97 -44.39 -21.50
N GLN A 1332 26.70 -44.29 -22.80
CA GLN A 1332 26.19 -45.42 -23.56
C GLN A 1332 27.30 -46.23 -24.21
N LEU A 1333 28.41 -45.59 -24.58
CA LEU A 1333 29.50 -46.30 -25.23
C LEU A 1333 30.31 -47.13 -24.24
N LEU A 1334 30.56 -46.58 -23.05
CA LEU A 1334 31.30 -47.34 -22.04
C LEU A 1334 30.46 -48.45 -21.45
N ALA A 1335 29.13 -48.26 -21.39
CA ALA A 1335 28.25 -49.34 -20.94
C ALA A 1335 28.14 -50.44 -21.98
N GLN A 1336 28.28 -50.09 -23.26
CA GLN A 1336 28.25 -51.10 -24.32
C GLN A 1336 29.58 -51.84 -24.42
N PHE A 1337 30.69 -51.18 -24.07
CA PHE A 1337 32.00 -51.83 -24.13
C PHE A 1337 32.18 -52.82 -23.00
N MET A 1338 31.67 -52.49 -21.81
CA MET A 1338 31.77 -53.38 -20.67
C MET A 1338 30.79 -54.54 -20.81
N GLY A 1339 31.00 -55.57 -19.99
CA GLY A 1339 30.16 -56.76 -20.02
C GLY A 1339 29.18 -56.75 -18.86
N ARG A 1340 27.90 -56.98 -19.20
CA ARG A 1340 26.78 -57.04 -18.25
C ARG A 1340 26.64 -55.76 -17.44
N GLU A 1341 26.71 -54.62 -18.13
CA GLU A 1341 26.60 -53.31 -17.51
C GLU A 1341 25.14 -52.87 -17.53
N LEU A 1342 24.56 -52.66 -16.35
CA LEU A 1342 23.17 -52.26 -16.21
C LEU A 1342 23.16 -50.80 -15.74
N ILE A 1343 23.07 -49.89 -16.70
CA ILE A 1343 23.03 -48.46 -16.40
C ILE A 1343 21.57 -48.03 -16.30
N THR A 1344 21.21 -47.42 -15.17
CA THR A 1344 19.85 -46.96 -14.92
C THR A 1344 19.88 -45.43 -14.92
N LEU A 1345 19.69 -44.85 -16.11
CA LEU A 1345 19.72 -43.40 -16.29
C LEU A 1345 18.30 -42.87 -16.40
N ASN A 1346 17.98 -41.85 -15.61
CA ASN A 1346 16.66 -41.25 -15.63
C ASN A 1346 16.75 -39.81 -15.15
N ALA A 1347 15.94 -38.95 -15.75
CA ALA A 1347 15.94 -37.53 -15.38
C ALA A 1347 15.25 -37.34 -14.04
N HIS A 1348 15.95 -36.69 -13.09
CA HIS A 1348 15.41 -36.49 -11.76
C HIS A 1348 14.42 -35.34 -11.69
N GLN A 1349 14.36 -34.49 -12.71
CA GLN A 1349 13.43 -33.36 -12.68
C GLN A 1349 12.00 -33.80 -12.94
N ASN A 1350 11.81 -34.89 -13.70
CA ASN A 1350 10.49 -35.39 -14.01
C ASN A 1350 10.15 -36.68 -13.27
N THR A 1351 11.03 -37.15 -12.38
CA THR A 1351 10.79 -38.39 -11.67
C THR A 1351 10.13 -38.13 -10.32
N GLU A 1352 9.73 -39.21 -9.67
CA GLU A 1352 9.10 -39.17 -8.36
C GLU A 1352 9.88 -40.05 -7.38
N THR A 1353 9.61 -39.85 -6.09
CA THR A 1353 10.28 -40.63 -5.06
C THR A 1353 9.70 -42.03 -4.93
N GLY A 1354 8.43 -42.22 -5.31
CA GLY A 1354 7.82 -43.53 -5.19
C GLY A 1354 8.23 -44.51 -6.26
N ASP A 1355 8.47 -44.01 -7.49
CA ASP A 1355 8.85 -44.88 -8.59
C ASP A 1355 10.34 -45.20 -8.62
N ILE A 1356 11.14 -44.59 -7.75
CA ILE A 1356 12.57 -44.83 -7.77
C ILE A 1356 12.93 -46.08 -6.97
N LEU A 1357 12.37 -46.21 -5.76
CA LEU A 1357 12.66 -47.35 -4.90
C LEU A 1357 11.60 -48.44 -4.97
N GLY A 1358 10.42 -48.15 -5.53
CA GLY A 1358 9.35 -49.13 -5.60
C GLY A 1358 8.29 -48.88 -4.55
N ALA A 1359 7.21 -49.66 -4.65
CA ALA A 1359 6.09 -49.54 -3.74
C ALA A 1359 5.48 -50.92 -3.53
N GLN A 1360 4.31 -50.97 -2.91
CA GLN A 1360 3.62 -52.23 -2.66
C GLN A 1360 2.11 -52.06 -2.81
N GLU A 1426 0.63 -56.46 -4.08
CA GLU A 1426 1.79 -56.94 -4.82
C GLU A 1426 2.92 -55.93 -4.78
N TRP A 1427 4.03 -56.32 -4.15
CA TRP A 1427 5.19 -55.45 -4.03
C TRP A 1427 5.93 -55.41 -5.36
N SER A 1428 5.93 -54.26 -6.02
CA SER A 1428 6.57 -54.07 -7.31
C SER A 1428 7.72 -53.08 -7.16
N ASP A 1429 8.92 -53.54 -7.47
CA ASP A 1429 10.10 -52.67 -7.39
C ASP A 1429 10.16 -51.73 -8.58
N GLY A 1430 11.05 -50.74 -8.48
CA GLY A 1430 11.21 -49.76 -9.52
C GLY A 1430 12.40 -50.05 -10.41
N PRO A 1431 12.78 -49.06 -11.23
CA PRO A 1431 13.95 -49.28 -12.11
C PRO A 1431 15.27 -49.23 -11.35
N LEU A 1432 15.42 -48.31 -10.40
CA LEU A 1432 16.67 -48.20 -9.65
C LEU A 1432 16.83 -49.29 -8.61
N ILE A 1433 15.75 -49.97 -8.23
CA ILE A 1433 15.84 -51.03 -7.24
C ILE A 1433 16.51 -52.27 -7.84
N GLN A 1434 16.31 -52.51 -9.13
CA GLN A 1434 16.95 -53.65 -9.78
C GLN A 1434 18.43 -53.41 -10.02
N ALA A 1435 18.85 -52.14 -10.10
CA ALA A 1435 20.25 -51.81 -10.30
C ALA A 1435 21.07 -51.98 -9.03
N MET A 1436 20.43 -52.06 -7.87
CA MET A 1436 21.17 -52.23 -6.63
C MET A 1436 21.60 -53.68 -6.42
N ARG A 1437 20.86 -54.64 -7.00
CA ARG A 1437 21.20 -56.05 -6.84
C ARG A 1437 22.23 -56.48 -7.89
N THR A 1438 21.99 -56.12 -9.15
CA THR A 1438 22.87 -56.48 -10.24
C THR A 1438 23.24 -55.24 -11.04
N GLY A 1439 24.38 -55.32 -11.73
CA GLY A 1439 24.87 -54.20 -12.51
C GLY A 1439 26.13 -53.60 -11.95
N ASN A 1440 27.23 -53.67 -12.70
CA ASN A 1440 28.51 -53.15 -12.21
C ASN A 1440 28.58 -51.64 -12.29
N PHE A 1441 27.84 -51.02 -13.22
CA PHE A 1441 27.85 -49.57 -13.40
C PHE A 1441 26.42 -49.09 -13.63
N PHE A 1442 25.81 -48.52 -12.59
CA PHE A 1442 24.46 -47.97 -12.67
C PHE A 1442 24.57 -46.47 -12.88
N LEU A 1443 24.85 -46.09 -14.12
CA LEU A 1443 25.03 -44.68 -14.48
C LEU A 1443 23.67 -43.99 -14.54
N LEU A 1444 23.48 -42.98 -13.70
CA LEU A 1444 22.23 -42.23 -13.62
C LEU A 1444 22.46 -40.85 -14.25
N ASP A 1445 22.17 -40.74 -15.53
CA ASP A 1445 22.33 -39.47 -16.23
C ASP A 1445 21.21 -38.51 -15.87
N GLU A 1446 21.58 -37.23 -15.74
CA GLU A 1446 20.68 -36.12 -15.37
C GLU A 1446 19.97 -36.38 -14.04
N ILE A 1447 20.73 -36.85 -13.05
CA ILE A 1447 20.22 -37.14 -11.73
C ILE A 1447 20.67 -36.07 -10.72
N SER A 1448 21.14 -34.92 -11.21
CA SER A 1448 21.60 -33.88 -10.31
C SER A 1448 20.45 -33.07 -9.72
N LEU A 1449 19.29 -33.08 -10.37
CA LEU A 1449 18.14 -32.29 -9.94
C LEU A 1449 17.36 -32.94 -8.80
N ALA A 1450 17.80 -34.10 -8.30
CA ALA A 1450 17.11 -34.75 -7.21
C ALA A 1450 17.38 -34.03 -5.89
N ASP A 1451 16.55 -34.32 -4.90
CA ASP A 1451 16.68 -33.68 -3.60
C ASP A 1451 17.86 -34.28 -2.82
N ASP A 1452 18.24 -33.58 -1.75
CA ASP A 1452 19.37 -34.02 -0.94
C ASP A 1452 19.00 -35.20 -0.05
N SER A 1453 17.71 -35.38 0.26
CA SER A 1453 17.30 -36.51 1.08
C SER A 1453 17.36 -37.83 0.30
N VAL A 1454 17.20 -37.76 -1.02
CA VAL A 1454 17.32 -38.96 -1.84
C VAL A 1454 18.78 -39.38 -1.94
N LEU A 1455 19.69 -38.41 -1.99
CA LEU A 1455 21.12 -38.73 -1.99
C LEU A 1455 21.64 -39.08 -0.61
N GLU A 1456 20.94 -38.66 0.45
CA GLU A 1456 21.36 -39.01 1.80
C GLU A 1456 21.05 -40.47 2.12
N ARG A 1457 20.00 -41.02 1.51
CA ARG A 1457 19.70 -42.44 1.70
C ARG A 1457 20.72 -43.32 0.99
N LEU A 1458 21.30 -42.83 -0.10
CA LEU A 1458 22.37 -43.52 -0.81
C LEU A 1458 23.76 -43.10 -0.34
N ASN A 1459 23.85 -42.27 0.71
CA ASN A 1459 25.15 -41.84 1.19
C ASN A 1459 25.88 -42.94 1.94
N SER A 1460 25.14 -43.88 2.52
CA SER A 1460 25.76 -44.99 3.24
C SER A 1460 26.29 -46.08 2.31
N VAL A 1461 25.79 -46.16 1.08
CA VAL A 1461 26.24 -47.16 0.12
C VAL A 1461 27.39 -46.67 -0.75
N LEU A 1462 27.87 -45.45 -0.53
CA LEU A 1462 28.96 -44.90 -1.32
C LEU A 1462 30.31 -45.00 -0.60
N GLU A 1463 30.40 -44.44 0.61
CA GLU A 1463 31.66 -44.42 1.33
C GLU A 1463 31.97 -45.76 1.99
N PRO A 1464 30.94 -46.41 2.53
CA PRO A 1464 31.09 -47.68 3.21
C PRO A 1464 31.04 -48.83 2.20
N GLU A 1465 30.88 -50.05 2.69
CA GLU A 1465 30.72 -51.20 1.81
C GLU A 1465 29.38 -51.14 1.07
N ARG A 1466 29.30 -51.87 -0.03
CA ARG A 1466 28.14 -51.84 -0.91
C ARG A 1466 27.00 -52.63 -0.26
N SER A 1467 26.32 -51.98 0.67
CA SER A 1467 25.18 -52.60 1.37
C SER A 1467 24.26 -51.48 1.83
N LEU A 1468 23.17 -51.26 1.10
CA LEU A 1468 22.21 -50.22 1.43
C LEU A 1468 21.16 -50.80 2.36
N LEU A 1469 21.06 -50.25 3.58
CA LEU A 1469 20.10 -50.72 4.57
C LEU A 1469 18.72 -50.17 4.22
N LEU A 1470 18.03 -50.90 3.34
CA LEU A 1470 16.69 -50.53 2.88
C LEU A 1470 15.69 -51.46 3.56
N ALA A 1471 14.71 -50.87 4.23
CA ALA A 1471 13.68 -51.62 4.95
C ALA A 1471 12.37 -51.51 4.17
N GLU A 1472 11.82 -52.67 3.79
CA GLU A 1472 10.56 -52.81 3.05
C GLU A 1472 10.52 -52.01 1.75
N SER A 1476 10.42 -58.14 3.79
CA SER A 1476 11.33 -57.72 2.74
C SER A 1476 12.19 -56.54 3.20
N ASP A 1477 12.66 -56.61 4.44
CA ASP A 1477 13.48 -55.57 5.04
C ASP A 1477 14.87 -56.17 5.29
N SER A 1478 15.75 -56.06 4.30
CA SER A 1478 17.09 -56.60 4.40
C SER A 1478 18.02 -55.79 3.49
N LEU A 1479 19.30 -55.75 3.86
CA LEU A 1479 20.32 -55.04 3.10
C LEU A 1479 21.07 -56.04 2.23
N VAL A 1480 20.98 -55.87 0.92
CA VAL A 1480 21.61 -56.77 -0.03
C VAL A 1480 23.01 -56.26 -0.35
N THR A 1481 23.96 -57.17 -0.49
CA THR A 1481 25.34 -56.85 -0.81
C THR A 1481 25.57 -56.95 -2.31
N ALA A 1482 26.25 -55.95 -2.87
CA ALA A 1482 26.54 -55.92 -4.30
C ALA A 1482 27.86 -56.63 -4.57
N SER A 1483 28.24 -56.67 -5.85
CA SER A 1483 29.47 -57.33 -6.26
C SER A 1483 30.67 -56.44 -5.97
N GLU A 1484 31.87 -57.01 -6.18
CA GLU A 1484 33.10 -56.27 -5.96
C GLU A 1484 33.36 -55.24 -7.06
N ASN A 1485 32.87 -55.50 -8.27
CA ASN A 1485 33.02 -54.57 -9.38
C ASN A 1485 31.86 -53.58 -9.49
N PHE A 1486 30.91 -53.62 -8.57
CA PHE A 1486 29.77 -52.73 -8.62
C PHE A 1486 30.16 -51.32 -8.19
N GLN A 1487 29.53 -50.33 -8.81
CA GLN A 1487 29.79 -48.93 -8.50
C GLN A 1487 28.54 -48.11 -8.77
N PHE A 1488 28.57 -46.85 -8.34
CA PHE A 1488 27.47 -45.91 -8.55
C PHE A 1488 27.99 -44.73 -9.36
N PHE A 1489 27.43 -44.54 -10.54
CA PHE A 1489 27.81 -43.45 -11.43
C PHE A 1489 26.62 -42.52 -11.65
N ALA A 1490 26.93 -41.24 -11.85
CA ALA A 1490 25.90 -40.23 -12.07
C ALA A 1490 26.49 -39.09 -12.87
N THR A 1491 25.64 -38.48 -13.71
CA THR A 1491 26.03 -37.34 -14.53
C THR A 1491 25.33 -36.10 -14.01
N MET A 1492 26.12 -35.09 -13.64
CA MET A 1492 25.59 -33.85 -13.09
C MET A 1492 25.65 -32.74 -14.13
N ASN A 1493 24.78 -31.75 -13.94
CA ASN A 1493 24.69 -30.60 -14.83
C ASN A 1493 25.68 -29.53 -14.41
N PRO A 1494 25.74 -28.40 -15.11
CA PRO A 1494 26.64 -27.32 -14.72
C PRO A 1494 26.14 -26.60 -13.48
N GLY A 1495 26.99 -25.71 -12.96
CA GLY A 1495 26.71 -24.99 -11.73
C GLY A 1495 25.74 -23.83 -11.85
N GLY A 1496 25.18 -23.58 -13.04
CA GLY A 1496 24.25 -22.47 -13.19
C GLY A 1496 22.88 -22.74 -12.60
N ASP A 1497 22.38 -23.96 -12.71
CA ASP A 1497 21.09 -24.31 -12.15
C ASP A 1497 21.19 -24.53 -10.64
N TYR A 1498 20.13 -24.16 -9.93
CA TYR A 1498 20.11 -24.30 -8.48
C TYR A 1498 19.85 -25.74 -8.03
N GLY A 1499 19.38 -26.60 -8.93
CA GLY A 1499 19.10 -27.98 -8.58
C GLY A 1499 20.36 -28.83 -8.44
N LYS A 1500 21.37 -28.53 -9.25
CA LYS A 1500 22.59 -29.33 -9.24
C LYS A 1500 23.47 -29.03 -8.03
N LYS A 1501 23.26 -27.90 -7.36
CA LYS A 1501 24.02 -27.54 -6.18
C LYS A 1501 23.40 -28.08 -4.89
N GLU A 1502 22.43 -28.98 -4.99
CA GLU A 1502 21.77 -29.53 -3.81
C GLU A 1502 22.60 -30.58 -3.09
N LEU A 1503 23.69 -31.06 -3.71
CA LEU A 1503 24.55 -32.04 -3.06
C LEU A 1503 25.39 -31.36 -1.98
N SER A 1504 25.44 -31.98 -0.81
CA SER A 1504 26.17 -31.43 0.33
C SER A 1504 27.65 -31.75 0.19
N PRO A 1505 28.49 -31.26 1.12
CA PRO A 1505 29.93 -31.54 1.03
C PRO A 1505 30.30 -32.94 1.50
N ALA A 1506 29.54 -33.54 2.41
CA ALA A 1506 29.87 -34.88 2.89
C ALA A 1506 29.49 -35.96 1.89
N LEU A 1507 28.53 -35.69 1.01
CA LEU A 1507 28.09 -36.66 0.03
C LEU A 1507 28.70 -36.42 -1.35
N ARG A 1508 29.64 -35.49 -1.47
CA ARG A 1508 30.27 -35.18 -2.75
C ARG A 1508 31.79 -35.23 -2.72
N ASN A 1509 32.41 -34.95 -1.56
CA ASN A 1509 33.86 -34.94 -1.49
C ASN A 1509 34.45 -36.35 -1.42
N ARG A 1510 33.71 -37.30 -0.86
CA ARG A 1510 34.19 -38.68 -0.72
C ARG A 1510 33.78 -39.55 -1.90
N PHE A 1511 34.12 -39.10 -3.11
CA PHE A 1511 33.78 -39.83 -4.32
C PHE A 1511 34.72 -39.40 -5.43
N THR A 1512 34.89 -40.28 -6.42
CA THR A 1512 35.69 -39.97 -7.60
C THR A 1512 34.87 -39.12 -8.55
N GLU A 1513 35.26 -37.86 -8.73
CA GLU A 1513 34.54 -36.91 -9.58
C GLU A 1513 35.46 -36.49 -10.71
N ILE A 1514 35.16 -36.97 -11.92
CA ILE A 1514 35.94 -36.66 -13.11
C ILE A 1514 35.01 -35.95 -14.08
N TRP A 1515 35.15 -34.63 -14.18
CA TRP A 1515 34.32 -33.82 -15.06
C TRP A 1515 35.06 -33.52 -16.36
N VAL A 1516 34.28 -33.26 -17.41
CA VAL A 1516 34.81 -33.09 -18.75
C VAL A 1516 35.20 -31.62 -18.92
N PRO A 1517 36.46 -31.31 -19.20
CA PRO A 1517 36.87 -29.91 -19.41
C PRO A 1517 36.67 -29.47 -20.85
N SER A 1518 37.09 -28.24 -21.15
CA SER A 1518 36.96 -27.71 -22.50
C SER A 1518 37.95 -28.38 -23.44
N MET A 1519 37.59 -28.40 -24.73
CA MET A 1519 38.42 -29.06 -25.73
C MET A 1519 39.62 -28.19 -26.07
N GLU A 1520 40.81 -28.77 -26.01
CA GLU A 1520 42.06 -28.08 -26.32
C GLU A 1520 42.54 -28.54 -27.70
N ASP A 1521 42.65 -27.59 -28.63
CA ASP A 1521 43.11 -27.79 -30.01
C ASP A 1521 42.25 -28.83 -30.75
N PHE A 1522 40.95 -28.56 -30.79
CA PHE A 1522 39.99 -29.42 -31.47
C PHE A 1522 39.78 -28.95 -32.91
N ASN A 1523 40.86 -29.01 -33.68
CA ASN A 1523 40.83 -28.57 -35.07
C ASN A 1523 40.34 -29.65 -36.02
N ASP A 1524 40.49 -30.92 -35.64
CA ASP A 1524 40.06 -32.03 -36.47
C ASP A 1524 38.79 -32.69 -35.96
N VAL A 1525 38.25 -32.24 -34.83
CA VAL A 1525 37.04 -32.86 -34.29
C VAL A 1525 35.80 -32.40 -35.05
N ASN A 1526 35.85 -31.22 -35.65
CA ASN A 1526 34.71 -30.70 -36.40
C ASN A 1526 34.61 -31.26 -37.81
N MET A 1527 35.68 -31.87 -38.32
CA MET A 1527 35.67 -32.42 -39.67
C MET A 1527 34.85 -33.70 -39.76
N ILE A 1528 34.78 -34.47 -38.67
CA ILE A 1528 34.00 -35.70 -38.70
C ILE A 1528 32.51 -35.41 -38.58
N VAL A 1529 32.13 -34.34 -37.88
CA VAL A 1529 30.72 -34.00 -37.76
C VAL A 1529 30.22 -33.30 -39.03
N SER A 1530 31.09 -32.54 -39.70
CA SER A 1530 30.69 -31.86 -40.92
C SER A 1530 30.65 -32.79 -42.12
N SER A 1531 31.32 -33.94 -42.05
CA SER A 1531 31.34 -34.89 -43.16
C SER A 1531 30.08 -35.76 -43.23
N ARG A 1532 29.23 -35.72 -42.20
CA ARG A 1532 28.03 -36.53 -42.19
C ARG A 1532 26.92 -35.98 -43.08
N LEU A 1533 27.05 -34.74 -43.55
CA LEU A 1533 26.04 -34.15 -44.41
C LEU A 1533 26.22 -34.65 -45.85
N LEU A 1534 25.32 -34.20 -46.74
CA LEU A 1534 25.38 -34.60 -48.13
C LEU A 1534 26.42 -33.84 -48.94
N GLU A 1535 27.03 -32.80 -48.36
CA GLU A 1535 28.02 -32.00 -49.07
C GLU A 1535 29.38 -32.71 -49.05
N ASP A 1536 30.35 -32.10 -49.73
CA ASP A 1536 31.70 -32.65 -49.82
C ASP A 1536 32.77 -31.68 -49.33
N LEU A 1537 32.59 -30.38 -49.57
CA LEU A 1537 33.55 -29.36 -49.15
C LEU A 1537 33.15 -28.72 -47.83
N LYS A 1538 32.47 -29.45 -46.96
CA LYS A 1538 32.06 -28.91 -45.67
C LYS A 1538 33.21 -28.79 -44.68
N ASP A 1539 34.27 -29.57 -44.88
CA ASP A 1539 35.43 -29.52 -43.99
C ASP A 1539 36.38 -28.37 -44.31
N LEU A 1540 36.20 -27.70 -45.45
CA LEU A 1540 37.05 -26.58 -45.83
C LEU A 1540 36.32 -25.25 -45.89
N ALA A 1541 35.01 -25.24 -46.10
CA ALA A 1541 34.25 -24.00 -46.17
C ALA A 1541 33.70 -23.59 -44.82
N ASN A 1542 33.09 -24.53 -44.10
CA ASN A 1542 32.48 -24.25 -42.80
C ASN A 1542 33.55 -24.10 -41.72
N PRO A 1543 34.63 -24.88 -41.78
CA PRO A 1543 35.64 -24.80 -40.72
C PRO A 1543 36.51 -23.55 -40.82
N ILE A 1544 36.73 -23.07 -42.05
CA ILE A 1544 37.51 -21.85 -42.22
C ILE A 1544 36.69 -20.62 -41.86
N VAL A 1545 35.38 -20.64 -42.09
CA VAL A 1545 34.54 -19.51 -41.73
C VAL A 1545 34.28 -19.49 -40.23
N LYS A 1546 34.25 -20.66 -39.58
CA LYS A 1546 34.07 -20.70 -38.14
C LYS A 1546 35.35 -20.29 -37.41
N PHE A 1547 36.51 -20.57 -38.00
CA PHE A 1547 37.77 -20.16 -37.40
C PHE A 1547 38.07 -18.68 -37.59
N SER A 1548 37.41 -18.03 -38.55
CA SER A 1548 37.64 -16.60 -38.77
C SER A 1548 36.99 -15.76 -37.68
N GLU A 1549 35.74 -16.08 -37.34
CA GLU A 1549 35.06 -15.37 -36.27
C GLU A 1549 35.57 -15.76 -34.89
N TRP A 1550 36.13 -16.95 -34.75
CA TRP A 1550 36.69 -17.37 -33.47
C TRP A 1550 38.04 -16.72 -33.20
N PHE A 1551 38.78 -16.35 -34.26
CA PHE A 1551 40.08 -15.71 -34.07
C PHE A 1551 39.94 -14.25 -33.69
N GLY A 1552 38.89 -13.57 -34.14
CA GLY A 1552 38.69 -12.17 -33.82
C GLY A 1552 38.08 -11.90 -32.47
N LYS A 1553 37.51 -12.93 -31.83
CA LYS A 1553 36.85 -12.87 -30.52
C LYS A 1553 35.75 -11.82 -30.45
N ASN A 1559 34.93 -23.97 -26.20
CA ASN A 1559 34.44 -23.89 -27.58
C ASN A 1559 33.26 -24.84 -27.79
N ALA A 1560 32.59 -25.22 -26.70
CA ALA A 1560 31.43 -26.09 -26.80
C ALA A 1560 30.22 -25.36 -27.39
N THR A 1561 30.14 -24.05 -27.18
CA THR A 1561 29.07 -23.27 -27.78
C THR A 1561 29.28 -23.08 -29.27
N SER A 1562 30.53 -23.11 -29.73
CA SER A 1562 30.81 -22.99 -31.16
C SER A 1562 30.45 -24.27 -31.90
N GLY A 1563 30.47 -25.41 -31.20
CA GLY A 1563 30.05 -26.66 -31.83
C GLY A 1563 28.56 -26.74 -32.05
N VAL A 1564 27.78 -26.04 -31.23
CA VAL A 1564 26.33 -26.01 -31.43
C VAL A 1564 25.98 -25.15 -32.65
N ILE A 1565 26.76 -24.11 -32.92
CA ILE A 1565 26.58 -23.32 -34.13
C ILE A 1565 27.18 -24.00 -35.35
N SER A 1566 28.19 -24.86 -35.15
CA SER A 1566 28.79 -25.57 -36.27
C SER A 1566 27.88 -26.69 -36.76
N LEU A 1567 27.19 -27.37 -35.84
CA LEU A 1567 26.26 -28.41 -36.24
C LEU A 1567 24.98 -27.83 -36.82
N ARG A 1568 24.56 -26.65 -36.35
CA ARG A 1568 23.37 -26.01 -36.88
C ARG A 1568 23.62 -25.36 -38.23
N ASP A 1569 24.86 -25.00 -38.55
CA ASP A 1569 25.15 -24.38 -39.84
C ASP A 1569 25.10 -25.40 -40.97
N ILE A 1570 25.44 -26.66 -40.68
CA ILE A 1570 25.37 -27.70 -41.71
C ILE A 1570 23.93 -28.11 -41.97
N LEU A 1571 23.04 -27.97 -40.99
CA LEU A 1571 21.64 -28.28 -41.20
C LEU A 1571 20.96 -27.22 -42.08
N ALA A 1572 21.42 -25.97 -42.01
CA ALA A 1572 20.93 -24.95 -42.91
C ALA A 1572 21.63 -25.00 -44.26
N TRP A 1573 22.78 -25.64 -44.35
CA TRP A 1573 23.49 -25.80 -45.62
C TRP A 1573 23.02 -26.99 -46.42
N VAL A 1574 22.54 -28.05 -45.75
CA VAL A 1574 22.06 -29.22 -46.46
C VAL A 1574 20.67 -28.99 -47.05
N GLU A 1575 19.89 -28.08 -46.46
CA GLU A 1575 18.56 -27.78 -46.95
C GLU A 1575 18.57 -26.88 -48.18
N PHE A 1576 19.71 -26.29 -48.52
CA PHE A 1576 19.82 -25.42 -49.69
C PHE A 1576 19.93 -26.29 -50.94
N ILE A 1577 18.78 -26.74 -51.42
CA ILE A 1577 18.73 -27.59 -52.61
C ILE A 1577 17.70 -27.03 -53.58
N ASN A 1578 17.30 -25.77 -53.36
CA ASN A 1578 16.32 -25.11 -54.22
C ASN A 1578 16.90 -23.88 -54.92
N LYS A 1579 18.22 -23.82 -55.08
CA LYS A 1579 18.87 -22.70 -55.73
C LYS A 1579 20.17 -23.20 -56.35
N VAL A 1580 21.03 -22.26 -56.74
CA VAL A 1580 22.33 -22.64 -57.30
C VAL A 1580 23.26 -23.16 -56.21
N PHE A 1581 23.16 -22.59 -55.00
CA PHE A 1581 23.90 -22.91 -53.78
C PHE A 1581 25.41 -22.85 -54.01
N PRO A 1582 25.90 -21.84 -54.72
CA PRO A 1582 27.36 -21.70 -54.87
C PRO A 1582 27.98 -21.08 -53.61
N LYS A 1583 27.24 -20.18 -52.97
CA LYS A 1583 27.67 -19.59 -51.71
C LYS A 1583 26.52 -19.42 -50.74
N ILE A 1584 25.32 -19.91 -51.06
CA ILE A 1584 24.15 -19.76 -50.18
C ILE A 1584 24.13 -20.78 -49.06
N GLN A 1585 25.05 -21.75 -49.06
CA GLN A 1585 25.11 -22.72 -47.96
C GLN A 1585 25.64 -22.08 -46.68
N ASN A 1586 26.46 -21.04 -46.81
CA ASN A 1586 26.94 -20.29 -45.66
C ASN A 1586 26.19 -18.99 -45.42
N LYS A 1587 25.55 -18.44 -46.47
CA LYS A 1587 24.79 -17.20 -46.31
C LYS A 1587 23.46 -17.42 -45.61
N SER A 1588 22.82 -18.57 -45.86
CA SER A 1588 21.57 -18.87 -45.17
C SER A 1588 21.80 -19.22 -43.71
N THR A 1589 22.95 -19.82 -43.40
CA THR A 1589 23.32 -20.12 -42.03
C THR A 1589 24.03 -18.97 -41.33
N ALA A 1590 24.24 -17.84 -42.03
CA ALA A 1590 24.90 -16.69 -41.44
C ALA A 1590 24.01 -15.96 -40.44
N LEU A 1591 22.69 -16.16 -40.52
CA LEU A 1591 21.78 -15.55 -39.56
C LEU A 1591 21.86 -16.21 -38.19
N ILE A 1592 22.35 -17.45 -38.11
CA ILE A 1592 22.45 -18.14 -36.84
C ILE A 1592 23.77 -17.89 -36.13
N GLN A 1593 24.80 -17.42 -36.84
CA GLN A 1593 26.10 -17.16 -36.24
C GLN A 1593 26.52 -15.70 -36.34
N GLY A 1594 26.40 -15.11 -37.52
CA GLY A 1594 26.84 -13.74 -37.73
C GLY A 1594 25.87 -12.69 -37.22
N ALA A 1595 24.57 -12.94 -37.42
CA ALA A 1595 23.56 -11.98 -37.01
C ALA A 1595 23.35 -11.96 -35.49
N SER A 1596 23.71 -13.02 -34.80
CA SER A 1596 23.56 -13.11 -33.35
C SER A 1596 24.79 -12.62 -32.60
N MET A 1597 25.71 -11.94 -33.27
CA MET A 1597 26.92 -11.47 -32.61
C MET A 1597 26.66 -10.25 -31.73
N VAL A 1598 25.58 -9.50 -31.99
CA VAL A 1598 25.28 -8.30 -31.22
C VAL A 1598 24.46 -8.60 -29.96
N PHE A 1599 24.17 -9.87 -29.68
CA PHE A 1599 23.38 -10.21 -28.50
C PHE A 1599 24.25 -10.18 -27.24
N ILE A 1600 25.28 -11.03 -27.20
CA ILE A 1600 26.16 -11.11 -26.04
C ILE A 1600 27.31 -10.13 -26.22
N ASP A 1601 28.02 -10.24 -27.35
CA ASP A 1601 29.16 -9.38 -27.64
C ASP A 1601 28.66 -8.02 -28.10
N ALA A 1602 28.33 -7.18 -27.13
CA ALA A 1602 27.84 -5.83 -27.40
C ALA A 1602 29.03 -4.91 -27.65
N LEU A 1603 29.46 -4.85 -28.91
CA LEU A 1603 30.58 -4.00 -29.29
C LEU A 1603 30.12 -2.57 -29.51
N GLY A 1604 31.05 -1.70 -29.86
CA GLY A 1604 30.74 -0.30 -30.10
C GLY A 1604 29.99 -0.06 -31.39
N THR A 1605 30.63 -0.36 -32.52
CA THR A 1605 30.01 -0.20 -33.84
C THR A 1605 29.53 -1.57 -34.30
N ASN A 1606 28.24 -1.84 -34.13
CA ASN A 1606 27.69 -3.13 -34.52
C ASN A 1606 27.55 -3.26 -36.03
N ASN A 1607 27.39 -2.13 -36.74
CA ASN A 1607 27.30 -2.18 -38.19
C ASN A 1607 28.66 -2.44 -38.83
N THR A 1608 29.75 -2.06 -38.16
CA THR A 1608 31.08 -2.33 -38.68
C THR A 1608 31.50 -3.79 -38.48
N ALA A 1609 30.96 -4.43 -37.44
CA ALA A 1609 31.27 -5.85 -37.22
C ALA A 1609 30.52 -6.73 -38.20
N TYR A 1610 29.29 -6.35 -38.55
CA TYR A 1610 28.52 -7.11 -39.52
C TYR A 1610 29.02 -6.88 -40.95
N LEU A 1611 29.58 -5.70 -41.23
CA LEU A 1611 30.14 -5.45 -42.54
C LEU A 1611 31.43 -6.21 -42.76
N ALA A 1612 32.23 -6.37 -41.71
CA ALA A 1612 33.44 -7.19 -41.81
C ALA A 1612 33.10 -8.67 -41.82
N GLU A 1613 31.99 -9.06 -41.18
CA GLU A 1613 31.56 -10.45 -41.23
C GLU A 1613 30.98 -10.80 -42.59
N ASN A 1614 30.30 -9.84 -43.25
CA ASN A 1614 29.81 -10.06 -44.60
C ASN A 1614 30.92 -10.06 -45.63
N GLU A 1615 32.06 -9.41 -45.33
CA GLU A 1615 33.19 -9.43 -46.23
C GLU A 1615 33.98 -10.73 -46.07
N ASN A 1616 34.10 -11.24 -44.85
CA ASN A 1616 34.83 -12.48 -44.62
C ASN A 1616 34.03 -13.70 -45.06
N ASP A 1617 32.70 -13.61 -45.12
CA ASP A 1617 31.88 -14.73 -45.57
C ASP A 1617 31.97 -14.89 -47.08
N LEU A 1618 32.02 -13.79 -47.82
CA LEU A 1618 32.16 -13.87 -49.27
C LEU A 1618 33.59 -14.19 -49.69
N LYS A 1619 34.58 -13.85 -48.86
CA LYS A 1619 35.97 -14.14 -49.19
C LYS A 1619 36.31 -15.61 -49.00
N SER A 1620 35.66 -16.29 -48.06
CA SER A 1620 35.91 -17.70 -47.85
C SER A 1620 35.26 -18.55 -48.93
N LEU A 1621 34.03 -18.21 -49.32
CA LEU A 1621 33.32 -18.96 -50.35
C LEU A 1621 33.84 -18.60 -51.74
N PHE A 1672 1.03 -1.85 -38.46
CA PHE A 1672 2.20 -1.36 -39.18
C PHE A 1672 2.01 -1.49 -40.69
N ASN A 1673 3.12 -1.45 -41.43
CA ASN A 1673 3.09 -1.57 -42.87
C ASN A 1673 4.39 -2.17 -43.36
N LEU A 1674 4.40 -2.55 -44.64
CA LEU A 1674 5.58 -3.15 -45.28
C LEU A 1674 6.15 -2.15 -46.27
N THR A 1675 7.34 -1.64 -45.97
CA THR A 1675 8.00 -0.65 -46.82
C THR A 1675 9.44 -1.09 -47.08
N ALA A 1676 10.16 -0.27 -47.84
CA ALA A 1676 11.56 -0.49 -48.18
C ALA A 1676 12.47 -0.41 -46.96
N PRO A 1677 12.04 0.27 -45.89
CA PRO A 1677 12.90 0.44 -44.71
C PRO A 1677 13.05 -0.83 -43.88
N THR A 1678 13.67 -0.69 -42.70
CA THR A 1678 14.02 -1.80 -41.82
C THR A 1678 12.81 -2.50 -41.19
N THR A 1679 11.57 -2.04 -41.44
CA THR A 1679 10.39 -2.78 -41.00
C THR A 1679 10.25 -4.11 -41.74
N ALA A 1680 10.67 -4.15 -43.00
CA ALA A 1680 10.67 -5.40 -43.76
C ALA A 1680 12.02 -6.10 -43.75
N SER A 1681 13.11 -5.35 -43.54
CA SER A 1681 14.42 -5.96 -43.46
C SER A 1681 14.59 -6.77 -42.18
N ASN A 1682 13.98 -6.32 -41.08
CA ASN A 1682 13.96 -7.14 -39.87
C ASN A 1682 13.01 -8.32 -40.01
N LEU A 1683 12.01 -8.21 -40.89
CA LEU A 1683 11.12 -9.34 -41.16
C LEU A 1683 11.83 -10.41 -41.97
N VAL A 1684 12.86 -10.04 -42.74
CA VAL A 1684 13.65 -11.04 -43.45
C VAL A 1684 14.54 -11.80 -42.49
N ARG A 1685 14.92 -11.18 -41.37
CA ARG A 1685 15.68 -11.89 -40.35
C ARG A 1685 14.80 -12.87 -39.58
N VAL A 1686 13.51 -12.56 -39.45
CA VAL A 1686 12.59 -13.51 -38.83
C VAL A 1686 12.15 -14.59 -39.80
N VAL A 1687 12.17 -14.31 -41.11
CA VAL A 1687 11.81 -15.32 -42.10
C VAL A 1687 12.96 -16.28 -42.35
N ARG A 1688 14.18 -15.92 -41.99
CA ARG A 1688 15.31 -16.84 -42.16
C ARG A 1688 15.27 -17.97 -41.14
N ALA A 1689 14.65 -17.73 -39.98
CA ALA A 1689 14.46 -18.78 -38.99
C ALA A 1689 13.29 -19.69 -39.32
N MET A 1690 12.47 -19.33 -40.31
CA MET A 1690 11.30 -20.11 -40.68
C MET A 1690 11.62 -21.26 -41.64
N GLN A 1691 12.89 -21.48 -41.95
CA GLN A 1691 13.27 -22.61 -42.81
C GLN A 1691 13.09 -23.93 -42.07
N VAL A 1692 13.66 -24.03 -40.88
CA VAL A 1692 13.44 -25.19 -40.01
C VAL A 1692 12.27 -24.94 -39.06
N HIS A 1693 12.28 -23.76 -38.43
CA HIS A 1693 11.19 -23.22 -37.61
C HIS A 1693 10.84 -24.09 -36.40
N LYS A 1694 11.79 -24.90 -35.92
CA LYS A 1694 11.55 -25.69 -34.72
C LYS A 1694 11.56 -24.79 -33.50
N PRO A 1695 12.72 -24.28 -33.09
CA PRO A 1695 12.74 -23.27 -32.03
C PRO A 1695 12.77 -21.86 -32.60
N ILE A 1696 12.30 -20.89 -31.82
CA ILE A 1696 12.33 -19.48 -32.22
C ILE A 1696 12.35 -18.64 -30.96
N LEU A 1697 13.23 -17.64 -30.92
CA LEU A 1697 13.33 -16.75 -29.76
C LEU A 1697 13.79 -15.39 -30.27
N LEU A 1698 12.82 -14.49 -30.48
CA LEU A 1698 13.11 -13.14 -30.92
C LEU A 1698 13.06 -12.18 -29.74
N GLU A 1699 14.06 -11.30 -29.67
CA GLU A 1699 14.18 -10.34 -28.58
C GLU A 1699 14.15 -8.92 -29.14
N GLY A 1700 13.90 -7.97 -28.25
CA GLY A 1700 13.84 -6.58 -28.64
C GLY A 1700 13.15 -5.75 -27.57
N SER A 1701 12.85 -4.51 -27.94
CA SER A 1701 12.20 -3.58 -27.03
C SER A 1701 10.71 -3.89 -26.92
N PRO A 1702 10.05 -3.33 -25.90
CA PRO A 1702 8.61 -3.56 -25.75
C PRO A 1702 7.83 -2.66 -26.72
N GLY A 1703 6.90 -3.27 -27.45
CA GLY A 1703 6.16 -2.53 -28.45
C GLY A 1703 6.96 -2.21 -29.69
N VAL A 1704 7.98 -3.01 -30.00
CA VAL A 1704 8.85 -2.77 -31.14
C VAL A 1704 8.41 -3.58 -32.36
N GLY A 1705 7.19 -4.11 -32.36
CA GLY A 1705 6.66 -4.85 -33.48
C GLY A 1705 6.66 -6.35 -33.33
N LYS A 1706 6.61 -6.86 -32.10
CA LYS A 1706 6.62 -8.31 -31.89
C LYS A 1706 5.26 -8.93 -32.21
N THR A 1707 4.20 -8.42 -31.59
CA THR A 1707 2.88 -8.98 -31.80
C THR A 1707 2.24 -8.52 -33.10
N SER A 1708 2.67 -7.35 -33.62
CA SER A 1708 2.08 -6.83 -34.85
C SER A 1708 2.58 -7.59 -36.08
N LEU A 1709 3.88 -7.88 -36.13
CA LEU A 1709 4.43 -8.60 -37.27
C LEU A 1709 4.12 -10.09 -37.23
N ILE A 1710 3.83 -10.64 -36.04
CA ILE A 1710 3.51 -12.06 -35.95
C ILE A 1710 2.10 -12.34 -36.43
N THR A 1711 1.17 -11.39 -36.22
CA THR A 1711 -0.21 -11.59 -36.66
C THR A 1711 -0.34 -11.48 -38.17
N ALA A 1712 0.51 -10.65 -38.81
CA ALA A 1712 0.48 -10.56 -40.27
C ALA A 1712 1.11 -11.79 -40.92
N LEU A 1713 2.04 -12.45 -40.22
CA LEU A 1713 2.63 -13.67 -40.75
C LEU A 1713 1.66 -14.84 -40.63
N ALA A 1714 0.70 -14.76 -39.72
CA ALA A 1714 -0.31 -15.80 -39.61
C ALA A 1714 -1.41 -15.65 -40.66
N ASN A 1715 -1.75 -14.42 -41.02
CA ASN A 1715 -2.77 -14.19 -42.04
C ASN A 1715 -2.23 -14.44 -43.44
N ILE A 1716 -0.95 -14.15 -43.68
CA ILE A 1716 -0.38 -14.35 -45.00
C ILE A 1716 -0.09 -15.81 -45.28
N THR A 1717 0.19 -16.60 -44.24
CA THR A 1717 0.45 -18.02 -44.42
C THR A 1717 -0.86 -18.80 -44.47
N GLY A 1718 -0.84 -19.91 -45.21
CA GLY A 1718 -2.02 -20.74 -45.37
C GLY A 1718 -2.19 -21.68 -44.19
N ASN A 1719 -3.38 -21.64 -43.59
CA ASN A 1719 -3.78 -22.49 -42.45
C ASN A 1719 -2.85 -22.31 -41.25
N LYS A 1720 -2.50 -21.07 -40.96
CA LYS A 1720 -1.60 -20.75 -39.85
C LYS A 1720 -2.41 -20.35 -38.63
N LEU A 1721 -2.06 -20.91 -37.47
CA LEU A 1721 -2.73 -20.62 -36.20
C LEU A 1721 -1.66 -20.49 -35.12
N THR A 1722 -1.42 -19.26 -34.67
CA THR A 1722 -0.44 -18.98 -33.62
C THR A 1722 -1.18 -18.55 -32.36
N ARG A 1723 -0.81 -19.14 -31.23
CA ARG A 1723 -1.42 -18.85 -29.94
C ARG A 1723 -0.35 -18.32 -29.00
N ILE A 1724 -0.60 -17.16 -28.41
CA ILE A 1724 0.33 -16.56 -27.47
C ILE A 1724 0.16 -17.21 -26.10
N ASN A 1725 1.24 -17.22 -25.32
CA ASN A 1725 1.22 -17.81 -23.99
C ASN A 1725 2.10 -16.97 -23.07
N LEU A 1726 2.00 -17.25 -21.77
CA LEU A 1726 2.77 -16.55 -20.74
C LEU A 1726 3.47 -17.59 -19.88
N SER A 1727 4.80 -17.66 -20.00
CA SER A 1727 5.58 -18.61 -19.22
C SER A 1727 5.96 -18.08 -17.84
N GLU A 1728 5.79 -16.79 -17.59
CA GLU A 1728 6.09 -16.21 -16.28
C GLU A 1728 4.84 -15.77 -15.51
N GLN A 1729 3.79 -15.33 -16.21
CA GLN A 1729 2.56 -14.94 -15.54
C GLN A 1729 1.75 -16.14 -15.06
N THR A 1730 1.95 -17.31 -15.66
CA THR A 1730 1.28 -18.53 -15.25
C THR A 1730 2.27 -19.49 -14.62
N ASP A 1731 1.74 -20.55 -14.03
CA ASP A 1731 2.56 -21.55 -13.36
C ASP A 1731 3.18 -22.50 -14.39
N LEU A 1732 4.10 -23.34 -13.91
CA LEU A 1732 4.77 -24.31 -14.76
C LEU A 1732 3.91 -25.53 -15.03
N VAL A 1733 2.85 -25.75 -14.23
CA VAL A 1733 1.96 -26.89 -14.46
C VAL A 1733 0.79 -26.53 -15.37
N ASP A 1734 0.46 -25.25 -15.49
CA ASP A 1734 -0.67 -24.84 -16.32
C ASP A 1734 -0.28 -24.67 -17.79
N LEU A 1735 1.01 -24.70 -18.11
CA LEU A 1735 1.48 -24.56 -19.48
C LEU A 1735 2.25 -25.78 -19.98
N PHE A 1736 3.13 -26.35 -19.16
CA PHE A 1736 3.92 -27.51 -19.54
C PHE A 1736 3.26 -28.83 -19.15
N GLY A 1737 1.99 -28.82 -18.77
CA GLY A 1737 1.29 -30.02 -18.39
C GLY A 1737 1.38 -30.27 -16.88
N ALA A 1738 0.40 -31.03 -16.38
CA ALA A 1738 0.34 -31.35 -14.96
C ALA A 1738 0.05 -32.83 -14.75
N HIS A 1751 -1.86 -33.62 -17.47
CA HIS A 1751 -3.16 -33.07 -17.87
C HIS A 1751 -3.04 -32.22 -19.13
N ASP A 1752 -4.17 -31.70 -19.60
CA ASP A 1752 -4.21 -30.88 -20.80
C ASP A 1752 -3.97 -29.42 -20.41
N ALA A 1753 -2.84 -28.87 -20.86
CA ALA A 1753 -2.45 -27.50 -20.60
C ALA A 1753 -2.74 -26.62 -21.80
N PRO A 1754 -2.53 -25.32 -21.69
CA PRO A 1754 -2.76 -24.44 -22.85
C PRO A 1754 -1.68 -24.56 -23.90
N PHE A 1755 -0.42 -24.76 -23.50
CA PHE A 1755 0.66 -24.95 -24.46
C PHE A 1755 0.86 -26.41 -24.82
N LEU A 1756 0.39 -27.34 -23.99
CA LEU A 1756 0.48 -28.76 -24.34
C LEU A 1756 -0.55 -29.13 -25.39
N ARG A 1757 -1.72 -28.49 -25.35
CA ARG A 1757 -2.73 -28.72 -26.39
C ARG A 1757 -2.36 -28.03 -27.69
N ALA A 1758 -1.53 -27.00 -27.64
CA ALA A 1758 -1.08 -26.33 -28.85
C ALA A 1758 -0.07 -27.16 -29.63
N MET A 1759 0.59 -28.12 -28.98
CA MET A 1759 1.54 -28.99 -29.66
C MET A 1759 0.78 -30.02 -30.49
N LYS A 1760 1.25 -30.21 -31.73
CA LYS A 1760 0.70 -31.13 -32.74
C LYS A 1760 -0.77 -30.85 -33.08
N LYS A 1761 -1.21 -29.61 -32.91
CA LYS A 1761 -2.56 -29.20 -33.27
C LYS A 1761 -2.59 -27.95 -34.13
N GLY A 1762 -1.67 -27.00 -33.89
CA GLY A 1762 -1.61 -25.77 -34.64
C GLY A 1762 -0.31 -25.65 -35.43
N GLU A 1763 -0.18 -24.50 -36.10
CA GLU A 1763 0.98 -24.27 -36.94
C GLU A 1763 2.13 -23.65 -36.15
N TRP A 1764 1.83 -22.79 -35.18
CA TRP A 1764 2.87 -22.09 -34.43
C TRP A 1764 2.37 -21.81 -33.02
N VAL A 1765 3.32 -21.52 -32.14
CA VAL A 1765 3.03 -21.17 -30.75
C VAL A 1765 3.97 -20.04 -30.34
N LEU A 1766 3.53 -19.21 -29.40
CA LEU A 1766 4.30 -18.07 -28.92
C LEU A 1766 4.46 -18.15 -27.40
N LEU A 1767 5.62 -17.70 -26.91
CA LEU A 1767 5.91 -17.65 -25.48
C LEU A 1767 6.37 -16.22 -25.15
N ASP A 1768 5.42 -15.38 -24.75
CA ASP A 1768 5.71 -13.98 -24.46
C ASP A 1768 6.06 -13.79 -22.99
N GLU A 1769 6.94 -12.81 -22.72
CA GLU A 1769 7.41 -12.44 -21.38
C GLU A 1769 8.04 -13.61 -20.64
N MET A 1770 8.81 -14.42 -21.38
CA MET A 1770 9.46 -15.59 -20.82
C MET A 1770 10.94 -15.37 -20.52
N ASN A 1771 11.40 -14.12 -20.48
CA ASN A 1771 12.81 -13.82 -20.24
C ASN A 1771 13.07 -13.56 -18.76
N LEU A 1772 12.43 -12.53 -18.20
CA LEU A 1772 12.63 -12.16 -16.80
C LEU A 1772 11.71 -13.01 -15.93
N ALA A 1773 12.17 -14.21 -15.61
CA ALA A 1773 11.40 -15.14 -14.80
C ALA A 1773 12.38 -15.91 -13.91
N SER A 1774 11.82 -16.81 -13.10
CA SER A 1774 12.60 -17.64 -12.18
C SER A 1774 12.98 -18.98 -12.78
N GLN A 1775 12.82 -19.14 -14.11
CA GLN A 1775 13.18 -20.35 -14.87
C GLN A 1775 12.46 -21.60 -14.34
N SER A 1776 11.23 -21.44 -13.85
CA SER A 1776 10.45 -22.58 -13.40
C SER A 1776 9.89 -23.38 -14.57
N VAL A 1777 9.44 -22.68 -15.62
CA VAL A 1777 8.94 -23.35 -16.82
C VAL A 1777 10.04 -23.61 -17.84
N LEU A 1778 11.30 -23.41 -17.47
CA LEU A 1778 12.41 -23.66 -18.39
C LEU A 1778 12.61 -25.15 -18.64
N GLU A 1779 12.21 -26.00 -17.69
CA GLU A 1779 12.28 -27.43 -17.91
C GLU A 1779 11.20 -27.90 -18.89
N GLY A 1780 10.02 -27.29 -18.83
CA GLY A 1780 8.97 -27.64 -19.79
C GLY A 1780 9.20 -27.08 -21.17
N LEU A 1781 9.83 -25.91 -21.26
CA LEU A 1781 10.16 -25.34 -22.56
C LEU A 1781 11.32 -26.07 -23.23
N ASN A 1782 12.18 -26.73 -22.45
CA ASN A 1782 13.26 -27.53 -23.00
C ASN A 1782 12.85 -28.96 -23.29
N ALA A 1783 11.81 -29.47 -22.61
CA ALA A 1783 11.32 -30.81 -22.90
C ALA A 1783 10.36 -30.80 -24.08
N CYS A 1784 9.39 -29.88 -24.08
CA CYS A 1784 8.43 -29.77 -25.15
C CYS A 1784 8.98 -28.86 -26.25
N LEU A 1785 8.58 -29.17 -27.49
CA LEU A 1785 8.99 -28.46 -28.71
C LEU A 1785 10.52 -28.44 -28.88
N ASP A 1786 11.18 -29.52 -28.47
CA ASP A 1786 12.62 -29.67 -28.60
C ASP A 1786 12.93 -30.39 -29.91
N HIS A 1787 14.17 -30.85 -30.06
CA HIS A 1787 14.53 -31.67 -31.22
C HIS A 1787 13.83 -33.03 -31.17
N ARG A 1788 13.56 -33.55 -29.98
CA ARG A 1788 12.76 -34.76 -29.85
C ARG A 1788 11.27 -34.42 -29.87
N GLY A 1789 10.87 -33.39 -29.13
CA GLY A 1789 9.50 -32.93 -29.11
C GLY A 1789 8.60 -33.60 -28.10
N GLU A 1790 9.05 -34.69 -27.47
CA GLU A 1790 8.22 -35.41 -26.52
C GLU A 1790 8.28 -34.73 -25.15
N ALA A 1791 7.11 -34.53 -24.55
CA ALA A 1791 7.02 -33.90 -23.24
C ALA A 1791 7.19 -34.94 -22.14
N TYR A 1792 8.04 -34.63 -21.16
CA TYR A 1792 8.35 -35.53 -20.07
C TYR A 1792 7.70 -35.01 -18.79
N ILE A 1793 7.15 -35.93 -18.00
CA ILE A 1793 6.51 -35.58 -16.74
C ILE A 1793 6.80 -36.66 -15.70
N ILE A 1798 6.18 -41.08 -18.06
CA ILE A 1798 5.25 -40.16 -18.71
C ILE A 1798 5.94 -39.46 -19.88
N SER A 1799 5.71 -39.98 -21.09
CA SER A 1799 6.31 -39.42 -22.31
C SER A 1799 5.29 -39.56 -23.44
N PHE A 1800 4.64 -38.45 -23.78
CA PHE A 1800 3.67 -38.43 -24.85
C PHE A 1800 4.30 -37.92 -26.14
N SER A 1801 3.59 -38.14 -27.25
CA SER A 1801 4.05 -37.73 -28.57
C SER A 1801 3.22 -36.55 -29.04
N CYS A 1802 3.88 -35.41 -29.25
CA CYS A 1802 3.22 -34.20 -29.69
C CYS A 1802 4.21 -33.37 -30.50
N HIS A 1803 3.87 -32.09 -30.72
CA HIS A 1803 4.64 -31.07 -31.44
C HIS A 1803 4.99 -31.51 -32.86
N PRO A 1804 4.05 -32.06 -33.61
CA PRO A 1804 4.35 -32.44 -35.00
C PRO A 1804 4.18 -31.29 -35.97
N ASN A 1805 5.29 -30.86 -36.58
CA ASN A 1805 5.35 -29.77 -37.57
C ASN A 1805 4.77 -28.46 -37.02
N PHE A 1806 5.28 -28.04 -35.87
CA PHE A 1806 4.82 -26.84 -35.21
C PHE A 1806 6.00 -25.92 -34.93
N LEU A 1807 5.70 -24.68 -34.57
CA LEU A 1807 6.69 -23.66 -34.26
C LEU A 1807 6.46 -23.15 -32.84
N VAL A 1808 7.56 -22.79 -32.18
CA VAL A 1808 7.51 -22.29 -30.81
C VAL A 1808 8.31 -20.99 -30.78
N PHE A 1809 7.59 -19.86 -30.75
CA PHE A 1809 8.22 -18.55 -30.69
C PHE A 1809 8.37 -18.11 -29.23
N ALA A 1810 9.41 -17.32 -28.99
CA ALA A 1810 9.71 -16.82 -27.65
C ALA A 1810 10.03 -15.34 -27.72
N ALA A 1811 9.44 -14.57 -26.82
CA ALA A 1811 9.67 -13.13 -26.73
C ALA A 1811 10.51 -12.82 -25.49
N GLN A 1812 11.44 -11.89 -25.64
CA GLN A 1812 12.34 -11.51 -24.56
C GLN A 1812 12.43 -10.01 -24.47
N ASN A 1813 12.39 -9.48 -23.25
CA ASN A 1813 12.44 -8.04 -23.03
C ASN A 1813 13.76 -7.66 -22.37
N PRO A 1814 14.39 -6.56 -22.80
CA PRO A 1814 15.66 -6.10 -22.24
C PRO A 1814 15.80 -4.59 -22.26
N LYS A 1822 21.01 -10.24 -18.38
CA LYS A 1822 21.04 -11.59 -18.94
C LYS A 1822 20.49 -12.61 -17.94
N GLY A 1823 19.24 -12.40 -17.52
CA GLY A 1823 18.60 -13.29 -16.57
C GLY A 1823 18.06 -14.58 -17.16
N LEU A 1824 18.16 -14.77 -18.47
CA LEU A 1824 17.65 -15.98 -19.09
C LEU A 1824 18.57 -17.15 -18.80
N PRO A 1825 18.02 -18.37 -18.72
CA PRO A 1825 18.86 -19.53 -18.43
C PRO A 1825 19.55 -20.09 -19.67
N LYS A 1826 20.24 -21.22 -19.52
CA LYS A 1826 20.93 -21.86 -20.62
C LYS A 1826 19.99 -22.57 -21.58
N SER A 1827 18.71 -22.75 -21.22
CA SER A 1827 17.77 -23.38 -22.12
C SER A 1827 17.43 -22.48 -23.30
N PHE A 1828 17.41 -21.17 -23.10
CA PHE A 1828 17.21 -20.25 -24.21
C PHE A 1828 18.44 -20.16 -25.10
N VAL A 1829 19.63 -20.42 -24.53
CA VAL A 1829 20.84 -20.47 -25.32
C VAL A 1829 20.98 -21.80 -26.07
N ASN A 1830 20.22 -22.82 -25.67
CA ASN A 1830 20.21 -24.10 -26.35
C ASN A 1830 19.16 -24.17 -27.44
N ARG A 1831 18.53 -23.05 -27.78
CA ARG A 1831 17.54 -23.02 -28.85
C ARG A 1831 18.22 -23.09 -30.21
N PHE A 1832 17.41 -23.33 -31.25
CA PHE A 1832 17.95 -23.48 -32.60
C PHE A 1832 18.30 -22.12 -33.21
N SER A 1833 17.34 -21.19 -33.23
CA SER A 1833 17.52 -19.90 -33.86
C SER A 1833 17.28 -18.78 -32.87
N VAL A 1834 17.84 -17.61 -33.18
CA VAL A 1834 17.65 -16.40 -32.39
C VAL A 1834 17.69 -15.21 -33.34
N VAL A 1835 17.18 -14.08 -32.87
CA VAL A 1835 17.11 -12.87 -33.68
C VAL A 1835 17.13 -11.66 -32.77
N PHE A 1836 17.81 -10.60 -33.21
CA PHE A 1836 17.86 -9.32 -32.50
C PHE A 1836 17.38 -8.23 -33.45
N ILE A 1837 16.22 -7.65 -33.15
CA ILE A 1837 15.61 -6.64 -33.98
C ILE A 1837 15.71 -5.29 -33.27
N ASP A 1838 16.29 -4.32 -33.94
CA ASP A 1838 16.41 -2.96 -33.41
C ASP A 1838 15.50 -2.02 -34.20
N MET A 1839 14.83 -1.12 -33.50
CA MET A 1839 13.88 -0.18 -34.10
C MET A 1839 14.50 1.18 -34.36
N LEU A 1840 15.83 1.29 -34.31
CA LEU A 1840 16.51 2.57 -34.51
C LEU A 1840 16.59 2.85 -36.01
N THR A 1841 15.48 3.37 -36.55
CA THR A 1841 15.38 3.71 -37.98
C THR A 1841 14.64 5.03 -38.08
N SER A 1842 15.39 6.13 -38.26
CA SER A 1842 14.77 7.44 -38.35
C SER A 1842 14.07 7.65 -39.70
N ASP A 1843 14.57 7.01 -40.75
CA ASP A 1843 13.94 7.13 -42.06
C ASP A 1843 12.65 6.32 -42.16
N ASP A 1844 12.45 5.34 -41.28
CA ASP A 1844 11.22 4.56 -41.30
C ASP A 1844 10.06 5.27 -40.63
N LEU A 1845 10.34 6.21 -39.72
CA LEU A 1845 9.26 6.95 -39.08
C LEU A 1845 8.60 7.94 -40.04
N LEU A 1846 9.37 8.50 -40.97
CA LEU A 1846 8.81 9.41 -41.97
C LEU A 1846 8.06 8.68 -43.07
N LEU A 1847 8.28 7.37 -43.23
CA LEU A 1847 7.57 6.59 -44.23
C LEU A 1847 6.36 5.87 -43.67
N ILE A 1848 6.34 5.60 -42.35
CA ILE A 1848 5.20 4.92 -41.75
C ILE A 1848 4.04 5.90 -41.56
N ALA A 1849 4.35 7.15 -41.20
CA ALA A 1849 3.31 8.15 -41.01
C ALA A 1849 2.78 8.69 -42.34
N LYS A 1850 3.61 8.69 -43.39
CA LYS A 1850 3.19 9.21 -44.68
C LYS A 1850 2.32 8.22 -45.46
N HIS A 1851 2.18 6.99 -45.00
CA HIS A 1851 1.37 5.99 -45.67
C HIS A 1851 0.11 5.63 -44.92
N LEU A 1852 0.12 5.68 -43.58
CA LEU A 1852 -1.03 5.29 -42.78
C LEU A 1852 -1.90 6.49 -42.41
N TYR A 1853 -1.34 7.44 -41.67
CA TYR A 1853 -2.09 8.58 -41.17
C TYR A 1853 -2.36 9.58 -42.29
N PRO A 1854 -1.43 9.75 -43.24
CA PRO A 1854 -1.60 10.75 -44.28
C PRO A 1854 -2.61 10.31 -45.34
N SER A 1855 -3.82 10.80 -45.22
CA SER A 1855 -4.89 10.52 -46.18
C SER A 1855 -5.53 11.78 -46.73
N ILE A 1856 -5.67 12.82 -45.90
CA ILE A 1856 -6.20 14.11 -46.33
C ILE A 1856 -5.45 15.18 -45.54
N GLU A 1857 -4.91 16.18 -46.26
CA GLU A 1857 -3.98 17.19 -45.78
C GLU A 1857 -2.80 16.50 -45.11
N PRO A 1858 -1.90 15.86 -45.88
CA PRO A 1858 -0.84 15.07 -45.26
C PRO A 1858 0.24 15.91 -44.61
N ASP A 1859 0.68 16.99 -45.26
CA ASP A 1859 1.74 17.90 -44.82
C ASP A 1859 3.04 17.14 -44.54
N ILE A 1860 3.57 16.56 -45.62
CA ILE A 1860 4.76 15.73 -45.53
C ILE A 1860 6.00 16.55 -45.17
N ILE A 1861 6.00 17.84 -45.48
CA ILE A 1861 7.09 18.69 -45.01
C ILE A 1861 6.93 19.00 -43.52
N ALA A 1862 5.68 19.04 -43.03
CA ALA A 1862 5.44 19.26 -41.61
C ALA A 1862 5.48 17.97 -40.80
N LYS A 1863 5.27 16.81 -41.44
CA LYS A 1863 5.34 15.54 -40.73
C LYS A 1863 6.77 15.17 -40.38
N MET A 1864 7.75 15.64 -41.17
CA MET A 1864 9.14 15.40 -40.86
C MET A 1864 9.60 16.23 -39.67
N ILE A 1865 9.04 17.44 -39.51
CA ILE A 1865 9.38 18.26 -38.37
C ILE A 1865 8.73 17.75 -37.09
N LYS A 1866 7.62 17.02 -37.21
CA LYS A 1866 6.96 16.49 -36.02
C LYS A 1866 7.72 15.30 -35.44
N LEU A 1867 8.26 14.44 -36.29
CA LEU A 1867 9.01 13.29 -35.80
C LEU A 1867 10.40 13.67 -35.28
N MET A 1868 11.03 14.67 -35.91
CA MET A 1868 12.34 15.11 -35.45
C MET A 1868 12.27 15.93 -34.17
N SER A 1869 11.12 16.53 -33.86
CA SER A 1869 10.98 17.27 -32.61
C SER A 1869 10.89 16.32 -31.42
N THR A 1870 10.19 15.20 -31.59
CA THR A 1870 10.14 14.20 -30.52
C THR A 1870 11.43 13.40 -30.44
N LEU A 1871 12.18 13.33 -31.54
CA LEU A 1871 13.44 12.59 -31.52
C LEU A 1871 14.53 13.38 -30.80
N GLU A 1872 14.53 14.71 -30.95
CA GLU A 1872 15.52 15.53 -30.26
C GLU A 1872 15.25 15.64 -28.77
N ASP A 1873 13.99 15.46 -28.35
CA ASP A 1873 13.68 15.53 -26.93
C ASP A 1873 14.16 14.27 -26.19
N GLN A 1874 14.27 13.14 -26.89
CA GLN A 1874 14.74 11.92 -26.24
C GLN A 1874 16.24 11.97 -25.98
N VAL A 1875 17.00 12.60 -26.88
CA VAL A 1875 18.43 12.72 -26.67
C VAL A 1875 18.73 13.77 -25.62
N CYS A 1876 17.91 14.81 -25.53
CA CYS A 1876 18.08 15.83 -24.49
C CYS A 1876 17.61 15.33 -23.13
N LYS A 1877 16.76 14.30 -23.09
CA LYS A 1877 16.33 13.72 -21.82
C LYS A 1877 17.42 12.87 -21.18
N ARG A 1878 18.39 12.40 -21.96
CA ARG A 1878 19.52 11.63 -21.45
C ARG A 1878 20.67 12.52 -20.99
N LYS A 1879 20.47 13.83 -20.95
CA LYS A 1879 21.48 14.77 -20.49
C LYS A 1879 21.09 15.47 -19.20
N LEU A 1880 20.08 14.93 -18.50
CA LEU A 1880 19.57 15.41 -17.21
C LEU A 1880 19.09 16.86 -17.29
N TRP A 1881 18.04 17.06 -18.09
CA TRP A 1881 17.39 18.37 -18.21
C TRP A 1881 16.26 18.46 -17.18
N GLY A 1882 16.67 18.46 -15.91
CA GLY A 1882 15.74 18.45 -14.80
C GLY A 1882 15.42 17.03 -14.32
N ASN A 1883 14.82 16.23 -15.21
CA ASN A 1883 14.51 14.82 -14.98
C ASN A 1883 13.62 14.62 -13.75
N SER A 1884 12.38 15.10 -13.86
CA SER A 1884 11.42 14.93 -12.77
C SER A 1884 10.94 13.48 -12.68
N GLY A 1885 10.32 13.01 -13.76
CA GLY A 1885 9.79 11.66 -13.82
C GLY A 1885 10.89 10.63 -14.03
N SER A 1886 10.61 9.39 -13.67
CA SER A 1886 11.57 8.30 -13.82
C SER A 1886 12.14 8.22 -15.23
N PRO A 1887 11.28 7.92 -16.20
CA PRO A 1887 11.73 7.80 -17.58
C PRO A 1887 10.66 8.16 -18.59
N TRP A 1888 10.77 9.33 -19.19
CA TRP A 1888 9.80 9.78 -20.19
C TRP A 1888 10.02 9.02 -21.49
N GLU A 1889 9.44 7.84 -21.58
CA GLU A 1889 9.59 7.00 -22.77
C GLU A 1889 9.06 7.67 -24.03
N PHE A 1890 9.87 8.54 -24.62
CA PHE A 1890 9.47 9.24 -25.85
C PHE A 1890 9.72 8.29 -27.02
N ASN A 1891 8.64 7.85 -27.66
CA ASN A 1891 8.74 6.89 -28.75
C ASN A 1891 7.86 7.30 -29.93
N LEU A 1892 7.66 6.39 -30.88
CA LEU A 1892 6.82 6.68 -32.04
C LEU A 1892 5.33 6.69 -31.72
N ARG A 1893 4.92 6.20 -30.55
CA ARG A 1893 3.51 6.23 -30.19
C ARG A 1893 3.05 7.64 -29.85
N ASP A 1894 3.93 8.45 -29.25
CA ASP A 1894 3.58 9.82 -28.93
C ASP A 1894 3.51 10.69 -30.17
N THR A 1895 4.32 10.39 -31.18
CA THR A 1895 4.25 11.13 -32.44
C THR A 1895 3.00 10.80 -33.23
N LEU A 1896 2.40 9.63 -32.99
CA LEU A 1896 1.15 9.29 -33.67
C LEU A 1896 -0.05 10.02 -33.05
N ARG A 1897 0.00 10.33 -31.76
CA ARG A 1897 -1.12 11.02 -31.13
C ARG A 1897 -1.17 12.50 -31.53
N TRP A 1898 -0.01 13.11 -31.76
CA TRP A 1898 0.01 14.48 -32.24
C TRP A 1898 -0.47 14.57 -33.69
N LEU A 1899 -0.28 13.52 -34.47
CA LEU A 1899 -0.84 13.47 -35.82
C LEU A 1899 -2.31 13.11 -35.80
N LYS A 1900 -2.75 12.32 -34.82
CA LYS A 1900 -4.16 11.95 -34.75
C LYS A 1900 -5.01 13.10 -34.23
N LEU A 1901 -4.48 13.88 -33.29
CA LEU A 1901 -5.23 15.01 -32.75
C LEU A 1901 -5.27 16.19 -33.71
N LEU A 1902 -4.40 16.22 -34.71
CA LEU A 1902 -4.39 17.32 -35.68
C LEU A 1902 -5.20 17.00 -36.93
N ASN A 1903 -5.56 15.74 -37.15
CA ASN A 1903 -6.32 15.34 -38.32
C ASN A 1903 -7.82 15.22 -38.03
N GLN A 1904 -8.31 15.94 -37.02
CA GLN A 1904 -9.72 15.91 -36.69
C GLN A 1904 -10.53 16.73 -37.70
N TYR A 1905 -11.85 16.57 -37.64
CA TYR A 1905 -12.71 17.27 -38.60
C TYR A 1905 -12.88 18.73 -38.24
N SER A 1906 -13.44 19.02 -37.06
CA SER A 1906 -13.68 20.38 -36.63
C SER A 1906 -13.78 20.38 -35.11
N ILE A 1907 -12.87 21.10 -34.46
CA ILE A 1907 -12.85 21.12 -33.00
C ILE A 1907 -12.97 22.55 -32.49
N CYS A 1908 -11.92 23.35 -32.66
CA CYS A 1908 -11.88 24.69 -32.08
C CYS A 1908 -11.86 25.78 -33.15
N GLU A 1909 -10.92 25.72 -34.10
CA GLU A 1909 -10.76 26.80 -35.06
C GLU A 1909 -10.63 26.27 -36.48
N ASP A 1910 -10.30 27.16 -37.42
CA ASP A 1910 -10.17 26.74 -38.81
C ASP A 1910 -8.87 25.99 -39.04
N VAL A 1911 -7.75 26.54 -38.56
CA VAL A 1911 -6.44 25.93 -38.78
C VAL A 1911 -5.63 26.06 -37.50
N ASP A 1912 -4.97 24.97 -37.10
CA ASP A 1912 -4.10 24.96 -35.93
C ASP A 1912 -3.10 23.83 -36.09
N VAL A 1913 -1.81 24.15 -35.94
CA VAL A 1913 -0.77 23.14 -36.09
C VAL A 1913 0.09 23.07 -34.84
N PHE A 1914 0.13 24.17 -34.08
CA PHE A 1914 0.90 24.23 -32.85
C PHE A 1914 0.04 24.47 -31.61
N ASP A 1915 -1.28 24.65 -31.78
CA ASP A 1915 -2.14 24.89 -30.64
C ASP A 1915 -2.38 23.63 -29.83
N PHE A 1916 -2.30 22.46 -30.45
CA PHE A 1916 -2.49 21.19 -29.76
C PHE A 1916 -1.19 20.65 -29.16
N VAL A 1917 -0.15 21.49 -29.04
CA VAL A 1917 1.13 21.05 -28.48
C VAL A 1917 1.17 21.15 -26.96
N ASP A 1918 0.06 21.49 -26.31
CA ASP A 1918 0.00 21.61 -24.88
C ASP A 1918 -0.55 20.38 -24.19
N ILE A 1919 -0.65 19.26 -24.91
CA ILE A 1919 -1.16 18.01 -24.34
C ILE A 1919 -0.25 16.83 -24.59
N ILE A 1920 0.70 16.92 -25.52
CA ILE A 1920 1.58 15.81 -25.82
C ILE A 1920 3.02 16.05 -25.39
N VAL A 1921 3.48 17.31 -25.37
CA VAL A 1921 4.85 17.64 -25.03
C VAL A 1921 4.95 18.59 -23.84
N LYS A 1922 4.08 19.60 -23.79
CA LYS A 1922 4.21 20.65 -22.78
C LYS A 1922 3.72 20.18 -21.42
N GLN A 1923 2.48 19.72 -21.33
CA GLN A 1923 1.89 19.34 -20.05
C GLN A 1923 2.26 17.94 -19.60
N ARG A 1924 3.11 17.22 -20.35
CA ARG A 1924 3.48 15.87 -19.95
C ARG A 1924 4.46 15.89 -18.78
N PHE A 1925 5.41 16.83 -18.80
CA PHE A 1925 6.38 16.93 -17.72
C PHE A 1925 5.77 17.65 -16.52
N ARG A 1926 6.49 17.61 -15.41
CA ARG A 1926 6.05 18.31 -14.20
C ARG A 1926 6.27 19.80 -14.36
N THR A 1927 5.29 20.59 -13.90
CA THR A 1927 5.33 22.05 -14.01
C THR A 1927 6.33 22.58 -12.99
N ILE A 1928 7.60 22.59 -13.40
CA ILE A 1928 8.70 23.04 -12.55
C ILE A 1928 9.55 24.02 -13.34
N SER A 1929 10.68 24.43 -12.75
CA SER A 1929 11.64 25.25 -13.48
C SER A 1929 12.28 24.54 -14.66
N ASP A 1930 12.30 23.19 -14.63
CA ASP A 1930 12.80 22.43 -15.78
C ASP A 1930 11.82 22.45 -16.95
N LYS A 1931 10.55 22.78 -16.71
CA LYS A 1931 9.59 22.85 -17.80
C LYS A 1931 9.79 24.07 -18.68
N ASN A 1932 10.51 25.09 -18.19
CA ASN A 1932 10.83 26.25 -19.01
C ASN A 1932 11.83 25.91 -20.11
N LYS A 1933 12.67 24.90 -19.88
CA LYS A 1933 13.58 24.43 -20.91
C LYS A 1933 12.86 23.70 -22.03
N ALA A 1934 11.66 23.17 -21.76
CA ALA A 1934 10.87 22.53 -22.80
C ALA A 1934 10.28 23.52 -23.78
N GLN A 1935 10.15 24.79 -23.38
CA GLN A 1935 9.65 25.81 -24.30
C GLN A 1935 10.73 26.33 -25.25
N LEU A 1936 12.01 26.22 -24.87
CA LEU A 1936 13.08 26.69 -25.74
C LEU A 1936 13.37 25.69 -26.85
N LEU A 1937 13.38 24.40 -26.52
CA LEU A 1937 13.64 23.37 -27.53
C LEU A 1937 12.46 23.19 -28.47
N ILE A 1938 11.24 23.49 -28.00
CA ILE A 1938 10.08 23.40 -28.86
C ILE A 1938 9.98 24.59 -29.82
N GLU A 1939 10.65 25.69 -29.50
CA GLU A 1939 10.68 26.87 -30.37
C GLU A 1939 11.80 26.81 -31.41
N ASP A 1940 12.69 25.82 -31.33
CA ASP A 1940 13.79 25.73 -32.27
C ASP A 1940 13.35 25.13 -33.60
N ILE A 1941 12.74 23.93 -33.54
CA ILE A 1941 12.28 23.29 -34.77
C ILE A 1941 10.99 23.91 -35.29
N PHE A 1942 10.22 24.57 -34.45
CA PHE A 1942 8.99 25.24 -34.85
C PHE A 1942 9.25 26.75 -34.95
N GLY A 1943 8.19 27.51 -35.19
CA GLY A 1943 8.31 28.94 -35.33
C GLY A 1943 8.05 29.69 -34.04
N LYS A 1944 7.22 30.73 -34.10
CA LYS A 1944 6.86 31.52 -32.92
C LYS A 1944 5.36 31.83 -32.98
N PHE A 1945 4.63 31.41 -31.95
CA PHE A 1945 3.20 31.64 -31.90
C PHE A 1945 2.75 31.66 -30.44
N SER A 1946 1.47 31.95 -30.24
CA SER A 1946 0.88 32.00 -28.91
C SER A 1946 -0.58 31.57 -29.01
N THR A 1947 -1.28 31.66 -27.89
CA THR A 1947 -2.70 31.28 -27.83
C THR A 1947 -3.40 32.16 -26.81
N LYS A 1948 -4.72 31.97 -26.69
CA LYS A 1948 -5.51 32.71 -25.72
C LYS A 1948 -5.40 32.05 -24.34
N GLU A 1949 -6.09 32.62 -23.36
CA GLU A 1949 -5.95 32.19 -21.98
C GLU A 1949 -7.05 31.24 -21.52
N ASN A 1950 -8.31 31.70 -21.57
CA ASN A 1950 -9.40 30.92 -20.99
C ASN A 1950 -10.73 31.40 -21.56
N PHE A 1951 -11.66 30.45 -21.70
CA PHE A 1951 -13.04 30.74 -22.10
C PHE A 1951 -13.90 29.59 -21.62
N PHE A 1952 -14.75 29.84 -20.62
CA PHE A 1952 -15.34 28.77 -19.85
C PHE A 1952 -16.87 28.69 -19.93
N LYS A 1953 -17.54 29.74 -20.41
CA LYS A 1953 -18.98 29.88 -20.27
C LYS A 1953 -19.75 28.82 -21.05
N LEU A 1954 -20.95 28.52 -20.57
CA LEU A 1954 -21.73 27.38 -21.03
C LEU A 1954 -23.19 27.77 -21.11
N THR A 1955 -24.02 26.83 -21.55
CA THR A 1955 -25.46 26.99 -21.68
C THR A 1955 -26.09 25.71 -21.13
N GLU A 1956 -27.34 25.46 -21.50
CA GLU A 1956 -27.96 24.17 -21.22
C GLU A 1956 -27.24 23.04 -21.94
N ASP A 1957 -26.67 23.31 -23.11
CA ASP A 1957 -25.87 22.37 -23.87
C ASP A 1957 -24.51 22.99 -24.19
N TYR A 1958 -23.68 22.21 -24.88
CA TYR A 1958 -22.38 22.60 -25.47
C TYR A 1958 -21.45 23.29 -24.47
N VAL A 1959 -21.06 22.53 -23.44
CA VAL A 1959 -19.99 22.99 -22.57
C VAL A 1959 -18.68 23.04 -23.37
N GLN A 1960 -17.88 24.09 -23.13
CA GLN A 1960 -16.76 24.41 -24.02
C GLN A 1960 -15.59 24.92 -23.20
N ILE A 1961 -14.58 24.08 -22.98
CA ILE A 1961 -13.35 24.54 -22.34
C ILE A 1961 -12.26 24.69 -23.41
N ASN A 1962 -12.26 25.85 -24.07
CA ASN A 1962 -11.18 26.43 -24.87
C ASN A 1962 -10.81 25.70 -26.17
N ASN A 1963 -11.18 24.43 -26.33
CA ASN A 1963 -10.98 23.74 -27.60
C ASN A 1963 -12.10 22.79 -28.00
N GLU A 1964 -12.86 22.24 -27.07
CA GLU A 1964 -13.71 21.09 -27.34
C GLU A 1964 -15.15 21.40 -26.98
N VAL A 1965 -16.08 20.79 -27.70
CA VAL A 1965 -17.50 20.98 -27.51
C VAL A 1965 -18.10 19.61 -27.22
N ALA A 1966 -18.39 19.34 -25.95
CA ALA A 1966 -19.00 18.08 -25.54
C ALA A 1966 -20.50 18.27 -25.36
N LEU A 1967 -21.26 17.23 -25.69
CA LEU A 1967 -22.71 17.29 -25.61
C LEU A 1967 -23.16 16.97 -24.19
N ARG A 1968 -23.88 17.92 -23.57
CA ARG A 1968 -24.47 17.74 -22.25
C ARG A 1968 -25.91 17.30 -22.42
N ASN A 1969 -26.31 16.22 -21.73
CA ASN A 1969 -27.64 15.70 -21.98
C ASN A 1969 -28.55 15.83 -20.75
N PRO A 1970 -29.84 16.09 -20.95
CA PRO A 1970 -30.78 16.12 -19.82
C PRO A 1970 -31.17 14.72 -19.36
N HIS A 1971 -30.57 14.27 -18.27
CA HIS A 1971 -30.74 12.91 -17.77
C HIS A 1971 -30.46 12.91 -16.27
N TYR A 1972 -30.24 11.73 -15.71
CA TYR A 1972 -29.94 11.56 -14.28
C TYR A 1972 -28.60 12.21 -13.95
N ARG A 1973 -28.63 13.25 -13.13
CA ARG A 1973 -27.42 13.89 -12.64
C ARG A 1973 -26.97 13.20 -11.34
N TYR A 1974 -26.04 13.82 -10.64
CA TYR A 1974 -25.45 13.24 -9.44
C TYR A 1974 -25.64 14.18 -8.26
N PRO A 1975 -25.80 13.64 -7.03
CA PRO A 1975 -25.79 14.52 -5.85
C PRO A 1975 -24.41 15.10 -5.59
N ILE A 1976 -24.29 16.41 -5.83
CA ILE A 1976 -23.02 17.10 -5.99
C ILE A 1976 -22.87 18.22 -4.96
N THR A 1977 -23.28 17.92 -3.71
CA THR A 1977 -23.61 18.86 -2.63
C THR A 1977 -22.62 20.01 -2.48
N GLN A 1978 -23.14 21.14 -1.99
CA GLN A 1978 -22.82 22.52 -2.35
C GLN A 1978 -21.38 22.84 -2.74
N ASN A 1979 -20.40 22.30 -2.01
CA ASN A 1979 -19.01 22.70 -2.21
C ASN A 1979 -18.39 22.13 -3.49
N LEU A 1980 -18.93 22.52 -4.65
CA LEU A 1980 -18.33 22.19 -5.96
C LEU A 1980 -18.62 23.36 -6.88
N PHE A 1981 -17.60 24.17 -7.16
CA PHE A 1981 -17.73 25.35 -8.00
C PHE A 1981 -16.44 25.54 -8.80
N PRO A 1982 -16.52 26.02 -10.04
CA PRO A 1982 -15.33 26.13 -10.88
C PRO A 1982 -14.42 27.27 -10.43
N LEU A 1983 -13.15 27.16 -10.84
CA LEU A 1983 -12.16 28.17 -10.58
C LEU A 1983 -11.82 28.91 -11.87
N GLU A 1984 -11.28 30.12 -11.72
CA GLU A 1984 -10.86 30.89 -12.88
C GLU A 1984 -9.59 30.31 -13.48
N CYS A 1985 -8.71 29.76 -12.65
CA CYS A 1985 -7.49 29.14 -13.13
C CYS A 1985 -7.76 27.66 -13.42
N ASN A 1986 -6.67 26.90 -13.61
CA ASN A 1986 -6.66 25.46 -13.88
C ASN A 1986 -7.41 25.07 -15.15
N VAL A 1987 -7.61 26.01 -16.07
CA VAL A 1987 -8.37 25.70 -17.29
C VAL A 1987 -7.55 24.87 -18.27
N ALA A 1988 -6.23 24.82 -18.11
CA ALA A 1988 -5.44 23.88 -18.89
C ALA A 1988 -5.68 22.45 -18.44
N VAL A 1989 -6.01 22.25 -17.16
CA VAL A 1989 -6.35 20.92 -16.69
C VAL A 1989 -7.72 20.51 -17.20
N TYR A 1990 -8.69 21.44 -17.14
CA TYR A 1990 -10.04 21.16 -17.62
C TYR A 1990 -10.11 21.01 -19.14
N GLU A 1991 -9.09 21.47 -19.86
CA GLU A 1991 -9.11 21.37 -21.32
C GLU A 1991 -8.85 19.94 -21.78
N SER A 1992 -7.70 19.38 -21.38
CA SER A 1992 -7.28 18.10 -21.93
C SER A 1992 -8.06 16.92 -21.37
N VAL A 1993 -8.66 17.06 -20.18
CA VAL A 1993 -9.49 15.99 -19.65
C VAL A 1993 -10.78 15.87 -20.47
N LEU A 1994 -11.39 17.00 -20.81
CA LEU A 1994 -12.57 16.97 -21.67
C LEU A 1994 -12.21 16.58 -23.10
N LYS A 1995 -10.97 16.83 -23.51
CA LYS A 1995 -10.53 16.40 -24.83
C LYS A 1995 -10.33 14.89 -24.89
N ALA A 1996 -9.80 14.29 -23.82
CA ALA A 1996 -9.45 12.89 -23.82
C ALA A 1996 -10.58 11.97 -23.37
N ILE A 1997 -11.83 12.44 -23.43
CA ILE A 1997 -12.97 11.55 -23.23
C ILE A 1997 -13.84 11.42 -24.46
N ASN A 1998 -13.76 12.36 -25.42
CA ASN A 1998 -14.35 12.11 -26.73
C ASN A 1998 -13.61 11.01 -27.47
N ASN A 1999 -12.29 10.96 -27.28
CA ASN A 1999 -11.49 9.83 -27.71
C ASN A 1999 -11.33 8.87 -26.54
N ASN A 2000 -11.44 7.57 -26.83
CA ASN A 2000 -11.41 6.55 -25.79
C ASN A 2000 -9.97 6.33 -25.33
N TRP A 2001 -9.51 7.26 -24.48
CA TRP A 2001 -8.17 7.22 -23.93
C TRP A 2001 -8.23 7.21 -22.41
N PRO A 2002 -7.36 6.45 -21.75
CA PRO A 2002 -7.26 6.53 -20.29
C PRO A 2002 -6.55 7.82 -19.89
N LEU A 2003 -6.72 8.18 -18.62
CA LEU A 2003 -6.12 9.39 -18.09
C LEU A 2003 -5.45 9.09 -16.75
N VAL A 2004 -4.58 10.01 -16.34
CA VAL A 2004 -3.98 9.97 -15.02
C VAL A 2004 -3.65 11.40 -14.62
N LEU A 2005 -3.83 11.70 -13.32
CA LEU A 2005 -3.55 13.02 -12.77
C LEU A 2005 -2.68 12.86 -11.54
N VAL A 2006 -1.62 13.65 -11.47
CA VAL A 2006 -0.72 13.63 -10.33
C VAL A 2006 -0.73 14.99 -9.64
N GLY A 2007 -0.56 14.97 -8.32
CA GLY A 2007 -0.61 16.18 -7.53
C GLY A 2007 -0.19 15.92 -6.09
N PRO A 2008 0.52 16.88 -5.48
CA PRO A 2008 1.03 16.69 -4.11
C PRO A 2008 -0.04 16.86 -3.03
N SER A 2009 -1.04 15.97 -3.04
CA SER A 2009 -2.05 15.81 -1.99
C SER A 2009 -2.87 17.08 -1.77
N ASN A 2010 -3.12 17.82 -2.85
CA ASN A 2010 -3.89 19.05 -2.76
C ASN A 2010 -4.48 19.36 -4.13
N SER A 2011 -5.11 20.54 -4.22
CA SER A 2011 -5.60 21.15 -5.45
C SER A 2011 -6.69 20.32 -6.14
N GLY A 2012 -7.35 19.45 -5.39
CA GLY A 2012 -8.50 18.73 -5.89
C GLY A 2012 -8.21 17.71 -6.98
N LYS A 2013 -7.48 16.64 -6.64
CA LYS A 2013 -7.31 15.53 -7.59
C LYS A 2013 -8.63 14.81 -7.81
N THR A 2014 -9.44 14.68 -6.76
CA THR A 2014 -10.77 14.09 -6.88
C THR A 2014 -11.87 15.12 -7.08
N GLU A 2015 -11.59 16.39 -6.80
CA GLU A 2015 -12.62 17.42 -6.96
C GLU A 2015 -12.84 17.79 -8.42
N THR A 2016 -11.76 17.90 -9.20
CA THR A 2016 -11.90 18.25 -10.61
C THR A 2016 -12.51 17.12 -11.43
N ILE A 2017 -12.41 15.87 -10.97
CA ILE A 2017 -13.08 14.78 -11.65
C ILE A 2017 -14.59 14.83 -11.41
N ARG A 2018 -15.00 15.10 -10.16
CA ARG A 2018 -16.42 15.14 -9.84
C ARG A 2018 -17.11 16.35 -10.43
N PHE A 2019 -16.35 17.43 -10.70
CA PHE A 2019 -16.98 18.62 -11.27
C PHE A 2019 -17.34 18.43 -12.73
N LEU A 2020 -16.49 17.71 -13.48
CA LEU A 2020 -16.81 17.43 -14.88
C LEU A 2020 -17.89 16.37 -15.02
N ALA A 2021 -18.09 15.55 -13.99
CA ALA A 2021 -19.25 14.66 -13.94
C ALA A 2021 -20.49 15.38 -13.44
N SER A 2022 -20.33 16.57 -12.85
CA SER A 2022 -21.48 17.29 -12.31
C SER A 2022 -22.25 18.03 -13.41
N ILE A 2023 -21.61 18.35 -14.52
CA ILE A 2023 -22.24 19.16 -15.56
C ILE A 2023 -22.92 18.27 -16.59
N LEU A 2024 -22.22 17.26 -17.10
CA LEU A 2024 -22.76 16.41 -18.16
C LEU A 2024 -22.63 14.92 -17.90
N GLY A 2025 -21.71 14.49 -17.03
CA GLY A 2025 -21.41 13.09 -16.88
C GLY A 2025 -22.37 12.34 -15.99
N PRO A 2026 -22.38 11.01 -16.11
CA PRO A 2026 -23.16 10.18 -15.16
C PRO A 2026 -22.48 10.04 -13.82
N ARG A 2027 -23.03 9.17 -12.96
CA ARG A 2027 -22.51 8.97 -11.63
C ARG A 2027 -21.14 8.28 -11.67
N VAL A 2028 -20.38 8.45 -10.59
CA VAL A 2028 -19.06 7.88 -10.46
C VAL A 2028 -19.05 6.89 -9.30
N ASP A 2029 -18.02 6.05 -9.28
CA ASP A 2029 -17.83 5.05 -8.22
C ASP A 2029 -16.42 5.20 -7.68
N VAL A 2030 -16.29 5.91 -6.55
CA VAL A 2030 -14.99 6.16 -5.96
C VAL A 2030 -14.46 4.88 -5.31
N PHE A 2031 -13.26 4.47 -5.69
CA PHE A 2031 -12.63 3.27 -5.16
C PHE A 2031 -11.21 3.60 -4.72
N SER A 2032 -10.80 3.01 -3.60
CA SER A 2032 -9.46 3.19 -3.07
C SER A 2032 -8.77 1.83 -2.96
N MET A 2033 -7.45 1.85 -2.96
CA MET A 2033 -6.63 0.65 -2.95
C MET A 2033 -5.69 0.69 -1.77
N ASN A 2034 -5.90 -0.19 -0.79
CA ASN A 2034 -5.02 -0.30 0.36
C ASN A 2034 -4.35 -1.67 0.45
N SER A 2035 -5.14 -2.75 0.44
CA SER A 2035 -4.58 -4.10 0.54
C SER A 2035 -5.27 -5.11 -0.37
N ASP A 2036 -5.91 -4.67 -1.45
CA ASP A 2036 -6.63 -5.58 -2.32
C ASP A 2036 -5.67 -6.41 -3.17
N ILE A 2037 -6.17 -7.55 -3.66
CA ILE A 2037 -5.37 -8.48 -4.45
C ILE A 2037 -5.92 -8.54 -5.86
N ASP A 2038 -5.27 -9.35 -6.71
CA ASP A 2038 -5.70 -9.46 -8.11
C ASP A 2038 -7.02 -10.21 -8.23
N SER A 2039 -7.27 -11.16 -7.32
CA SER A 2039 -8.54 -11.86 -7.32
C SER A 2039 -9.65 -11.00 -6.72
N MET A 2040 -9.28 -9.96 -5.96
CA MET A 2040 -10.28 -9.14 -5.28
C MET A 2040 -10.75 -7.99 -6.18
N ASP A 2041 -9.83 -7.38 -6.92
CA ASP A 2041 -10.18 -6.19 -7.69
C ASP A 2041 -10.94 -6.55 -8.96
N ILE A 2042 -10.68 -7.72 -9.52
CA ILE A 2042 -11.32 -8.13 -10.76
C ILE A 2042 -12.56 -8.97 -10.44
N LEU A 2043 -12.36 -10.09 -9.75
CA LEU A 2043 -13.45 -10.98 -9.40
C LEU A 2043 -14.15 -10.51 -8.13
N GLY A 2044 -15.48 -10.59 -8.11
CA GLY A 2044 -16.21 -10.23 -6.91
C GLY A 2044 -16.14 -11.31 -5.85
N GLY A 2045 -16.77 -11.02 -4.72
CA GLY A 2045 -16.77 -11.95 -3.60
C GLY A 2045 -17.76 -13.08 -3.79
N TYR A 2046 -18.02 -13.77 -2.69
CA TYR A 2046 -18.95 -14.89 -2.64
C TYR A 2046 -19.99 -14.66 -1.57
N GLU A 2047 -21.26 -14.84 -1.92
CA GLU A 2047 -22.38 -14.62 -1.01
C GLU A 2047 -22.89 -15.95 -0.51
N GLN A 2048 -22.97 -16.09 0.82
CA GLN A 2048 -23.47 -17.31 1.43
C GLN A 2048 -24.99 -17.38 1.40
N VAL A 2049 -25.66 -16.30 1.84
CA VAL A 2049 -27.11 -16.28 1.82
C VAL A 2049 -27.63 -16.07 0.39
N ASP A 2050 -27.14 -15.02 -0.27
CA ASP A 2050 -27.45 -14.65 -1.65
C ASP A 2050 -28.93 -14.44 -1.90
N LEU A 2051 -29.65 -13.98 -0.88
CA LEU A 2051 -31.08 -13.71 -1.05
C LEU A 2051 -31.36 -12.21 -1.06
N THR A 2052 -30.93 -11.50 -0.01
CA THR A 2052 -31.13 -10.06 0.03
C THR A 2052 -30.16 -9.34 -0.90
N ARG A 2053 -28.95 -9.90 -1.08
CA ARG A 2053 -27.99 -9.29 -1.99
C ARG A 2053 -28.39 -9.49 -3.45
N GLN A 2054 -28.98 -10.63 -3.78
CA GLN A 2054 -29.47 -10.85 -5.13
C GLN A 2054 -30.77 -10.09 -5.39
N ILE A 2055 -31.51 -9.73 -4.34
CA ILE A 2055 -32.72 -8.93 -4.53
C ILE A 2055 -32.36 -7.48 -4.79
N SER A 2056 -31.15 -7.05 -4.41
CA SER A 2056 -30.74 -5.67 -4.63
C SER A 2056 -30.45 -5.39 -6.10
N TYR A 2057 -30.12 -6.42 -6.87
CA TYR A 2057 -29.88 -6.23 -8.30
C TYR A 2057 -31.18 -5.95 -9.04
N ILE A 2058 -32.29 -6.55 -8.61
CA ILE A 2058 -33.57 -6.26 -9.24
C ILE A 2058 -34.11 -4.93 -8.73
N THR A 2059 -33.74 -4.51 -7.52
CA THR A 2059 -34.27 -3.27 -6.97
C THR A 2059 -33.53 -2.04 -7.50
N GLU A 2060 -32.21 -2.13 -7.61
CA GLU A 2060 -31.44 -0.97 -8.06
C GLU A 2060 -31.58 -0.75 -9.56
N GLU A 2061 -31.86 -1.81 -10.32
CA GLU A 2061 -32.10 -1.65 -11.74
C GLU A 2061 -33.48 -1.06 -12.02
N LEU A 2062 -34.45 -1.32 -11.16
CA LEU A 2062 -35.77 -0.76 -11.34
C LEU A 2062 -35.85 0.70 -10.90
N THR A 2063 -34.99 1.10 -9.96
CA THR A 2063 -35.00 2.48 -9.48
C THR A 2063 -34.41 3.42 -10.52
N ASN A 2064 -33.35 3.00 -11.21
CA ASN A 2064 -32.77 3.84 -12.26
C ASN A 2064 -33.63 3.83 -13.52
N ILE A 2065 -34.50 2.83 -13.68
CA ILE A 2065 -35.40 2.83 -14.82
C ILE A 2065 -36.66 3.62 -14.53
N VAL A 2066 -37.01 3.78 -13.24
CA VAL A 2066 -38.21 4.53 -12.90
C VAL A 2066 -37.98 6.02 -13.02
N ARG A 2067 -36.77 6.48 -12.68
CA ARG A 2067 -36.44 7.90 -12.81
C ARG A 2067 -36.29 8.32 -14.25
N GLU A 2068 -35.98 7.39 -15.16
CA GLU A 2068 -35.93 7.74 -16.57
C GLU A 2068 -37.30 7.74 -17.21
N ILE A 2069 -38.25 6.99 -16.65
CA ILE A 2069 -39.58 6.94 -17.23
C ILE A 2069 -40.48 8.02 -16.67
N ILE A 2070 -40.31 8.39 -15.40
CA ILE A 2070 -41.16 9.40 -14.79
C ILE A 2070 -40.76 10.79 -15.21
N SER A 2071 -39.46 11.04 -15.38
CA SER A 2071 -39.00 12.38 -15.74
C SER A 2071 -39.22 12.67 -17.22
N MET A 2072 -39.14 11.65 -18.07
CA MET A 2072 -39.37 11.85 -19.50
C MET A 2072 -40.85 11.96 -19.86
N ASN A 2073 -41.74 11.61 -18.94
CA ASN A 2073 -43.18 11.75 -19.16
C ASN A 2073 -43.71 13.11 -18.72
N MET A 2074 -42.83 14.05 -18.37
CA MET A 2074 -43.23 15.38 -17.91
C MET A 2074 -43.27 16.41 -19.03
N LYS A 2075 -43.03 16.01 -20.28
CA LYS A 2075 -43.07 16.95 -21.39
C LYS A 2075 -44.50 17.25 -21.81
N LEU A 2076 -45.23 16.23 -22.24
CA LEU A 2076 -46.62 16.36 -22.64
C LEU A 2076 -47.37 15.10 -22.21
N SER A 2077 -48.71 15.24 -22.14
CA SER A 2077 -49.66 14.21 -21.69
C SER A 2077 -49.27 13.70 -20.31
N PRO A 2078 -49.60 14.44 -19.24
CA PRO A 2078 -49.06 14.10 -17.92
C PRO A 2078 -49.61 12.80 -17.34
N ASN A 2079 -50.91 12.52 -17.52
CA ASN A 2079 -51.58 11.28 -17.11
C ASN A 2079 -51.43 11.01 -15.61
N ALA A 2080 -52.02 11.88 -14.78
CA ALA A 2080 -51.85 11.82 -13.33
C ALA A 2080 -52.44 10.56 -12.70
N THR A 2081 -53.35 9.87 -13.39
CA THR A 2081 -53.80 8.57 -12.91
C THR A 2081 -52.72 7.50 -13.02
N ALA A 2082 -51.76 7.68 -13.93
CA ALA A 2082 -50.65 6.75 -14.09
C ALA A 2082 -49.31 7.34 -13.66
N ILE A 2083 -49.15 8.66 -13.67
CA ILE A 2083 -47.90 9.27 -13.27
C ILE A 2083 -47.76 9.26 -11.74
N MET A 2084 -48.87 9.48 -11.02
CA MET A 2084 -48.81 9.43 -9.56
C MET A 2084 -48.72 8.00 -9.06
N GLU A 2085 -49.21 7.04 -9.85
CA GLU A 2085 -49.03 5.63 -9.49
C GLU A 2085 -47.59 5.19 -9.66
N GLY A 2086 -46.88 5.76 -10.62
CA GLY A 2086 -45.48 5.41 -10.81
C GLY A 2086 -44.57 6.01 -9.76
N LEU A 2087 -44.90 7.21 -9.27
CA LEU A 2087 -44.09 7.85 -8.25
C LEU A 2087 -44.25 7.19 -6.89
N ASN A 2088 -45.37 6.49 -6.66
CA ASN A 2088 -45.56 5.80 -5.38
C ASN A 2088 -44.65 4.59 -5.25
N LEU A 2089 -44.30 3.95 -6.37
CA LEU A 2089 -43.37 2.83 -6.32
C LEU A 2089 -41.94 3.31 -6.10
N LEU A 2090 -41.63 4.53 -6.52
CA LEU A 2090 -40.31 5.09 -6.26
C LEU A 2090 -40.14 5.47 -4.79
N LYS A 2091 -41.24 5.81 -4.11
CA LYS A 2091 -41.16 6.15 -2.70
C LYS A 2091 -40.98 4.91 -1.82
N TYR A 2092 -41.44 3.74 -2.30
CA TYR A 2092 -41.29 2.52 -1.51
C TYR A 2092 -39.88 1.94 -1.61
N LEU A 2093 -39.22 2.09 -2.75
CA LEU A 2093 -37.90 1.52 -2.95
C LEU A 2093 -36.79 2.41 -2.42
N LEU A 2094 -36.91 3.73 -2.59
CA LEU A 2094 -35.84 4.63 -2.18
C LEU A 2094 -35.80 4.84 -0.67
N ASN A 2095 -36.95 4.73 -0.01
CA ASN A 2095 -37.03 4.97 1.43
C ASN A 2095 -36.91 3.69 2.26
N ASN A 2096 -37.49 2.60 1.79
CA ASN A 2096 -37.49 1.33 2.52
C ASN A 2096 -36.59 0.33 1.82
N ILE A 2097 -35.85 -0.44 2.62
CA ILE A 2097 -34.97 -1.48 2.08
C ILE A 2097 -35.80 -2.71 1.74
N VAL A 2098 -35.35 -3.46 0.74
CA VAL A 2098 -36.05 -4.66 0.32
C VAL A 2098 -35.77 -5.79 1.30
N THR A 2099 -36.72 -6.70 1.43
CA THR A 2099 -36.61 -7.82 2.35
C THR A 2099 -36.88 -9.12 1.61
N PRO A 2100 -36.80 -10.27 2.30
CA PRO A 2100 -37.12 -11.55 1.62
C PRO A 2100 -38.60 -11.71 1.31
N GLU A 2101 -39.48 -10.93 1.95
CA GLU A 2101 -40.91 -10.97 1.64
C GLU A 2101 -41.18 -10.05 0.44
N LYS A 2102 -40.81 -10.53 -0.73
CA LYS A 2102 -40.96 -9.80 -1.98
C LYS A 2102 -42.29 -10.05 -2.66
N PHE A 2103 -43.21 -10.77 -2.00
CA PHE A 2103 -44.52 -11.02 -2.59
C PHE A 2103 -45.37 -9.76 -2.60
N GLN A 2104 -45.21 -8.90 -1.59
CA GLN A 2104 -45.93 -7.63 -1.60
C GLN A 2104 -45.34 -6.65 -2.59
N ASP A 2105 -44.01 -6.72 -2.81
CA ASP A 2105 -43.38 -5.85 -3.79
C ASP A 2105 -43.68 -6.27 -5.22
N PHE A 2106 -43.97 -7.56 -5.44
CA PHE A 2106 -44.33 -8.01 -6.78
C PHE A 2106 -45.72 -7.52 -7.19
N ARG A 2107 -46.62 -7.34 -6.22
CA ARG A 2107 -47.91 -6.74 -6.52
C ARG A 2107 -47.77 -5.25 -6.80
N ASN A 2108 -46.78 -4.59 -6.19
CA ASN A 2108 -46.53 -3.19 -6.49
C ASN A 2108 -45.74 -3.02 -7.78
N ARG A 2109 -44.87 -3.98 -8.10
CA ARG A 2109 -44.10 -3.89 -9.35
C ARG A 2109 -44.98 -4.15 -10.56
N PHE A 2110 -45.98 -5.02 -10.42
CA PHE A 2110 -46.95 -5.23 -11.49
C PHE A 2110 -47.99 -4.12 -11.55
N ASN A 2111 -48.14 -3.35 -10.47
CA ASN A 2111 -49.07 -2.23 -10.48
C ASN A 2111 -48.54 -1.08 -11.33
N ARG A 2112 -47.22 -0.85 -11.29
CA ARG A 2112 -46.62 0.17 -12.13
C ARG A 2112 -46.57 -0.26 -13.59
N PHE A 2113 -46.59 -1.57 -13.85
CA PHE A 2113 -46.59 -2.11 -15.20
C PHE A 2113 -48.00 -2.32 -15.75
N PHE A 2114 -48.98 -1.57 -15.24
CA PHE A 2114 -50.36 -1.71 -15.70
C PHE A 2114 -50.60 -1.04 -17.05
N SER A 2115 -49.66 -0.26 -17.55
CA SER A 2115 -49.79 0.38 -18.85
C SER A 2115 -48.88 -0.21 -19.92
N HIS A 2116 -47.72 -0.73 -19.52
CA HIS A 2116 -46.69 -1.30 -20.41
C HIS A 2116 -46.27 -0.30 -21.49
N LEU A 2117 -45.79 0.85 -21.03
CA LEU A 2117 -45.42 1.93 -21.94
C LEU A 2117 -44.07 1.67 -22.60
N GLU A 2118 -43.03 1.45 -21.80
CA GLU A 2118 -41.67 1.26 -22.32
C GLU A 2118 -41.41 -0.22 -22.55
N GLY A 2119 -40.73 -0.53 -23.67
CA GLY A 2119 -40.41 -1.90 -23.99
C GLY A 2119 -39.32 -2.50 -23.12
N HIS A 2120 -38.51 -1.67 -22.48
CA HIS A 2120 -37.47 -2.12 -21.56
C HIS A 2120 -38.10 -2.69 -20.30
N PRO A 2121 -39.29 -2.20 -19.92
CA PRO A 2121 -39.93 -2.73 -18.71
C PRO A 2121 -40.49 -4.13 -18.88
N LEU A 2122 -40.72 -4.58 -20.11
CA LEU A 2122 -41.17 -5.95 -20.32
C LEU A 2122 -40.07 -6.96 -20.06
N LEU A 2123 -38.81 -6.55 -20.28
CA LEU A 2123 -37.69 -7.44 -19.98
C LEU A 2123 -37.35 -7.45 -18.50
N LYS A 2124 -37.69 -6.39 -17.77
CA LYS A 2124 -37.44 -6.34 -16.34
C LYS A 2124 -38.40 -7.22 -15.55
N THR A 2125 -39.62 -7.41 -16.05
CA THR A 2125 -40.59 -8.26 -15.38
C THR A 2125 -40.27 -9.74 -15.53
N MET A 2126 -39.54 -10.12 -16.58
CA MET A 2126 -39.18 -11.52 -16.76
C MET A 2126 -38.11 -11.95 -15.77
N SER A 2127 -37.20 -11.05 -15.40
CA SER A 2127 -36.21 -11.37 -14.38
C SER A 2127 -36.81 -11.37 -12.98
N MET A 2128 -37.88 -10.60 -12.77
CA MET A 2128 -38.55 -10.59 -11.48
C MET A 2128 -39.40 -11.84 -11.27
N ASN A 2129 -40.01 -12.35 -12.34
CA ASN A 2129 -40.82 -13.56 -12.21
C ASN A 2129 -39.97 -14.80 -12.00
N ILE A 2130 -38.75 -14.81 -12.54
CA ILE A 2130 -37.86 -15.94 -12.31
C ILE A 2130 -37.27 -15.89 -10.90
N GLU A 2131 -37.19 -14.69 -10.32
CA GLU A 2131 -36.69 -14.57 -8.96
C GLU A 2131 -37.73 -15.00 -7.93
N LYS A 2132 -39.02 -14.94 -8.28
CA LYS A 2132 -40.07 -15.39 -7.37
C LYS A 2132 -40.07 -16.90 -7.26
N MET A 2133 -39.86 -17.61 -8.38
CA MET A 2133 -39.75 -19.06 -8.34
C MET A 2133 -38.44 -19.51 -7.73
N THR A 2134 -37.41 -18.67 -7.77
CA THR A 2134 -36.13 -19.01 -7.16
C THR A 2134 -36.16 -18.89 -5.64
N GLU A 2135 -37.13 -18.17 -5.09
CA GLU A 2135 -37.22 -18.04 -3.64
C GLU A 2135 -37.71 -19.33 -2.99
N ILE A 2136 -38.61 -20.05 -3.67
CA ILE A 2136 -39.08 -21.32 -3.14
C ILE A 2136 -38.03 -22.41 -3.32
N ILE A 2137 -37.20 -22.30 -4.36
CA ILE A 2137 -36.12 -23.28 -4.57
C ILE A 2137 -34.85 -22.91 -3.81
N THR A 2138 -34.83 -21.76 -3.15
CA THR A 2138 -33.64 -21.35 -2.38
C THR A 2138 -33.48 -22.16 -1.11
N LYS A 2139 -34.56 -22.75 -0.59
CA LYS A 2139 -34.44 -23.59 0.60
C LYS A 2139 -33.78 -24.93 0.30
N GLU A 2140 -33.74 -25.34 -0.97
CA GLU A 2140 -33.06 -26.57 -1.33
C GLU A 2140 -31.53 -26.40 -1.30
N ALA A 2141 -31.04 -25.22 -1.66
CA ALA A 2141 -29.62 -24.91 -1.62
C ALA A 2141 -29.40 -23.89 -0.50
N SER A 2142 -29.17 -24.39 0.71
CA SER A 2142 -29.03 -23.52 1.86
C SER A 2142 -27.62 -22.93 1.94
N VAL A 2143 -26.61 -23.77 2.08
CA VAL A 2143 -25.22 -23.31 2.19
C VAL A 2143 -24.61 -23.48 0.80
N LYS A 2144 -24.69 -22.41 0.01
CA LYS A 2144 -24.16 -22.38 -1.35
C LYS A 2144 -23.41 -21.07 -1.57
N PHE A 2145 -22.17 -21.18 -2.04
CA PHE A 2145 -21.36 -20.01 -2.38
C PHE A 2145 -21.42 -19.79 -3.89
N GLU A 2146 -21.75 -18.57 -4.29
CA GLU A 2146 -21.87 -18.23 -5.70
C GLU A 2146 -21.04 -16.99 -5.99
N TRP A 2147 -20.48 -16.94 -7.19
CA TRP A 2147 -19.68 -15.81 -7.62
C TRP A 2147 -20.55 -14.77 -8.30
N PHE A 2148 -20.28 -13.50 -8.00
CA PHE A 2148 -21.00 -12.39 -8.61
C PHE A 2148 -20.00 -11.33 -9.05
N ASP A 2149 -20.47 -10.41 -9.88
CA ASP A 2149 -19.62 -9.32 -10.35
C ASP A 2149 -19.42 -8.28 -9.25
N GLY A 2150 -18.18 -7.85 -9.08
CA GLY A 2150 -17.85 -6.87 -8.05
C GLY A 2150 -18.17 -5.45 -8.44
N MET A 2151 -17.29 -4.52 -8.05
CA MET A 2151 -17.49 -3.11 -8.38
C MET A 2151 -17.02 -2.76 -9.78
N LEU A 2152 -15.81 -3.18 -10.14
CA LEU A 2152 -15.25 -2.87 -11.45
C LEU A 2152 -15.87 -3.73 -12.54
N VAL A 2153 -16.22 -4.98 -12.22
CA VAL A 2153 -16.79 -5.88 -13.23
C VAL A 2153 -18.20 -5.45 -13.60
N LYS A 2154 -18.98 -4.98 -12.62
CA LYS A 2154 -20.32 -4.47 -12.92
C LYS A 2154 -20.28 -3.10 -13.57
N ALA A 2155 -19.16 -2.37 -13.44
CA ALA A 2155 -19.07 -1.04 -14.01
C ALA A 2155 -18.84 -1.05 -15.51
N VAL A 2156 -18.28 -2.13 -16.06
CA VAL A 2156 -18.03 -2.18 -17.50
C VAL A 2156 -19.34 -2.39 -18.26
N GLU A 2157 -20.32 -3.02 -17.64
CA GLU A 2157 -21.61 -3.22 -18.29
C GLU A 2157 -22.52 -2.02 -18.11
N LYS A 2158 -22.49 -1.39 -16.93
CA LYS A 2158 -23.34 -0.23 -16.70
C LYS A 2158 -22.83 1.01 -17.44
N GLY A 2159 -21.52 1.10 -17.65
CA GLY A 2159 -20.94 2.20 -18.39
C GLY A 2159 -20.95 3.53 -17.65
N HIS A 2160 -20.19 3.62 -16.57
CA HIS A 2160 -20.02 4.88 -15.87
C HIS A 2160 -18.56 5.05 -15.50
N TRP A 2161 -18.21 6.21 -14.97
CA TRP A 2161 -16.82 6.59 -14.76
C TRP A 2161 -16.29 5.95 -13.47
N LEU A 2162 -14.95 5.85 -13.40
CA LEU A 2162 -14.27 5.29 -12.25
C LEU A 2162 -13.23 6.27 -11.73
N ILE A 2163 -12.99 6.22 -10.42
CA ILE A 2163 -11.94 6.98 -9.77
C ILE A 2163 -11.14 5.99 -8.92
N LEU A 2164 -9.93 5.66 -9.38
CA LEU A 2164 -9.03 4.81 -8.62
C LEU A 2164 -8.06 5.71 -7.88
N ASP A 2165 -8.05 5.61 -6.55
CA ASP A 2165 -7.44 6.63 -5.70
C ASP A 2165 -5.97 6.33 -5.48
N ASN A 2166 -5.12 7.30 -5.84
CA ASN A 2166 -3.69 7.46 -5.53
C ASN A 2166 -2.78 6.49 -6.26
N ALA A 2167 -3.32 5.43 -6.86
CA ALA A 2167 -2.64 4.46 -7.75
C ALA A 2167 -1.31 3.93 -7.21
N ASN A 2168 -1.12 3.90 -5.89
CA ASN A 2168 0.19 3.62 -5.31
C ASN A 2168 0.20 2.36 -4.46
N LEU A 2169 -0.72 2.25 -3.51
CA LEU A 2169 -0.84 1.03 -2.69
C LEU A 2169 -1.79 0.05 -3.37
N CYS A 2170 -1.39 -0.36 -4.58
CA CYS A 2170 -2.23 -1.19 -5.44
C CYS A 2170 -1.60 -2.52 -5.82
N SER A 2171 -0.35 -2.79 -5.38
CA SER A 2171 0.43 -4.00 -5.69
C SER A 2171 0.50 -4.23 -7.20
N PRO A 2172 1.37 -3.49 -7.92
CA PRO A 2172 1.19 -3.26 -9.38
C PRO A 2172 1.17 -4.51 -10.28
N SER A 2173 1.36 -5.72 -9.74
CA SER A 2173 0.98 -6.92 -10.48
C SER A 2173 -0.54 -7.05 -10.61
N VAL A 2174 -1.30 -6.42 -9.69
CA VAL A 2174 -2.75 -6.42 -9.79
C VAL A 2174 -3.21 -5.57 -10.96
N LEU A 2175 -2.55 -4.42 -11.17
CA LEU A 2175 -2.95 -3.46 -12.20
C LEU A 2175 -2.65 -3.95 -13.62
N ASP A 2176 -1.96 -5.07 -13.79
CA ASP A 2176 -1.73 -5.64 -15.12
C ASP A 2176 -2.96 -6.34 -15.68
N ARG A 2177 -4.01 -6.53 -14.87
CA ARG A 2177 -5.23 -7.15 -15.37
C ARG A 2177 -5.99 -6.23 -16.31
N LEU A 2178 -5.78 -4.92 -16.20
CA LEU A 2178 -6.49 -3.93 -17.00
C LEU A 2178 -5.81 -3.63 -18.33
N ASN A 2179 -4.99 -4.55 -18.84
CA ASN A 2179 -4.28 -4.30 -20.09
C ASN A 2179 -5.21 -4.40 -21.30
N SER A 2180 -6.24 -5.24 -21.23
CA SER A 2180 -7.12 -5.46 -22.37
C SER A 2180 -8.07 -4.31 -22.62
N LEU A 2181 -8.29 -3.44 -21.63
CA LEU A 2181 -9.22 -2.33 -21.76
C LEU A 2181 -8.50 -0.98 -21.75
N LEU A 2182 -7.20 -0.95 -22.04
CA LEU A 2182 -6.46 0.30 -22.03
C LEU A 2182 -6.70 1.11 -23.31
N GLU A 2183 -6.33 0.53 -24.46
CA GLU A 2183 -6.52 1.21 -25.74
C GLU A 2183 -6.87 0.25 -26.86
N ILE A 2184 -7.41 -0.93 -26.53
CA ILE A 2184 -7.70 -1.95 -27.52
C ILE A 2184 -9.21 -2.22 -27.52
N ASP A 2185 -9.65 -3.17 -28.34
CA ASP A 2185 -11.05 -3.56 -28.37
C ASP A 2185 -11.46 -4.25 -27.08
N GLY A 2186 -12.78 -4.41 -26.92
CA GLY A 2186 -13.34 -4.94 -25.69
C GLY A 2186 -13.00 -6.38 -25.38
N SER A 2187 -12.17 -6.58 -24.36
CA SER A 2187 -11.77 -7.91 -23.93
C SER A 2187 -11.61 -7.93 -22.42
N LEU A 2188 -11.91 -9.07 -21.82
CA LEU A 2188 -11.80 -9.23 -20.37
C LEU A 2188 -11.54 -10.69 -20.05
N LEU A 2189 -10.48 -10.94 -19.28
CA LEU A 2189 -10.09 -12.29 -18.88
C LEU A 2189 -10.52 -12.50 -17.43
N ILE A 2190 -11.66 -13.15 -17.23
CA ILE A 2190 -12.18 -13.41 -15.90
C ILE A 2190 -11.75 -14.80 -15.43
N GLN A 2199 -18.20 -21.91 -19.72
CA GLN A 2199 -16.78 -22.13 -19.51
C GLN A 2199 -16.04 -20.80 -19.33
N PRO A 2200 -16.00 -19.99 -20.38
CA PRO A 2200 -15.30 -18.70 -20.31
C PRO A 2200 -16.24 -17.57 -19.90
N ARG A 2201 -15.65 -16.41 -19.63
CA ARG A 2201 -16.38 -15.21 -19.24
C ARG A 2201 -15.61 -14.00 -19.75
N VAL A 2202 -16.03 -13.49 -20.91
CA VAL A 2202 -15.43 -12.31 -21.52
C VAL A 2202 -16.52 -11.29 -21.77
N LEU A 2203 -16.27 -10.04 -21.38
CA LEU A 2203 -17.24 -8.97 -21.49
C LEU A 2203 -16.68 -7.84 -22.34
N LYS A 2204 -17.51 -7.30 -23.23
CA LYS A 2204 -17.14 -6.20 -24.10
C LYS A 2204 -17.34 -4.86 -23.39
N PRO A 2205 -16.60 -3.83 -23.80
CA PRO A 2205 -16.73 -2.52 -23.13
C PRO A 2205 -17.83 -1.69 -23.77
N HIS A 2206 -18.70 -1.14 -22.92
CA HIS A 2206 -19.72 -0.23 -23.39
C HIS A 2206 -19.07 1.10 -23.75
N PRO A 2207 -19.52 1.78 -24.81
CA PRO A 2207 -18.80 2.98 -25.29
C PRO A 2207 -18.75 4.16 -24.33
N ASN A 2208 -19.66 4.27 -23.38
CA ASN A 2208 -19.61 5.36 -22.40
C ASN A 2208 -18.91 4.91 -21.12
N PHE A 2209 -17.68 4.44 -21.29
CA PHE A 2209 -16.86 3.96 -20.18
C PHE A 2209 -15.47 4.56 -20.31
N ARG A 2210 -15.06 5.37 -19.34
CA ARG A 2210 -13.75 6.02 -19.35
C ARG A 2210 -13.10 5.82 -18.00
N LEU A 2211 -11.88 5.26 -18.01
CA LEU A 2211 -11.16 4.93 -16.79
C LEU A 2211 -10.25 6.10 -16.44
N PHE A 2212 -10.51 6.72 -15.29
CA PHE A 2212 -9.69 7.80 -14.78
C PHE A 2212 -8.75 7.28 -13.69
N LEU A 2213 -7.63 7.99 -13.51
CA LEU A 2213 -6.67 7.64 -12.49
C LEU A 2213 -6.18 8.90 -11.79
N THR A 2214 -5.95 8.78 -10.49
CA THR A 2214 -5.28 9.81 -9.70
C THR A 2214 -4.06 9.19 -9.04
N MET A 2215 -3.09 10.03 -8.72
CA MET A 2215 -1.85 9.53 -8.12
C MET A 2215 -1.18 10.64 -7.34
N ASP A 2216 -0.34 10.24 -6.39
CA ASP A 2216 0.51 11.13 -5.61
C ASP A 2216 1.98 10.86 -5.92
N PRO A 2217 2.75 11.90 -6.28
CA PRO A 2217 4.13 11.68 -6.70
C PRO A 2217 5.11 11.36 -5.58
N LYS A 2218 4.68 11.44 -4.32
CA LYS A 2218 5.58 11.19 -3.20
C LYS A 2218 5.80 9.71 -2.93
N TYR A 2219 5.06 8.82 -3.60
CA TYR A 2219 5.12 7.40 -3.26
C TYR A 2219 6.02 6.60 -4.21
N GLY A 2220 6.12 7.00 -5.47
CA GLY A 2220 7.04 6.32 -6.36
C GLY A 2220 6.53 6.35 -7.80
N GLU A 2221 6.80 5.26 -8.51
CA GLU A 2221 6.53 5.16 -9.94
C GLU A 2221 5.08 4.79 -10.18
N LEU A 2222 4.74 4.53 -11.45
CA LEU A 2222 3.34 4.35 -11.82
C LEU A 2222 3.19 3.22 -12.85
N SER A 2223 4.02 2.17 -12.71
CA SER A 2223 3.97 0.95 -13.54
C SER A 2223 4.16 1.28 -15.03
N ARG A 2224 5.35 1.77 -15.31
CA ARG A 2224 5.80 2.25 -16.62
C ARG A 2224 5.22 1.58 -17.85
N ALA A 2225 5.04 0.27 -17.80
CA ALA A 2225 4.55 -0.43 -18.98
C ALA A 2225 3.19 0.09 -19.43
N MET A 2226 2.44 0.74 -18.53
CA MET A 2226 1.12 1.27 -18.85
C MET A 2226 1.12 2.79 -19.04
N ARG A 2227 2.27 3.43 -18.91
CA ARG A 2227 2.33 4.88 -19.07
C ARG A 2227 2.28 5.31 -20.54
N ASN A 2228 2.50 4.39 -21.47
CA ASN A 2228 2.48 4.75 -22.88
C ASN A 2228 1.08 5.12 -23.34
N ARG A 2229 0.12 4.23 -23.10
CA ARG A 2229 -1.27 4.53 -23.43
C ARG A 2229 -1.83 5.50 -22.41
N GLY A 2230 -2.41 6.60 -22.89
CA GLY A 2230 -2.96 7.62 -22.03
C GLY A 2230 -2.10 8.87 -21.97
N VAL A 2231 -2.61 9.85 -21.22
CA VAL A 2231 -1.98 11.15 -21.08
C VAL A 2231 -1.77 11.42 -19.60
N GLU A 2232 -0.69 12.13 -19.27
CA GLU A 2232 -0.35 12.47 -17.91
C GLU A 2232 -0.29 13.99 -17.76
N ILE A 2233 -1.01 14.52 -16.78
CA ILE A 2233 -1.08 15.95 -16.52
C ILE A 2233 -0.69 16.20 -15.07
N TYR A 2234 0.26 17.10 -14.87
CA TYR A 2234 0.69 17.48 -13.53
C TYR A 2234 -0.11 18.68 -13.04
N ILE A 2235 -0.58 18.61 -11.81
CA ILE A 2235 -1.36 19.69 -11.20
C ILE A 2235 -0.58 20.21 -9.99
N ASP A 2236 -0.18 21.47 -10.05
CA ASP A 2236 0.51 22.12 -8.95
C ASP A 2236 -0.49 22.42 -7.83
N GLU A 2237 0.03 22.78 -6.65
CA GLU A 2237 -0.80 23.03 -5.48
C GLU A 2237 -1.68 24.27 -5.67
N LEU A 2238 -2.79 24.29 -4.94
CA LEU A 2238 -3.81 25.30 -5.16
C LEU A 2238 -3.42 26.66 -4.59
N HIS A 2239 -2.58 26.69 -3.56
CA HIS A 2239 -2.20 27.96 -2.96
C HIS A 2239 -1.20 28.74 -3.79
N SER A 2240 -0.57 28.10 -4.78
CA SER A 2240 0.37 28.79 -5.67
C SER A 2240 -0.19 29.04 -7.05
N ARG A 2241 -1.14 28.23 -7.51
CA ARG A 2241 -1.67 28.36 -8.86
C ARG A 2241 -2.88 29.28 -8.96
N SER A 2242 -3.62 29.46 -7.87
CA SER A 2242 -4.83 30.27 -7.90
C SER A 2242 -4.48 31.75 -7.98
N THR A 2243 -5.36 32.51 -8.64
CA THR A 2243 -5.17 33.94 -8.83
C THR A 2243 -5.72 34.69 -7.61
N ALA A 2244 -5.87 36.01 -7.75
CA ALA A 2244 -6.38 36.81 -6.64
C ALA A 2244 -7.88 36.62 -6.45
N PHE A 2245 -8.64 36.41 -7.52
CA PHE A 2245 -10.07 36.20 -7.39
C PHE A 2245 -10.40 34.80 -6.90
N ASP A 2246 -9.60 33.80 -7.26
CA ASP A 2246 -9.82 32.45 -6.76
C ASP A 2246 -9.44 32.30 -5.31
N ARG A 2247 -8.53 33.14 -4.80
CA ARG A 2247 -8.18 33.12 -3.38
C ARG A 2247 -9.23 33.78 -2.51
N LEU A 2248 -10.18 34.50 -3.11
CA LEU A 2248 -11.23 35.18 -2.35
C LEU A 2248 -12.50 34.34 -2.25
N THR A 2249 -12.78 33.51 -3.26
CA THR A 2249 -13.98 32.68 -3.27
C THR A 2249 -13.82 31.37 -2.49
N LEU A 2250 -12.74 31.22 -1.74
CA LEU A 2250 -12.53 30.11 -0.81
C LEU A 2250 -12.28 30.69 0.58
N GLY A 2251 -11.87 29.81 1.49
CA GLY A 2251 -11.47 30.25 2.81
C GLY A 2251 -10.13 30.98 2.80
N PHE A 2252 -9.91 31.75 3.86
CA PHE A 2252 -8.71 32.58 4.07
C PHE A 2252 -8.42 33.53 2.91
N PRO A 2275 -11.57 46.18 4.46
CA PRO A 2275 -12.76 46.13 5.32
C PRO A 2275 -13.93 45.41 4.65
N ASP A 2276 -14.17 45.71 3.38
CA ASP A 2276 -15.25 45.11 2.60
C ASP A 2276 -14.65 43.98 1.78
N MET A 2277 -14.61 42.79 2.37
CA MET A 2277 -14.08 41.59 1.73
C MET A 2277 -15.12 40.48 1.79
N SER A 2278 -16.34 40.81 1.39
CA SER A 2278 -17.44 39.85 1.41
C SER A 2278 -17.25 38.77 0.36
N ILE A 2279 -17.78 37.59 0.65
CA ILE A 2279 -17.63 36.44 -0.26
C ILE A 2279 -18.53 36.65 -1.47
N PRO A 2280 -18.01 36.48 -2.70
CA PRO A 2280 -18.87 36.62 -3.88
C PRO A 2280 -19.86 35.47 -4.04
N LEU A 2281 -20.75 35.58 -5.02
CA LEU A 2281 -21.90 34.69 -5.09
C LEU A 2281 -21.61 33.34 -5.73
N LYS A 2282 -20.36 33.05 -6.11
CA LYS A 2282 -20.07 31.71 -6.61
C LYS A 2282 -20.10 30.66 -5.51
N HIS A 2283 -19.92 31.06 -4.26
CA HIS A 2283 -19.91 30.10 -3.16
C HIS A 2283 -21.31 29.75 -2.67
N TYR A 2284 -22.29 30.61 -2.91
CA TYR A 2284 -23.63 30.44 -2.40
C TYR A 2284 -24.66 30.09 -3.48
N VAL A 2285 -24.23 29.88 -4.71
CA VAL A 2285 -25.13 29.57 -5.82
C VAL A 2285 -24.73 28.25 -6.45
N PRO A 2286 -25.65 27.29 -6.63
CA PRO A 2286 -25.30 26.04 -7.31
C PRO A 2286 -25.05 26.29 -8.79
N SER A 2287 -23.95 25.71 -9.30
CA SER A 2287 -23.46 25.99 -10.64
C SER A 2287 -23.91 24.96 -11.66
N TYR A 2288 -24.70 23.96 -11.28
CA TYR A 2288 -25.12 22.97 -12.27
C TYR A 2288 -26.36 23.39 -13.04
N LEU A 2289 -26.94 24.54 -12.72
CA LEU A 2289 -28.02 25.11 -13.52
C LEU A 2289 -27.52 26.42 -14.11
N SER A 2290 -27.95 26.71 -15.33
CA SER A 2290 -27.29 27.75 -16.12
C SER A 2290 -27.76 29.16 -15.77
N ARG A 2291 -29.04 29.33 -15.43
CA ARG A 2291 -29.62 30.66 -15.31
C ARG A 2291 -29.18 31.45 -14.08
N PRO A 2292 -29.02 30.88 -12.87
CA PRO A 2292 -28.37 31.65 -11.81
C PRO A 2292 -26.86 31.67 -11.91
N CYS A 2293 -26.26 30.90 -12.82
CA CYS A 2293 -24.81 30.90 -12.94
C CYS A 2293 -24.30 32.16 -13.63
N ILE A 2294 -25.05 32.67 -14.60
CA ILE A 2294 -24.63 33.86 -15.33
C ILE A 2294 -24.79 35.11 -14.47
N PHE A 2295 -25.95 35.25 -13.81
CA PHE A 2295 -26.23 36.44 -13.03
C PHE A 2295 -25.43 36.52 -11.73
N ALA A 2296 -24.88 35.39 -11.28
CA ALA A 2296 -24.00 35.44 -10.11
C ALA A 2296 -22.67 36.09 -10.45
N GLN A 2297 -22.25 36.01 -11.71
CA GLN A 2297 -21.04 36.71 -12.15
C GLN A 2297 -21.27 38.19 -12.37
N VAL A 2298 -22.53 38.63 -12.49
CA VAL A 2298 -22.81 40.05 -12.67
C VAL A 2298 -22.58 40.79 -11.36
N HIS A 2299 -23.05 40.23 -10.24
CA HIS A 2299 -22.81 40.86 -8.95
C HIS A 2299 -21.38 40.71 -8.47
N ASP A 2300 -20.62 39.77 -9.05
CA ASP A 2300 -19.21 39.65 -8.70
C ASP A 2300 -18.39 40.81 -9.24
N ILE A 2301 -18.83 41.40 -10.35
CA ILE A 2301 -18.17 42.60 -10.88
C ILE A 2301 -18.46 43.80 -10.00
N LEU A 2302 -19.71 43.96 -9.57
CA LEU A 2302 -20.08 45.12 -8.76
C LEU A 2302 -19.54 45.03 -7.34
N LEU A 2303 -19.32 43.81 -6.83
CA LEU A 2303 -18.75 43.65 -5.50
C LEU A 2303 -17.25 43.93 -5.50
N LEU A 2304 -16.57 43.63 -6.59
CA LEU A 2304 -15.12 43.77 -6.64
C LEU A 2304 -14.68 45.17 -7.04
N SER A 2305 -15.48 45.90 -7.81
CA SER A 2305 -15.09 47.20 -8.31
C SER A 2305 -15.35 48.27 -7.25
N ASP A 2306 -14.36 49.15 -7.04
CA ASP A 2306 -14.55 50.28 -6.14
C ASP A 2306 -15.44 51.33 -6.80
N GLU A 2307 -15.10 51.74 -8.02
CA GLU A 2307 -15.95 52.63 -8.80
C GLU A 2307 -17.11 51.86 -9.42
N GLU A 2308 -17.93 52.57 -10.19
CA GLU A 2308 -19.07 51.96 -10.84
C GLU A 2308 -18.68 51.51 -12.25
N PRO A 2309 -18.65 50.21 -12.55
CA PRO A 2309 -18.25 49.76 -13.90
C PRO A 2309 -19.41 49.83 -14.89
N ILE A 2310 -19.78 51.06 -15.26
CA ILE A 2310 -20.92 51.26 -16.12
C ILE A 2310 -20.56 50.99 -17.58
N GLU A 2311 -19.31 51.23 -17.97
CA GLU A 2311 -18.89 51.18 -19.37
C GLU A 2311 -18.80 49.73 -19.85
N GLU A 2312 -19.96 49.19 -20.21
CA GLU A 2312 -20.13 47.92 -20.92
C GLU A 2312 -19.60 46.70 -20.16
N SER A 2313 -19.41 46.82 -18.85
CA SER A 2313 -18.96 45.70 -18.04
C SER A 2313 -20.10 44.76 -17.68
N LEU A 2314 -21.34 45.17 -17.92
CA LEU A 2314 -22.50 44.36 -17.57
C LEU A 2314 -23.14 43.71 -18.79
N ALA A 2315 -22.90 44.24 -19.99
CA ALA A 2315 -23.48 43.72 -21.22
C ALA A 2315 -22.51 42.82 -21.98
N ALA A 2316 -21.46 42.33 -21.33
CA ALA A 2316 -20.49 41.44 -21.95
C ALA A 2316 -20.54 40.01 -21.41
N VAL A 2317 -20.80 39.85 -20.12
CA VAL A 2317 -20.88 38.52 -19.53
C VAL A 2317 -22.19 37.84 -19.92
N ILE A 2318 -23.28 38.60 -19.95
CA ILE A 2318 -24.59 38.03 -20.28
C ILE A 2318 -24.67 37.74 -21.77
N PRO A 2319 -25.10 36.54 -22.19
CA PRO A 2319 -25.15 36.24 -23.62
C PRO A 2319 -26.24 36.97 -24.40
N ILE A 2320 -26.32 36.69 -25.70
CA ILE A 2320 -27.34 37.31 -26.53
C ILE A 2320 -28.72 36.76 -26.19
N SER A 2321 -28.82 35.47 -25.92
CA SER A 2321 -30.08 34.88 -25.51
C SER A 2321 -30.43 35.32 -24.09
N HIS A 2322 -31.73 35.18 -23.77
CA HIS A 2322 -32.38 35.54 -22.49
C HIS A 2322 -31.96 36.91 -21.96
N LEU A 2323 -31.96 37.90 -22.84
CA LEU A 2323 -31.83 39.29 -22.40
C LEU A 2323 -33.14 39.85 -21.86
N GLY A 2324 -34.27 39.20 -22.14
CA GLY A 2324 -35.53 39.59 -21.53
C GLY A 2324 -35.62 39.24 -20.06
N GLU A 2325 -34.75 38.35 -19.58
CA GLU A 2325 -34.70 38.05 -18.15
C GLU A 2325 -34.11 39.20 -17.35
N VAL A 2326 -33.29 40.04 -18.01
CA VAL A 2326 -32.69 41.21 -17.36
C VAL A 2326 -33.76 42.24 -16.99
N GLY A 2327 -34.80 42.36 -17.82
CA GLY A 2327 -35.93 43.22 -17.48
C GLY A 2327 -36.71 42.73 -16.28
N LYS A 2328 -36.79 41.42 -16.10
CA LYS A 2328 -37.35 40.87 -14.88
C LYS A 2328 -36.33 40.93 -13.74
N TRP A 2329 -35.04 40.86 -14.06
CA TRP A 2329 -33.99 40.99 -13.05
C TRP A 2329 -33.92 42.40 -12.49
N ALA A 2330 -34.25 43.41 -13.29
CA ALA A 2330 -34.25 44.78 -12.81
C ALA A 2330 -35.35 45.01 -11.78
N ASN A 2331 -36.49 44.33 -11.95
CA ASN A 2331 -37.54 44.40 -10.94
C ASN A 2331 -37.23 43.51 -9.75
N ASN A 2332 -36.32 42.54 -9.89
CA ASN A 2332 -35.92 41.72 -8.76
C ASN A 2332 -35.08 42.51 -7.78
N VAL A 2333 -34.29 43.46 -8.27
CA VAL A 2333 -33.44 44.27 -7.40
C VAL A 2333 -34.25 45.33 -6.67
N LEU A 2334 -35.14 46.02 -7.40
CA LEU A 2334 -35.84 47.18 -6.86
C LEU A 2334 -36.92 46.81 -5.87
N ASN A 2335 -37.45 45.59 -5.93
CA ASN A 2335 -38.61 45.23 -5.13
C ASN A 2335 -38.22 44.76 -3.73
N CYS A 2336 -37.32 43.78 -3.63
CA CYS A 2336 -37.02 43.15 -2.36
C CYS A 2336 -36.13 44.04 -1.49
N THR A 2337 -36.08 43.72 -0.21
CA THR A 2337 -35.25 44.47 0.75
C THR A 2337 -33.85 43.88 0.88
N GLU A 2338 -33.23 43.63 -0.27
CA GLU A 2338 -31.82 43.28 -0.40
C GLU A 2338 -31.30 44.08 -1.58
N TYR A 2339 -30.09 43.71 -2.04
CA TYR A 2339 -29.43 44.31 -3.21
C TYR A 2339 -29.25 45.82 -3.01
N SER A 2340 -28.33 46.14 -2.10
CA SER A 2340 -28.11 47.53 -1.65
C SER A 2340 -27.75 48.48 -2.79
N GLU A 2341 -27.15 47.97 -3.87
CA GLU A 2341 -27.04 48.74 -5.09
C GLU A 2341 -28.31 48.60 -5.91
N LYS A 2342 -28.90 49.74 -6.28
CA LYS A 2342 -30.14 49.74 -7.04
C LYS A 2342 -30.15 50.69 -8.22
N LYS A 2343 -29.32 51.74 -8.21
CA LYS A 2343 -29.25 52.66 -9.34
C LYS A 2343 -28.38 52.11 -10.45
N ILE A 2344 -27.40 51.27 -10.12
CA ILE A 2344 -26.53 50.69 -11.14
C ILE A 2344 -27.29 49.64 -11.94
N ALA A 2345 -28.07 48.79 -11.25
CA ALA A 2345 -28.88 47.80 -11.95
C ALA A 2345 -30.04 48.45 -12.69
N GLU A 2346 -30.48 49.63 -12.26
CA GLU A 2346 -31.51 50.35 -12.99
C GLU A 2346 -30.98 50.90 -14.31
N ARG A 2347 -29.71 51.28 -14.35
CA ARG A 2347 -29.12 51.79 -15.59
C ARG A 2347 -28.87 50.70 -16.62
N LEU A 2348 -28.79 49.43 -16.19
CA LEU A 2348 -28.61 48.36 -17.15
C LEU A 2348 -29.86 48.12 -17.98
N TYR A 2349 -31.03 48.22 -17.35
CA TYR A 2349 -32.28 48.07 -18.10
C TYR A 2349 -32.51 49.23 -19.05
N VAL A 2350 -31.99 50.41 -18.73
CA VAL A 2350 -32.03 51.53 -19.66
C VAL A 2350 -31.11 51.27 -20.85
N PHE A 2351 -29.98 50.60 -20.60
CA PHE A 2351 -29.01 50.35 -21.66
C PHE A 2351 -29.50 49.28 -22.64
N ILE A 2352 -30.26 48.30 -22.17
CA ILE A 2352 -30.73 47.23 -23.06
C ILE A 2352 -31.83 47.75 -23.97
N THR A 2353 -32.78 48.52 -23.43
CA THR A 2353 -33.82 49.10 -24.27
C THR A 2353 -33.30 50.22 -25.15
N PHE A 2354 -32.12 50.78 -24.83
CA PHE A 2354 -31.43 51.66 -25.76
C PHE A 2354 -30.67 50.85 -26.82
N LEU A 2355 -30.26 49.64 -26.48
CA LEU A 2355 -29.55 48.80 -27.44
C LEU A 2355 -30.50 48.18 -28.46
N THR A 2356 -31.67 47.73 -28.01
CA THR A 2356 -32.65 47.18 -28.93
C THR A 2356 -33.49 48.24 -29.61
N ASP A 2357 -33.30 49.52 -29.25
CA ASP A 2357 -33.99 50.60 -29.96
C ASP A 2357 -33.45 50.74 -31.37
N MET A 2358 -32.14 50.88 -31.51
CA MET A 2358 -31.52 50.82 -32.83
C MET A 2358 -31.46 49.37 -33.31
N GLY A 2359 -31.53 49.21 -34.64
CA GLY A 2359 -31.44 47.89 -35.23
C GLY A 2359 -30.01 47.39 -35.27
N VAL A 2360 -29.46 47.01 -34.12
CA VAL A 2360 -28.07 46.58 -34.03
C VAL A 2360 -28.03 45.13 -33.52
N LEU A 2361 -29.07 44.72 -32.78
CA LEU A 2361 -29.14 43.34 -32.32
C LEU A 2361 -29.52 42.38 -33.44
N GLU A 2362 -30.14 42.88 -34.52
CA GLU A 2362 -30.37 42.03 -35.68
C GLU A 2362 -29.07 41.77 -36.44
N LYS A 2363 -28.12 42.71 -36.36
CA LYS A 2363 -26.85 42.53 -37.05
C LYS A 2363 -25.88 41.65 -36.26
N ILE A 2364 -25.93 41.71 -34.94
CA ILE A 2364 -25.06 40.87 -34.12
C ILE A 2364 -25.53 39.42 -34.17
N ASN A 2365 -26.84 39.20 -34.21
CA ASN A 2365 -27.38 37.85 -34.34
C ASN A 2365 -27.14 37.30 -35.75
N ASN A 2366 -26.96 38.17 -36.73
CA ASN A 2366 -26.65 37.73 -38.09
C ASN A 2366 -25.16 37.44 -38.26
N LEU A 2367 -24.32 38.00 -37.41
CA LEU A 2367 -22.88 37.76 -37.51
C LEU A 2367 -22.53 36.33 -37.08
N TYR A 2368 -23.22 35.81 -36.07
CA TYR A 2368 -22.99 34.45 -35.59
C TYR A 2368 -23.76 33.39 -36.35
N LYS A 2369 -24.54 33.79 -37.36
CA LYS A 2369 -25.32 32.85 -38.16
C LYS A 2369 -24.47 31.95 -39.06
N PRO A 2370 -23.36 32.40 -39.69
CA PRO A 2370 -22.45 31.41 -40.29
C PRO A 2370 -21.65 30.62 -39.27
N ALA A 2371 -21.42 31.17 -38.07
CA ALA A 2371 -20.66 30.46 -37.07
C ALA A 2371 -21.46 29.37 -36.39
N ASN A 2372 -22.79 29.51 -36.35
CA ASN A 2372 -23.63 28.52 -35.70
C ASN A 2372 -23.89 27.31 -36.61
N LEU A 2373 -23.65 27.44 -37.91
CA LEU A 2373 -23.87 26.31 -38.80
C LEU A 2373 -22.79 25.25 -38.65
N LYS A 2374 -21.52 25.67 -38.56
CA LYS A 2374 -20.44 24.74 -38.29
C LYS A 2374 -20.44 24.28 -36.84
N PHE A 2375 -21.03 25.05 -35.93
CA PHE A 2375 -21.01 24.71 -34.52
C PHE A 2375 -21.97 23.58 -34.19
N GLN A 2376 -23.06 23.45 -34.95
CA GLN A 2376 -24.04 22.41 -34.66
C GLN A 2376 -23.66 21.07 -35.29
N LYS A 2377 -23.05 21.09 -36.48
CA LYS A 2377 -22.67 19.84 -37.15
C LYS A 2377 -21.44 19.22 -36.51
N ALA A 2378 -20.64 20.00 -35.78
CA ALA A 2378 -19.45 19.45 -35.12
C ALA A 2378 -19.83 18.62 -33.90
N LEU A 2379 -20.70 19.17 -33.05
CA LEU A 2379 -21.17 18.45 -31.87
C LEU A 2379 -22.37 17.59 -32.25
N GLY A 2380 -23.08 17.08 -31.24
CA GLY A 2380 -24.27 16.28 -31.50
C GLY A 2380 -25.41 17.13 -32.02
N LEU A 2381 -26.36 16.45 -32.66
CA LEU A 2381 -27.50 17.12 -33.27
C LEU A 2381 -28.46 17.61 -32.20
N HIS A 2382 -28.85 18.87 -32.28
CA HIS A 2382 -29.75 19.48 -31.32
C HIS A 2382 -30.65 20.47 -32.04
N ASP A 2383 -31.63 20.99 -31.30
CA ASP A 2383 -32.53 21.99 -31.86
C ASP A 2383 -31.81 23.34 -31.94
N LYS A 2384 -31.68 23.86 -33.17
CA LYS A 2384 -30.98 25.12 -33.37
C LYS A 2384 -31.85 26.28 -32.89
N GLN A 2385 -31.29 27.09 -31.98
CA GLN A 2385 -32.00 28.23 -31.44
C GLN A 2385 -31.99 29.39 -32.44
N LEU A 2386 -32.92 30.33 -32.24
CA LEU A 2386 -32.98 31.48 -33.13
C LEU A 2386 -31.84 32.46 -32.86
N THR A 2387 -31.36 32.52 -31.63
CA THR A 2387 -30.26 33.41 -31.25
C THR A 2387 -29.12 32.59 -30.70
N GLU A 2388 -27.94 32.76 -31.28
CA GLU A 2388 -26.73 32.09 -30.78
C GLU A 2388 -26.28 32.75 -29.49
N GLU A 2389 -25.72 31.93 -28.60
CA GLU A 2389 -25.29 32.38 -27.28
C GLU A 2389 -23.82 32.77 -27.34
N THR A 2390 -23.55 34.06 -27.33
CA THR A 2390 -22.18 34.59 -27.30
C THR A 2390 -22.22 35.97 -26.68
N VAL A 2391 -21.02 36.54 -26.47
CA VAL A 2391 -20.95 37.87 -25.88
C VAL A 2391 -21.35 38.93 -26.89
N SER A 2392 -21.68 40.12 -26.37
CA SER A 2392 -22.07 41.24 -27.22
C SER A 2392 -20.87 42.03 -27.74
N LEU A 2393 -19.67 41.75 -27.24
CA LEU A 2393 -18.50 42.50 -27.69
C LEU A 2393 -17.91 41.92 -28.97
N THR A 2394 -18.21 40.64 -29.25
CA THR A 2394 -17.75 39.86 -30.41
C THR A 2394 -16.23 39.81 -30.54
N LEU A 2395 -15.51 39.88 -29.41
CA LEU A 2395 -14.05 39.78 -29.42
C LEU A 2395 -13.56 38.93 -28.26
N ASN A 2396 -14.33 37.91 -27.89
CA ASN A 2396 -14.08 37.21 -26.63
C ASN A 2396 -13.27 35.93 -26.83
N GLU A 2397 -13.62 35.12 -27.82
CA GLU A 2397 -13.21 33.73 -27.82
C GLU A 2397 -12.76 33.31 -29.23
N TYR A 2398 -12.65 31.99 -29.41
CA TYR A 2398 -12.15 31.35 -30.63
C TYR A 2398 -13.23 31.47 -31.71
N VAL A 2399 -14.49 31.76 -31.36
CA VAL A 2399 -15.53 31.88 -32.38
C VAL A 2399 -15.40 33.20 -33.14
N LEU A 2400 -14.66 34.16 -32.57
CA LEU A 2400 -14.44 35.45 -33.23
C LEU A 2400 -13.48 35.40 -34.42
N PRO A 2401 -12.36 34.63 -34.42
CA PRO A 2401 -11.66 34.44 -35.71
C PRO A 2401 -12.42 33.62 -36.71
N THR A 2402 -13.33 32.75 -36.25
CA THR A 2402 -14.14 31.97 -37.19
C THR A 2402 -15.22 32.84 -37.84
N VAL A 2403 -15.64 33.90 -37.14
CA VAL A 2403 -16.67 34.78 -37.68
C VAL A 2403 -16.04 35.93 -38.46
N SER A 2404 -14.72 36.06 -38.39
CA SER A 2404 -14.05 37.20 -39.00
C SER A 2404 -13.63 36.94 -40.44
N LYS A 2405 -14.32 36.04 -41.15
CA LYS A 2405 -14.01 35.80 -42.56
C LYS A 2405 -14.41 37.00 -43.41
N TYR A 2406 -15.70 37.36 -43.39
CA TYR A 2406 -16.15 38.57 -44.07
C TYR A 2406 -16.08 39.76 -43.11
N SER A 2407 -15.88 40.96 -43.66
CA SER A 2407 -15.76 42.22 -42.94
C SER A 2407 -14.63 42.16 -41.91
N ASP A 2408 -13.41 42.07 -42.46
CA ASP A 2408 -12.20 41.86 -41.65
C ASP A 2408 -11.86 43.15 -40.90
N LYS A 2409 -12.59 43.37 -39.81
CA LYS A 2409 -12.32 44.46 -38.90
C LYS A 2409 -12.48 44.08 -37.44
N ILE A 2410 -12.75 42.80 -37.14
CA ILE A 2410 -12.90 42.37 -35.76
C ILE A 2410 -11.55 42.34 -35.06
N LYS A 2411 -10.52 41.87 -35.75
CA LYS A 2411 -9.15 41.97 -35.22
C LYS A 2411 -8.66 43.40 -35.20
N SER A 2412 -9.21 44.26 -36.06
CA SER A 2412 -8.95 45.68 -35.99
C SER A 2412 -9.64 46.26 -34.76
N PRO A 2413 -9.17 47.42 -34.26
CA PRO A 2413 -9.80 48.02 -33.07
C PRO A 2413 -11.17 48.62 -33.30
N GLU A 2414 -11.77 48.48 -34.48
CA GLU A 2414 -13.12 49.00 -34.71
C GLU A 2414 -14.19 48.18 -34.00
N SER A 2415 -13.87 46.97 -33.56
CA SER A 2415 -14.87 46.11 -32.94
C SER A 2415 -15.16 46.47 -31.49
N LEU A 2416 -14.25 47.16 -30.81
CA LEU A 2416 -14.51 47.54 -29.43
C LEU A 2416 -15.32 48.83 -29.34
N TYR A 2417 -15.08 49.77 -30.26
CA TYR A 2417 -15.77 51.06 -30.19
C TYR A 2417 -17.22 50.96 -30.65
N LEU A 2418 -17.62 49.85 -31.27
CA LEU A 2418 -19.03 49.65 -31.60
C LEU A 2418 -19.86 49.47 -30.33
N LEU A 2419 -19.29 48.87 -29.29
CA LEU A 2419 -19.96 48.77 -28.01
C LEU A 2419 -19.62 49.94 -27.10
N SER A 2420 -18.41 50.50 -27.24
CA SER A 2420 -17.97 51.55 -26.33
C SER A 2420 -18.62 52.90 -26.61
N SER A 2421 -18.85 53.22 -27.89
CA SER A 2421 -19.44 54.52 -28.23
C SER A 2421 -20.93 54.60 -27.90
N LEU A 2422 -21.60 53.46 -27.77
CA LEU A 2422 -23.01 53.46 -27.41
C LEU A 2422 -23.26 53.79 -25.95
N ARG A 2423 -22.23 53.80 -25.11
CA ARG A 2423 -22.38 54.30 -23.75
C ARG A 2423 -22.57 55.82 -23.76
N LEU A 2424 -21.82 56.53 -24.61
CA LEU A 2424 -21.86 57.98 -24.61
C LEU A 2424 -23.14 58.51 -25.24
N LEU A 2425 -23.74 57.77 -26.17
CA LEU A 2425 -25.02 58.19 -26.72
C LEU A 2425 -26.13 58.09 -25.67
N LEU A 2426 -26.03 57.12 -24.76
CA LEU A 2426 -26.94 57.13 -23.61
C LEU A 2426 -26.51 58.16 -22.59
N ASN A 2427 -25.23 58.46 -22.50
CA ASN A 2427 -24.75 59.47 -21.57
C ASN A 2427 -25.09 60.88 -22.03
N SER A 2428 -25.40 61.07 -23.31
CA SER A 2428 -25.77 62.39 -23.83
C SER A 2428 -27.28 62.58 -23.90
N LEU A 2429 -28.02 61.56 -24.33
CA LEU A 2429 -29.46 61.71 -24.48
C LEU A 2429 -30.19 61.68 -23.15
N ASN A 2430 -29.67 60.98 -22.14
CA ASN A 2430 -30.28 61.01 -20.82
C ASN A 2430 -30.01 62.30 -20.07
N ALA A 2431 -28.97 63.04 -20.47
CA ALA A 2431 -28.66 64.31 -19.84
C ALA A 2431 -29.33 65.49 -20.56
N LEU A 2432 -29.44 65.42 -21.88
CA LEU A 2432 -30.07 66.49 -22.64
C LEU A 2432 -31.59 66.47 -22.49
N LYS A 2433 -32.18 65.32 -22.20
CA LYS A 2433 -33.62 65.26 -21.99
C LYS A 2433 -34.01 65.87 -20.65
N LEU A 2434 -33.10 65.88 -19.67
CA LEU A 2434 -33.39 66.50 -18.38
C LEU A 2434 -33.36 68.02 -18.49
N ILE A 2435 -32.59 68.56 -19.43
CA ILE A 2435 -32.55 70.01 -19.62
C ILE A 2435 -33.80 70.49 -20.33
N ASN A 2436 -34.33 69.70 -21.26
CA ASN A 2436 -35.55 70.09 -21.97
C ASN A 2436 -36.78 69.90 -21.08
N GLU A 2437 -36.72 68.98 -20.12
CA GLU A 2437 -37.84 68.77 -19.22
C GLU A 2437 -37.91 69.85 -18.14
N LYS A 2438 -36.77 70.34 -17.68
CA LYS A 2438 -36.76 71.38 -16.66
C LYS A 2438 -37.01 72.77 -17.22
N SER A 2439 -36.75 72.98 -18.51
CA SER A 2439 -36.95 74.30 -19.10
C SER A 2439 -38.43 74.56 -19.41
N THR A 2440 -39.18 73.53 -19.79
CA THR A 2440 -40.59 73.71 -20.12
C THR A 2440 -41.44 73.83 -18.86
N HIS A 2441 -41.13 73.04 -17.83
CA HIS A 2441 -41.87 73.05 -16.57
C HIS A 2441 -41.14 73.80 -15.47
N GLY A 2442 -40.38 74.84 -15.82
CA GLY A 2442 -39.65 75.62 -14.85
C GLY A 2442 -40.00 77.09 -14.88
N LYS A 2443 -39.05 77.94 -14.51
CA LYS A 2443 -39.25 79.38 -14.49
C LYS A 2443 -37.99 80.06 -15.01
N ILE A 2444 -38.12 81.37 -15.26
CA ILE A 2444 -36.97 82.14 -15.75
C ILE A 2444 -35.98 82.45 -14.63
N ASP A 2445 -36.41 82.43 -13.38
CA ASP A 2445 -35.51 82.69 -12.27
C ASP A 2445 -34.64 81.47 -12.00
N GLU A 2446 -33.36 81.73 -11.69
CA GLU A 2446 -32.33 80.72 -11.42
C GLU A 2446 -32.17 79.74 -12.58
N LEU A 2447 -32.16 80.28 -13.79
CA LEU A 2447 -31.99 79.48 -15.01
C LEU A 2447 -30.63 79.77 -15.63
N THR A 2448 -29.99 78.72 -16.12
CA THR A 2448 -28.66 78.85 -16.71
C THR A 2448 -28.73 79.40 -18.12
N TYR A 2449 -27.56 79.70 -18.69
CA TYR A 2449 -27.50 80.22 -20.06
C TYR A 2449 -27.78 79.14 -21.08
N ILE A 2450 -27.46 77.89 -20.77
CA ILE A 2450 -27.74 76.79 -21.69
C ILE A 2450 -29.23 76.49 -21.71
N GLU A 2451 -29.92 76.72 -20.58
CA GLU A 2451 -31.36 76.50 -20.53
C GLU A 2451 -32.14 77.60 -21.25
N LEU A 2452 -31.53 78.77 -21.45
CA LEU A 2452 -32.20 79.85 -22.17
C LEU A 2452 -32.31 79.54 -23.66
N SER A 2453 -31.31 78.88 -24.24
CA SER A 2453 -31.41 78.46 -25.63
C SER A 2453 -32.34 77.27 -25.79
N ALA A 2454 -32.46 76.44 -24.76
CA ALA A 2454 -33.38 75.31 -24.81
C ALA A 2454 -34.82 75.75 -24.57
N ALA A 2455 -35.03 76.89 -23.93
CA ALA A 2455 -36.39 77.39 -23.68
C ALA A 2455 -37.02 77.97 -24.94
N ALA A 2456 -36.22 78.34 -25.94
CA ALA A 2456 -36.77 78.87 -27.18
C ALA A 2456 -37.39 77.78 -28.05
N PHE A 2457 -36.85 76.57 -27.98
CA PHE A 2457 -37.37 75.46 -28.79
C PHE A 2457 -38.24 74.53 -27.95
N ILE A 2470 -27.34 76.96 -30.51
CA ILE A 2470 -26.39 76.09 -29.83
C ILE A 2470 -27.08 74.82 -29.36
N PHE A 2471 -28.29 74.97 -28.82
CA PHE A 2471 -29.04 73.81 -28.36
C PHE A 2471 -29.62 73.00 -29.51
N CYS A 2472 -29.90 73.66 -30.64
CA CYS A 2472 -30.41 72.96 -31.81
C CYS A 2472 -29.31 72.30 -32.63
N ILE A 2473 -28.05 72.70 -32.43
CA ILE A 2473 -26.96 72.10 -33.18
C ILE A 2473 -26.59 70.75 -32.60
N LEU A 2474 -26.66 70.60 -31.28
CA LEU A 2474 -26.32 69.33 -30.66
C LEU A 2474 -27.42 68.29 -30.86
N TYR A 2475 -28.66 68.73 -31.04
CA TYR A 2475 -29.75 67.81 -31.33
C TYR A 2475 -29.67 67.26 -32.75
N ASN A 2476 -29.01 67.98 -33.65
CA ASN A 2476 -28.81 67.50 -35.01
C ASN A 2476 -27.49 66.78 -35.20
N ILE A 2477 -26.48 67.09 -34.37
CA ILE A 2477 -25.19 66.41 -34.47
C ILE A 2477 -25.30 64.99 -33.93
N LEU A 2478 -26.00 64.82 -32.81
CA LEU A 2478 -26.20 63.48 -32.25
C LEU A 2478 -27.24 62.68 -33.02
N THR A 2479 -28.07 63.33 -33.83
CA THR A 2479 -29.03 62.61 -34.66
C THR A 2479 -28.34 61.95 -35.85
N VAL A 2480 -27.19 62.47 -36.28
CA VAL A 2480 -26.46 61.87 -37.39
C VAL A 2480 -25.80 60.56 -36.96
N MET A 2481 -25.34 60.48 -35.71
CA MET A 2481 -24.78 59.23 -35.21
C MET A 2481 -25.87 58.18 -35.02
N SER A 2482 -27.09 58.60 -34.71
CA SER A 2482 -28.21 57.66 -34.62
C SER A 2482 -28.70 57.27 -36.01
N GLU A 2483 -28.59 58.16 -36.99
CA GLU A 2483 -29.02 57.84 -38.35
C GLU A 2483 -28.00 56.96 -39.07
N ASN A 2484 -26.71 57.12 -38.75
CA ASN A 2484 -25.68 56.29 -39.40
C ASN A 2484 -25.67 54.87 -38.86
N LEU A 2485 -25.95 54.69 -37.57
CA LEU A 2485 -26.04 53.36 -36.99
C LEU A 2485 -27.38 52.70 -37.21
N LYS A 2486 -28.36 53.42 -37.75
CA LYS A 2486 -29.67 52.84 -38.04
C LYS A 2486 -29.59 51.98 -39.28
N THR A 2487 -29.91 50.69 -39.11
CA THR A 2487 -30.01 49.67 -40.16
C THR A 2487 -28.70 49.46 -40.93
N GLU A 2488 -27.56 49.84 -40.35
CA GLU A 2488 -26.26 49.58 -40.98
C GLU A 2488 -25.25 49.41 -39.85
N SER A 2489 -25.02 48.16 -39.44
CA SER A 2489 -24.09 47.86 -38.35
C SER A 2489 -23.30 46.59 -38.62
N LEU A 2490 -23.05 46.27 -39.89
CA LEU A 2490 -22.37 45.03 -40.23
C LEU A 2490 -20.86 45.21 -40.34
N PHE A 2491 -20.27 45.82 -39.29
CA PHE A 2491 -18.83 46.02 -39.12
C PHE A 2491 -18.20 46.78 -40.28
N CYS A 2492 -18.95 47.69 -40.90
CA CYS A 2492 -18.51 48.42 -42.08
C CYS A 2492 -18.58 49.92 -41.81
N GLY A 2493 -17.89 50.67 -42.67
CA GLY A 2493 -17.84 52.12 -42.55
C GLY A 2493 -16.52 52.67 -43.03
N SER A 2494 -15.86 53.48 -42.18
CA SER A 2494 -14.55 54.03 -42.49
C SER A 2494 -13.42 53.18 -41.96
N ASN A 2495 -13.71 51.94 -41.52
CA ASN A 2495 -12.80 50.96 -40.96
C ASN A 2495 -12.07 51.43 -39.70
N GLN A 2496 -12.57 52.49 -39.05
CA GLN A 2496 -11.99 52.99 -37.80
C GLN A 2496 -13.09 53.74 -37.06
N TYR A 2497 -13.68 53.11 -36.06
CA TYR A 2497 -14.69 53.75 -35.23
C TYR A 2497 -14.11 54.57 -34.10
N GLN A 2498 -12.78 54.68 -34.03
CA GLN A 2498 -12.17 55.57 -33.05
C GLN A 2498 -12.41 57.03 -33.40
N TYR A 2499 -12.59 57.34 -34.69
CA TYR A 2499 -12.97 58.68 -35.09
C TYR A 2499 -14.40 59.00 -34.68
N TYR A 2500 -15.28 57.99 -34.66
CA TYR A 2500 -16.63 58.19 -34.16
C TYR A 2500 -16.62 58.42 -32.65
N TRP A 2501 -15.72 57.76 -31.93
CA TRP A 2501 -15.64 57.96 -30.49
C TRP A 2501 -14.98 59.30 -30.16
N ASP A 2502 -14.07 59.77 -31.00
CA ASP A 2502 -13.39 61.04 -30.73
C ASP A 2502 -14.32 62.23 -30.96
N LEU A 2503 -15.26 62.11 -31.90
CA LEU A 2503 -16.20 63.19 -32.14
C LEU A 2503 -17.26 63.30 -31.04
N LEU A 2504 -17.44 62.24 -30.26
CA LEU A 2504 -18.40 62.26 -29.16
C LEU A 2504 -17.78 62.71 -27.84
N VAL A 2505 -16.47 62.94 -27.80
CA VAL A 2505 -15.85 63.48 -26.59
C VAL A 2505 -16.15 64.97 -26.47
N ILE A 2506 -16.00 65.71 -27.57
CA ILE A 2506 -16.24 67.15 -27.55
C ILE A 2506 -17.73 67.49 -27.46
N VAL A 2507 -18.62 66.57 -27.83
CA VAL A 2507 -20.04 66.81 -27.67
C VAL A 2507 -20.43 66.76 -26.20
N ILE A 2508 -19.84 65.83 -25.44
CA ILE A 2508 -20.07 65.79 -24.00
C ILE A 2508 -19.29 66.90 -23.30
N ALA A 2509 -18.20 67.38 -23.91
CA ALA A 2509 -17.46 68.49 -23.34
C ALA A 2509 -18.16 69.83 -23.57
N ALA A 2510 -19.05 69.90 -24.56
CA ALA A 2510 -19.75 71.15 -24.84
C ALA A 2510 -20.83 71.44 -23.80
N LEU A 2511 -21.42 70.41 -23.19
CA LEU A 2511 -22.45 70.62 -22.20
C LEU A 2511 -21.89 71.13 -20.88
N GLU A 2512 -20.62 70.88 -20.59
CA GLU A 2512 -20.02 71.35 -19.35
C GLU A 2512 -19.48 72.77 -19.49
N THR A 2513 -19.18 73.22 -20.70
CA THR A 2513 -18.64 74.56 -20.90
C THR A 2513 -19.73 75.62 -20.79
N ALA A 2514 -20.89 75.39 -21.41
CA ALA A 2514 -22.00 76.34 -21.38
C ALA A 2514 -22.78 76.13 -20.08
N VAL A 2515 -22.30 76.76 -19.00
CA VAL A 2515 -22.94 76.64 -17.69
C VAL A 2515 -23.44 78.01 -17.25
N THR A 2516 -22.52 78.96 -17.10
CA THR A 2516 -22.87 80.32 -16.66
C THR A 2516 -22.91 81.30 -17.83
N LYS A 2517 -21.81 81.41 -18.58
CA LYS A 2517 -21.74 82.33 -19.71
C LYS A 2517 -20.70 81.81 -20.67
N ASP A 2518 -21.11 81.46 -21.89
CA ASP A 2518 -20.23 80.90 -22.90
C ASP A 2518 -20.35 81.72 -24.18
N GLU A 2519 -19.35 82.56 -24.44
CA GLU A 2519 -19.31 83.37 -25.64
C GLU A 2519 -18.12 83.03 -26.53
N ALA A 2520 -16.91 82.99 -25.99
CA ALA A 2520 -15.72 82.66 -26.75
C ALA A 2520 -15.30 81.21 -26.60
N ARG A 2521 -15.76 80.53 -25.55
CA ARG A 2521 -15.41 79.12 -25.37
C ARG A 2521 -16.13 78.22 -26.36
N LEU A 2522 -17.34 78.61 -26.78
CA LEU A 2522 -18.06 77.84 -27.78
C LEU A 2522 -17.51 78.06 -29.19
N ARG A 2523 -16.77 79.14 -29.40
CA ARG A 2523 -16.18 79.39 -30.72
C ARG A 2523 -15.00 78.47 -30.99
N VAL A 2524 -14.24 78.11 -29.95
CA VAL A 2524 -13.12 77.20 -30.14
C VAL A 2524 -13.61 75.78 -30.38
N TYR A 2525 -14.73 75.40 -29.75
CA TYR A 2525 -15.32 74.08 -30.00
C TYR A 2525 -16.02 74.02 -31.35
N LYS A 2526 -16.50 75.17 -31.86
CA LYS A 2526 -17.13 75.19 -33.17
C LYS A 2526 -16.09 75.05 -34.28
N GLU A 2527 -14.91 75.65 -34.09
CA GLU A 2527 -13.84 75.49 -35.07
C GLU A 2527 -13.21 74.12 -34.97
N LEU A 2528 -13.22 73.51 -33.79
CA LEU A 2528 -12.70 72.16 -33.63
C LEU A 2528 -13.64 71.10 -34.20
N ILE A 2529 -14.92 71.41 -34.35
CA ILE A 2529 -15.86 70.45 -34.94
C ILE A 2529 -15.62 70.34 -36.44
N ASP A 2530 -15.27 71.45 -37.09
CA ASP A 2530 -14.94 71.43 -38.51
C ASP A 2530 -13.51 70.98 -38.76
N SER A 2531 -12.64 71.06 -37.75
CA SER A 2531 -11.26 70.62 -37.94
C SER A 2531 -11.16 69.10 -37.99
N TRP A 2532 -11.91 68.41 -37.14
CA TRP A 2532 -11.93 66.96 -37.15
C TRP A 2532 -12.89 66.39 -38.19
N ILE A 2533 -13.72 67.24 -38.82
CA ILE A 2533 -14.63 66.75 -39.84
C ILE A 2533 -13.90 66.46 -41.15
N ALA A 2534 -12.76 67.11 -41.38
CA ALA A 2534 -11.99 66.88 -42.59
C ALA A 2534 -11.16 65.59 -42.54
N SER A 2535 -11.00 65.00 -41.36
CA SER A 2535 -10.22 63.77 -41.20
C SER A 2535 -11.11 62.53 -41.16
N VAL A 2536 -12.22 62.54 -41.88
CA VAL A 2536 -13.15 61.43 -41.92
C VAL A 2536 -13.37 60.93 -43.35
N LYS A 2537 -13.70 61.84 -44.26
CA LYS A 2537 -13.96 61.46 -45.65
C LYS A 2537 -12.70 61.12 -46.42
N SER A 2538 -11.54 61.59 -45.97
CA SER A 2538 -10.28 61.29 -46.64
C SER A 2538 -9.71 59.92 -46.26
N LYS A 2539 -10.29 59.25 -45.27
CA LYS A 2539 -9.80 57.95 -44.81
C LYS A 2539 -10.62 56.80 -45.37
N SER A 2540 -11.14 56.96 -46.59
CA SER A 2540 -11.94 55.96 -47.33
C SER A 2540 -13.17 55.53 -46.54
N ASP A 2541 -14.04 56.50 -46.28
CA ASP A 2541 -15.29 56.24 -45.57
C ASP A 2541 -16.38 55.80 -46.53
N ALA A 2870 -5.33 83.49 -25.76
CA ALA A 2870 -4.87 82.29 -25.07
C ALA A 2870 -6.04 81.34 -24.80
N ILE A 2871 -7.17 81.59 -25.46
CA ILE A 2871 -8.35 80.76 -25.27
C ILE A 2871 -8.19 79.42 -25.98
N HIS A 2872 -7.45 79.38 -27.10
CA HIS A 2872 -7.25 78.13 -27.81
C HIS A 2872 -6.28 77.20 -27.08
N ASP A 2873 -5.37 77.77 -26.28
CA ASP A 2873 -4.46 76.96 -25.48
C ASP A 2873 -5.14 76.35 -24.26
N TYR A 2874 -6.27 76.90 -23.83
CA TYR A 2874 -6.99 76.35 -22.69
C TYR A 2874 -8.08 75.38 -23.13
N VAL A 2875 -8.61 75.54 -24.34
CA VAL A 2875 -9.67 74.66 -24.81
C VAL A 2875 -9.09 73.31 -25.27
N LEU A 2876 -7.94 73.34 -25.93
CA LEU A 2876 -7.32 72.10 -26.38
C LEU A 2876 -6.67 71.34 -25.24
N TYR A 2877 -6.20 72.05 -24.21
CA TYR A 2877 -5.64 71.38 -23.04
C TYR A 2877 -6.71 70.75 -22.17
N ASP A 2878 -7.93 71.31 -22.19
CA ASP A 2878 -9.03 70.73 -21.43
C ASP A 2878 -9.59 69.49 -22.11
N LEU A 2879 -9.43 69.37 -23.43
CA LEU A 2879 -9.93 68.19 -24.13
C LEU A 2879 -9.05 66.98 -23.86
N PHE A 2880 -7.74 67.19 -23.73
CA PHE A 2880 -6.83 66.10 -23.43
C PHE A 2880 -7.00 65.60 -21.99
N LEU A 2881 -7.41 66.50 -21.09
CA LEU A 2881 -7.63 66.09 -19.70
C LEU A 2881 -8.92 65.30 -19.57
N LYS A 2882 -9.94 65.61 -20.39
CA LYS A 2882 -11.20 64.89 -20.29
C LYS A 2882 -11.11 63.51 -20.93
N THR A 2883 -10.40 63.38 -22.05
CA THR A 2883 -10.27 62.08 -22.71
C THR A 2883 -9.30 61.15 -21.97
N LYS A 2884 -8.53 61.67 -21.02
CA LYS A 2884 -7.75 60.80 -20.16
C LYS A 2884 -8.62 60.16 -19.07
N THR A 2885 -9.71 60.84 -18.69
CA THR A 2885 -10.60 60.30 -17.67
C THR A 2885 -11.43 59.14 -18.22
N PHE A 2886 -11.98 59.30 -19.42
CA PHE A 2886 -12.74 58.23 -20.04
C PHE A 2886 -11.86 57.06 -20.48
N SER A 2887 -10.58 57.30 -20.73
CA SER A 2887 -9.68 56.20 -21.08
C SER A 2887 -9.30 55.37 -19.86
N GLN A 2888 -9.05 56.02 -18.73
CA GLN A 2888 -8.72 55.28 -17.52
C GLN A 2888 -9.94 54.59 -16.92
N ASN A 2889 -11.13 55.14 -17.14
CA ASN A 2889 -12.34 54.46 -16.69
C ASN A 2889 -12.67 53.27 -17.57
N LEU A 2890 -12.29 53.34 -18.85
CA LEU A 2890 -12.51 52.20 -19.74
C LEU A 2890 -11.49 51.10 -19.46
N MET A 2891 -10.29 51.45 -19.02
CA MET A 2891 -9.27 50.45 -18.73
C MET A 2891 -9.59 49.69 -17.45
N LYS A 2892 -10.09 50.40 -16.42
CA LYS A 2892 -10.45 49.74 -15.17
C LYS A 2892 -11.73 48.93 -15.28
N SER A 2893 -12.56 49.20 -16.30
CA SER A 2893 -13.77 48.41 -16.49
C SER A 2893 -13.43 47.02 -17.03
N TRP A 2894 -12.62 46.97 -18.09
CA TRP A 2894 -12.23 45.70 -18.68
C TRP A 2894 -11.18 44.97 -17.84
N ARG A 2895 -10.51 45.67 -16.92
CA ARG A 2895 -9.61 44.99 -15.99
C ARG A 2895 -10.38 44.12 -15.01
N ASN A 2896 -11.58 44.56 -14.61
CA ASN A 2896 -12.41 43.75 -13.73
C ASN A 2896 -13.06 42.59 -14.48
N VAL A 2897 -13.20 42.71 -15.80
CA VAL A 2897 -13.70 41.60 -16.61
C VAL A 2897 -12.65 40.49 -16.67
N ARG A 2898 -11.38 40.88 -16.74
CA ARG A 2898 -10.28 39.91 -16.74
C ARG A 2898 -10.20 39.14 -15.43
N LYS A 2899 -10.65 39.73 -14.33
CA LYS A 2899 -10.50 39.11 -13.02
C LYS A 2899 -11.47 37.95 -12.83
N VAL A 2900 -12.65 38.00 -13.43
CA VAL A 2900 -13.72 37.07 -13.11
C VAL A 2900 -13.85 35.96 -14.15
N ILE A 2901 -14.00 36.34 -15.43
CA ILE A 2901 -14.39 35.37 -16.45
C ILE A 2901 -13.23 34.45 -16.85
N SER A 2902 -11.99 34.85 -16.59
CA SER A 2902 -10.84 34.06 -17.01
C SER A 2902 -9.73 34.22 -15.98
N GLY A 2903 -8.52 33.80 -16.35
CA GLY A 2903 -7.37 33.92 -15.50
C GLY A 2903 -6.80 35.33 -15.48
N ASP A 2904 -5.70 35.47 -14.74
CA ASP A 2904 -5.07 36.77 -14.54
C ASP A 2904 -3.95 37.02 -15.55
N GLU A 2905 -3.91 36.28 -16.65
CA GLU A 2905 -2.78 36.44 -17.59
C GLU A 2905 -3.01 37.61 -18.54
N GLU A 2906 -4.00 37.51 -19.41
CA GLU A 2906 -4.19 38.49 -20.49
C GLU A 2906 -5.54 38.26 -21.16
N ILE A 2907 -6.18 39.35 -21.56
CA ILE A 2907 -7.34 39.35 -22.45
C ILE A 2907 -6.91 39.97 -23.78
N PHE A 2908 -7.25 39.30 -24.89
CA PHE A 2908 -6.93 39.82 -26.21
C PHE A 2908 -7.67 41.13 -26.50
N THR A 2909 -8.86 41.30 -25.92
CA THR A 2909 -9.63 42.52 -26.13
C THR A 2909 -9.00 43.72 -25.42
N GLU A 2910 -8.26 43.47 -24.33
CA GLU A 2910 -7.69 44.55 -23.54
C GLU A 2910 -6.56 45.26 -24.28
N LYS A 2911 -5.80 44.52 -25.09
CA LYS A 2911 -4.71 45.09 -25.87
C LYS A 2911 -5.17 45.75 -27.17
N LEU A 2912 -6.46 46.05 -27.31
CA LEU A 2912 -7.01 46.52 -28.57
C LEU A 2912 -7.52 47.96 -28.49
N ILE A 2913 -7.63 48.54 -27.29
CA ILE A 2913 -8.26 49.85 -27.14
C ILE A 2913 -7.32 50.95 -27.61
N ASN A 2914 -6.17 51.12 -26.95
CA ASN A 2914 -5.23 52.20 -27.24
C ASN A 2914 -3.89 51.84 -26.58
N THR A 2915 -2.97 52.80 -26.58
CA THR A 2915 -1.67 52.62 -25.93
C THR A 2915 -1.62 53.39 -24.61
#